data_7P6P
#
_entry.id   7P6P
#
_cell.length_a   151.029
_cell.length_b   133.077
_cell.length_c   92.826
_cell.angle_alpha   90.000
_cell.angle_beta   109.240
_cell.angle_gamma   90.000
#
_symmetry.space_group_name_H-M   'C 1 2 1'
#
loop_
_entity.id
_entity.type
_entity.pdbx_description
1 polymer 'Rho-associated protein kinase 2'
2 non-polymer ~{N}-[(1~{R})-1-(3-methoxyphenyl)ethyl]-4-pyridin-4-yl-cyclohexane-1-carboxamide
3 non-polymer 'CHLORIDE ION'
4 non-polymer '2-(N-MORPHOLINO)-ETHANESULFONIC ACID'
5 water water
#
_entity_poly.entity_id   1
_entity_poly.type   'polypeptide(L)'
_entity_poly.pdbx_seq_one_letter_code
;GDGAGASRQRKLEALIRDPRSPINVESLLDGLNSLVLDLDFPALRKNKNIDNFLNRYEKIVKKIRGLQMKAEDYDVVKVI
GRGAFGEVQLVRHKASQKVYAMKLLSKFEMIKRSDSAFFWEERDIMAFANSPWVVQLFYAFQDDRYLYMVMEYMPGGDLV
NLMSNYDVPEKWAKFYTAEVVLALDAIHSMGLIHRDVKPDNMLLDKHGHLKLADFGTCMKMDETGMVHCDTAVGTPDYIS
PEVLKSQGGDGFYGRECDWWSVGVFLYEMLVGDTPFYADSLVGTYSKIMDHKNSLCFPEDAEISKHAKNLICAFLTDREV
RLGRNGVEEIRQHPFFKNDQWHWDNIRETAAPVVPELSSDIDSSNFDDIEDDKGDVETFPIPKAFVGNQLPFIGFTYYR
;
_entity_poly.pdbx_strand_id   A,B,C,D
#
# COMPACT_ATOMS: atom_id res chain seq x y z
N ALA A 6 -6.56 43.28 -41.37
CA ALA A 6 -5.06 43.43 -41.31
C ALA A 6 -4.55 43.55 -39.86
N SER A 7 -5.02 44.58 -39.16
CA SER A 7 -4.63 44.85 -37.77
C SER A 7 -5.29 43.87 -36.79
N ARG A 8 -6.60 43.67 -36.94
CA ARG A 8 -7.31 42.60 -36.23
C ARG A 8 -6.81 41.19 -36.58
N GLN A 9 -6.36 40.98 -37.82
CA GLN A 9 -5.77 39.70 -38.24
C GLN A 9 -4.36 39.50 -37.66
N ARG A 10 -3.57 40.58 -37.59
CA ARG A 10 -2.23 40.54 -36.95
C ARG A 10 -2.27 40.24 -35.43
N LYS A 11 -3.28 40.75 -34.73
CA LYS A 11 -3.50 40.42 -33.29
C LYS A 11 -3.89 38.95 -33.07
N LEU A 12 -4.78 38.44 -33.92
CA LEU A 12 -5.18 37.03 -33.86
C LEU A 12 -4.01 36.06 -34.18
N GLU A 13 -3.21 36.41 -35.19
CA GLU A 13 -2.03 35.62 -35.56
C GLU A 13 -0.93 35.59 -34.48
N ALA A 14 -0.79 36.70 -33.75
CA ALA A 14 0.16 36.81 -32.62
C ALA A 14 -0.24 35.97 -31.43
N LEU A 15 -1.54 36.03 -31.06
CA LEU A 15 -2.13 35.17 -30.02
C LEU A 15 -1.87 33.68 -30.27
N ILE A 16 -1.95 33.26 -31.54
CA ILE A 16 -1.71 31.87 -31.91
C ILE A 16 -0.21 31.50 -31.92
N ARG A 17 0.65 32.44 -32.40
CA ARG A 17 2.12 32.24 -32.39
C ARG A 17 2.74 32.03 -31.00
N ASP A 18 2.18 32.72 -30.01
CA ASP A 18 2.75 32.84 -28.67
C ASP A 18 2.79 31.48 -27.95
N PRO A 19 3.99 31.01 -27.53
CA PRO A 19 4.02 29.73 -26.78
C PRO A 19 3.32 29.73 -25.42
N ARG A 20 3.19 30.92 -24.80
CA ARG A 20 2.40 31.11 -23.57
C ARG A 20 0.86 31.10 -23.72
N SER A 21 0.36 31.26 -24.95
CA SER A 21 -1.08 31.46 -25.19
C SER A 21 -1.94 30.19 -24.94
N PRO A 22 -3.15 30.34 -24.35
CA PRO A 22 -4.10 29.19 -24.34
C PRO A 22 -4.60 28.75 -25.70
N ILE A 23 -4.49 29.59 -26.73
CA ILE A 23 -4.89 29.26 -28.12
C ILE A 23 -3.69 29.15 -29.08
N ASN A 24 -2.54 28.69 -28.57
CA ASN A 24 -1.46 28.23 -29.45
C ASN A 24 -1.90 26.99 -30.25
N VAL A 25 -1.11 26.63 -31.24
CA VAL A 25 -1.46 25.53 -32.17
C VAL A 25 -1.57 24.18 -31.42
N GLU A 26 -0.63 23.92 -30.53
CA GLU A 26 -0.66 22.69 -29.68
C GLU A 26 -1.92 22.57 -28.78
N SER A 27 -2.37 23.69 -28.22
CA SER A 27 -3.60 23.74 -27.44
C SER A 27 -4.85 23.44 -28.27
N LEU A 28 -4.90 24.03 -29.46
CA LEU A 28 -6.02 23.84 -30.36
C LEU A 28 -6.12 22.38 -30.84
N LEU A 29 -4.98 21.76 -31.10
CA LEU A 29 -4.91 20.32 -31.37
C LEU A 29 -5.36 19.47 -30.17
N ASP A 30 -4.96 19.87 -28.95
CA ASP A 30 -5.46 19.22 -27.72
C ASP A 30 -6.98 19.27 -27.62
N GLY A 31 -7.56 20.43 -27.95
CA GLY A 31 -9.01 20.60 -28.09
C GLY A 31 -9.69 19.61 -29.02
N LEU A 32 -9.08 19.40 -30.20
CA LEU A 32 -9.58 18.45 -31.18
C LEU A 32 -9.48 16.99 -30.70
N ASN A 33 -8.29 16.59 -30.24
CA ASN A 33 -8.05 15.25 -29.70
C ASN A 33 -8.98 14.92 -28.52
N SER A 34 -9.01 15.82 -27.54
CA SER A 34 -9.82 15.65 -26.34
C SER A 34 -11.31 15.45 -26.66
N LEU A 35 -11.80 16.28 -27.59
CA LEU A 35 -13.17 16.21 -28.07
C LEU A 35 -13.48 14.86 -28.72
N VAL A 36 -12.58 14.41 -29.59
CA VAL A 36 -12.72 13.09 -30.23
C VAL A 36 -12.71 11.95 -29.19
N LEU A 37 -11.79 11.99 -28.23
CA LEU A 37 -11.71 10.98 -27.16
C LEU A 37 -12.95 10.95 -26.25
N ASP A 38 -13.44 12.14 -25.89
CA ASP A 38 -14.66 12.27 -25.08
C ASP A 38 -15.94 11.84 -25.81
N LEU A 39 -15.98 12.03 -27.13
CA LEU A 39 -17.15 11.68 -27.96
C LEU A 39 -17.17 10.25 -28.55
N ASP A 40 -16.01 9.66 -28.84
CA ASP A 40 -15.93 8.35 -29.54
C ASP A 40 -16.22 7.17 -28.58
N PHE A 41 -17.51 6.96 -28.34
CA PHE A 41 -18.06 5.83 -27.59
C PHE A 41 -19.41 5.46 -28.25
N PRO A 42 -19.72 4.15 -28.40
CA PRO A 42 -20.87 3.72 -29.23
C PRO A 42 -22.23 4.35 -28.87
N ALA A 43 -22.49 4.55 -27.58
CA ALA A 43 -23.76 5.14 -27.10
C ALA A 43 -23.95 6.62 -27.48
N LEU A 44 -22.86 7.38 -27.46
CA LEU A 44 -22.86 8.80 -27.87
C LEU A 44 -23.06 8.95 -29.40
N ARG A 45 -22.50 8.02 -30.20
CA ARG A 45 -22.71 8.00 -31.66
C ARG A 45 -24.16 7.70 -32.13
N LYS A 46 -25.07 7.33 -31.23
CA LYS A 46 -26.54 7.41 -31.50
C LYS A 46 -27.01 8.84 -31.85
N ASN A 47 -26.29 9.86 -31.38
CA ASN A 47 -26.43 11.25 -31.85
C ASN A 47 -25.80 11.41 -33.24
N LYS A 48 -26.59 11.88 -34.21
CA LYS A 48 -26.13 12.13 -35.59
C LYS A 48 -25.04 13.22 -35.68
N ASN A 49 -25.19 14.29 -34.92
CA ASN A 49 -24.16 15.34 -34.79
C ASN A 49 -22.78 14.80 -34.42
N ILE A 50 -22.76 13.91 -33.44
CA ILE A 50 -21.53 13.29 -32.93
C ILE A 50 -20.98 12.29 -33.95
N ASP A 51 -21.84 11.42 -34.46
CA ASP A 51 -21.40 10.36 -35.38
C ASP A 51 -20.81 10.92 -36.66
N ASN A 52 -21.48 11.92 -37.24
CA ASN A 52 -21.01 12.59 -38.46
C ASN A 52 -19.70 13.35 -38.25
N PHE A 53 -19.62 14.07 -37.13
CA PHE A 53 -18.39 14.75 -36.73
C PHE A 53 -17.19 13.82 -36.63
N LEU A 54 -17.39 12.67 -35.98
CA LEU A 54 -16.33 11.68 -35.82
C LEU A 54 -15.91 11.03 -37.14
N ASN A 55 -16.87 10.76 -38.02
CA ASN A 55 -16.59 10.25 -39.37
C ASN A 55 -15.68 11.21 -40.16
N ARG A 56 -16.03 12.51 -40.10
CA ARG A 56 -15.23 13.57 -40.70
C ARG A 56 -13.79 13.66 -40.20
N TYR A 57 -13.60 13.53 -38.88
CA TYR A 57 -12.30 13.66 -38.24
C TYR A 57 -11.64 12.31 -37.84
N GLU A 58 -12.08 11.20 -38.43
CA GLU A 58 -11.57 9.86 -38.10
C GLU A 58 -10.11 9.68 -38.55
N LYS A 59 -9.88 9.88 -39.86
CA LYS A 59 -8.57 9.69 -40.49
C LYS A 59 -7.51 10.66 -39.97
N ILE A 60 -7.84 11.96 -39.98
CA ILE A 60 -6.89 13.03 -39.62
C ILE A 60 -6.40 12.95 -38.15
N VAL A 61 -7.29 12.58 -37.23
CA VAL A 61 -6.94 12.36 -35.81
C VAL A 61 -6.05 11.11 -35.63
N LYS A 62 -6.30 10.06 -36.42
CA LYS A 62 -5.35 8.93 -36.49
C LYS A 62 -3.95 9.40 -36.99
N LYS A 63 -3.94 10.21 -38.05
CA LYS A 63 -2.69 10.76 -38.60
C LYS A 63 -1.94 11.70 -37.63
N ILE A 64 -2.67 12.52 -36.86
CA ILE A 64 -2.08 13.35 -35.78
C ILE A 64 -1.49 12.50 -34.67
N ARG A 65 -2.22 11.46 -34.25
CA ARG A 65 -1.77 10.56 -33.17
C ARG A 65 -0.45 9.86 -33.52
N GLY A 66 -0.31 9.44 -34.78
CA GLY A 66 0.95 8.95 -35.32
C GLY A 66 2.08 9.97 -35.31
N LEU A 67 1.80 11.18 -35.80
CA LEU A 67 2.82 12.25 -35.91
C LEU A 67 3.25 12.86 -34.59
N GLN A 68 2.31 13.06 -33.66
CA GLN A 68 2.60 13.71 -32.37
C GLN A 68 3.44 12.83 -31.45
N MET A 69 4.14 13.50 -30.53
CA MET A 69 4.99 12.83 -29.54
C MET A 69 4.13 11.99 -28.60
N LYS A 70 4.70 10.84 -28.22
CA LYS A 70 4.00 9.84 -27.41
C LYS A 70 4.95 8.94 -26.62
N ALA A 71 4.38 8.25 -25.62
CA ALA A 71 5.14 7.37 -24.69
C ALA A 71 5.93 6.24 -25.36
N GLU A 72 5.41 5.74 -26.48
CA GLU A 72 6.08 4.71 -27.31
C GLU A 72 7.33 5.22 -28.03
N ASP A 73 7.55 6.54 -28.09
CA ASP A 73 8.82 7.13 -28.55
C ASP A 73 9.98 7.02 -27.54
N TYR A 74 9.70 6.53 -26.32
CA TYR A 74 10.66 6.43 -25.21
C TYR A 74 10.75 5.01 -24.66
N ASP A 75 11.99 4.51 -24.45
CA ASP A 75 12.24 3.28 -23.70
C ASP A 75 12.30 3.63 -22.22
N VAL A 76 11.52 2.92 -21.40
CA VAL A 76 11.60 3.05 -19.93
C VAL A 76 12.80 2.22 -19.46
N VAL A 77 13.73 2.86 -18.75
CA VAL A 77 14.97 2.22 -18.25
C VAL A 77 14.77 1.79 -16.79
N LYS A 78 14.26 2.72 -15.97
CA LYS A 78 14.01 2.48 -14.55
C LYS A 78 13.00 3.49 -13.99
N VAL A 79 12.31 3.07 -12.92
CA VAL A 79 11.45 3.96 -12.13
C VAL A 79 12.34 4.59 -11.06
N ILE A 80 12.39 5.91 -11.02
CA ILE A 80 13.21 6.60 -10.03
C ILE A 80 12.44 7.43 -9.00
N GLY A 81 11.12 7.50 -9.15
CA GLY A 81 10.26 8.23 -8.22
C GLY A 81 8.83 7.74 -8.25
N ARG A 82 8.11 8.03 -7.18
CA ARG A 82 6.71 7.69 -7.03
C ARG A 82 6.05 8.86 -6.34
N GLY A 83 4.86 9.23 -6.77
CA GLY A 83 4.15 10.35 -6.19
C GLY A 83 2.66 10.09 -6.12
N ALA A 84 1.95 10.95 -5.43
CA ALA A 84 0.51 10.82 -5.27
C ALA A 84 -0.23 10.39 -6.53
N PHE A 85 -0.03 11.11 -7.62
CA PHE A 85 -0.73 10.81 -8.86
C PHE A 85 0.10 10.20 -9.98
N GLY A 86 1.22 9.58 -9.66
CA GLY A 86 2.03 8.98 -10.69
C GLY A 86 3.40 8.53 -10.26
N GLU A 87 4.29 8.37 -11.24
CA GLU A 87 5.64 7.93 -10.99
C GLU A 87 6.62 8.71 -11.86
N VAL A 88 7.90 8.45 -11.65
CA VAL A 88 8.94 9.10 -12.41
C VAL A 88 9.76 8.03 -13.09
N GLN A 89 9.94 8.15 -14.39
CA GLN A 89 10.68 7.16 -15.17
C GLN A 89 11.94 7.81 -15.73
N LEU A 90 13.08 7.17 -15.51
CA LEU A 90 14.29 7.42 -16.30
C LEU A 90 14.01 6.80 -17.68
N VAL A 91 14.09 7.63 -18.72
CA VAL A 91 13.79 7.22 -20.10
C VAL A 91 14.89 7.58 -21.09
N ARG A 92 14.93 6.85 -22.21
CA ARG A 92 15.76 7.19 -23.35
C ARG A 92 14.84 7.37 -24.54
N HIS A 93 14.90 8.55 -25.17
CA HIS A 93 14.16 8.81 -26.41
C HIS A 93 14.81 7.97 -27.51
N LYS A 94 14.01 7.20 -28.26
CA LYS A 94 14.55 6.16 -29.17
C LYS A 94 15.38 6.70 -30.35
N ALA A 95 14.84 7.70 -31.04
CA ALA A 95 15.50 8.34 -32.21
C ALA A 95 16.82 9.08 -31.89
N SER A 96 16.74 10.10 -31.05
CA SER A 96 17.90 10.85 -30.53
C SER A 96 18.86 10.10 -29.60
N GLN A 97 18.40 9.02 -28.97
CA GLN A 97 19.15 8.25 -27.95
C GLN A 97 19.47 9.02 -26.66
N LYS A 98 18.86 10.20 -26.45
CA LYS A 98 19.16 11.08 -25.31
C LYS A 98 18.31 10.63 -24.14
N VAL A 99 18.85 10.84 -22.93
CA VAL A 99 18.23 10.40 -21.66
C VAL A 99 17.53 11.57 -20.95
N TYR A 100 16.30 11.33 -20.50
CA TYR A 100 15.50 12.30 -19.74
C TYR A 100 14.83 11.64 -18.53
N ALA A 101 14.25 12.48 -17.69
CA ALA A 101 13.49 12.05 -16.54
C ALA A 101 12.06 12.42 -16.93
N MET A 102 11.20 11.42 -17.06
CA MET A 102 9.81 11.61 -17.46
C MET A 102 8.86 11.44 -16.25
N LYS A 103 8.01 12.42 -16.00
CA LYS A 103 7.07 12.31 -14.90
C LYS A 103 5.67 12.11 -15.45
N LEU A 104 5.01 11.05 -14.98
CA LEU A 104 3.67 10.74 -15.43
C LEU A 104 2.61 11.12 -14.43
N LEU A 105 1.45 11.54 -14.91
CA LEU A 105 0.35 11.91 -14.04
C LEU A 105 -0.94 11.26 -14.52
N SER A 106 -1.49 10.41 -13.65
CA SER A 106 -2.75 9.70 -13.92
C SER A 106 -3.94 10.64 -14.03
N LYS A 107 -4.57 10.69 -15.20
CA LYS A 107 -5.78 11.49 -15.40
C LYS A 107 -6.95 11.01 -14.54
N PHE A 108 -7.14 9.70 -14.45
CA PHE A 108 -8.22 9.12 -13.61
C PHE A 108 -8.14 9.57 -12.16
N GLU A 109 -6.94 9.48 -11.58
CA GLU A 109 -6.74 9.80 -10.16
C GLU A 109 -6.96 11.29 -9.85
N MET A 110 -6.40 12.15 -10.71
CA MET A 110 -6.61 13.61 -10.63
C MET A 110 -8.09 14.03 -10.64
N ILE A 111 -8.88 13.41 -11.52
CA ILE A 111 -10.34 13.62 -11.60
C ILE A 111 -11.04 12.99 -10.41
N LYS A 112 -10.68 11.74 -10.09
CA LYS A 112 -11.29 11.00 -8.96
C LYS A 112 -11.08 11.72 -7.63
N ARG A 113 -9.86 12.23 -7.43
CA ARG A 113 -9.47 12.96 -6.20
C ARG A 113 -9.50 14.50 -6.34
N SER A 114 -10.39 15.03 -7.20
CA SER A 114 -10.73 16.48 -7.30
C SER A 114 -9.55 17.47 -7.40
N ASP A 115 -8.48 17.03 -8.05
CA ASP A 115 -7.20 17.73 -8.04
C ASP A 115 -6.58 17.64 -9.44
N SER A 116 -6.99 18.55 -10.32
CA SER A 116 -6.56 18.58 -11.74
C SER A 116 -6.18 20.01 -12.27
N ALA A 117 -5.66 20.87 -11.40
CA ALA A 117 -5.12 22.19 -11.79
C ALA A 117 -3.63 22.47 -11.44
N PHE A 118 -3.09 21.79 -10.44
CA PHE A 118 -1.71 22.01 -9.99
C PHE A 118 -0.58 21.96 -11.02
N PHE A 119 -0.76 21.10 -12.01
CA PHE A 119 0.23 20.87 -13.09
C PHE A 119 0.48 22.06 -14.03
N TRP A 120 -0.43 23.03 -14.08
CA TRP A 120 -0.29 24.19 -14.97
C TRP A 120 0.91 25.06 -14.61
N GLU A 121 0.97 25.45 -13.34
CA GLU A 121 2.14 26.19 -12.84
C GLU A 121 3.42 25.37 -12.85
N GLU A 122 3.32 24.07 -12.63
CA GLU A 122 4.48 23.23 -12.69
C GLU A 122 5.01 23.19 -14.12
N ARG A 123 4.13 23.02 -15.09
CA ARG A 123 4.52 23.00 -16.49
C ARG A 123 5.16 24.32 -16.92
N ASP A 124 4.51 25.42 -16.54
CA ASP A 124 4.97 26.76 -16.88
C ASP A 124 6.32 27.13 -16.29
N ILE A 125 6.53 26.77 -15.02
CA ILE A 125 7.80 27.04 -14.32
C ILE A 125 8.96 26.34 -15.03
N MET A 126 8.79 25.04 -15.24
CA MET A 126 9.85 24.24 -15.88
C MET A 126 10.06 24.57 -17.35
N ALA A 127 9.00 24.95 -18.07
CA ALA A 127 9.10 25.34 -19.49
C ALA A 127 9.71 26.71 -19.73
N PHE A 128 9.29 27.71 -18.94
CA PHE A 128 9.52 29.13 -19.23
C PHE A 128 10.44 29.94 -18.30
N ALA A 129 10.85 29.37 -17.16
CA ALA A 129 11.78 30.06 -16.20
C ALA A 129 13.11 30.54 -16.81
N ASN A 130 13.64 29.79 -17.80
CA ASN A 130 14.94 30.05 -18.46
C ASN A 130 16.05 30.39 -17.46
N SER A 131 16.14 29.52 -16.45
CA SER A 131 16.91 29.73 -15.22
C SER A 131 17.71 28.49 -14.86
N PRO A 132 19.00 28.66 -14.50
CA PRO A 132 19.80 27.50 -14.11
C PRO A 132 19.39 26.83 -12.80
N TRP A 133 18.60 27.52 -11.95
CA TRP A 133 18.09 26.95 -10.68
C TRP A 133 16.78 26.11 -10.77
N VAL A 134 16.20 26.02 -11.97
CA VAL A 134 14.93 25.33 -12.21
C VAL A 134 15.17 24.26 -13.26
N VAL A 135 14.65 23.07 -12.98
CA VAL A 135 14.76 21.97 -13.91
C VAL A 135 14.04 22.35 -15.19
N GLN A 136 14.70 22.16 -16.32
CA GLN A 136 14.16 22.45 -17.64
C GLN A 136 13.18 21.35 -18.08
N LEU A 137 12.06 21.77 -18.65
CA LEU A 137 11.09 20.88 -19.32
C LEU A 137 11.32 21.04 -20.82
N PHE A 138 11.59 19.92 -21.49
CA PHE A 138 11.73 19.89 -22.94
C PHE A 138 10.41 19.62 -23.67
N TYR A 139 9.59 18.73 -23.11
CA TYR A 139 8.34 18.29 -23.75
C TYR A 139 7.29 17.99 -22.70
N ALA A 140 6.07 18.47 -22.95
CA ALA A 140 4.87 18.01 -22.26
C ALA A 140 3.96 17.42 -23.34
N PHE A 141 3.47 16.22 -23.11
CA PHE A 141 2.48 15.59 -24.00
C PHE A 141 1.49 14.75 -23.20
N GLN A 142 0.50 14.19 -23.89
CA GLN A 142 -0.52 13.37 -23.23
C GLN A 142 -1.11 12.29 -24.12
N ASP A 143 -1.47 11.18 -23.48
CA ASP A 143 -2.36 10.17 -24.06
C ASP A 143 -3.71 10.27 -23.38
N ASP A 144 -4.61 9.34 -23.67
CA ASP A 144 -5.93 9.24 -22.99
C ASP A 144 -5.87 8.96 -21.47
N ARG A 145 -4.81 8.29 -21.00
CA ARG A 145 -4.65 7.93 -19.58
C ARG A 145 -3.75 8.88 -18.75
N TYR A 146 -2.71 9.46 -19.36
CA TYR A 146 -1.66 10.22 -18.64
C TYR A 146 -1.25 11.57 -19.24
N LEU A 147 -0.78 12.45 -18.37
CA LEU A 147 0.07 13.58 -18.75
C LEU A 147 1.52 13.16 -18.53
N TYR A 148 2.40 13.53 -19.46
CA TYR A 148 3.84 13.26 -19.42
C TYR A 148 4.59 14.57 -19.40
N MET A 149 5.65 14.65 -18.59
CA MET A 149 6.53 15.83 -18.51
C MET A 149 7.97 15.36 -18.64
N VAL A 150 8.57 15.64 -19.80
CA VAL A 150 9.96 15.25 -20.10
C VAL A 150 10.89 16.38 -19.70
N MET A 151 11.82 16.11 -18.79
CA MET A 151 12.72 17.12 -18.30
C MET A 151 14.13 16.63 -18.26
N GLU A 152 15.07 17.54 -18.02
CA GLU A 152 16.47 17.16 -17.95
C GLU A 152 16.66 16.32 -16.71
N TYR A 153 17.49 15.30 -16.83
CA TYR A 153 17.76 14.37 -15.76
C TYR A 153 18.88 14.81 -14.82
N MET A 154 18.57 14.89 -13.53
CA MET A 154 19.52 15.26 -12.49
C MET A 154 20.16 13.98 -11.97
N PRO A 155 21.39 13.68 -12.58
CA PRO A 155 21.98 12.41 -12.13
C PRO A 155 22.64 12.42 -10.75
N GLY A 156 22.90 13.61 -10.20
CA GLY A 156 23.36 13.74 -8.81
C GLY A 156 22.38 13.34 -7.71
N GLY A 157 21.09 13.26 -8.02
CA GLY A 157 20.06 12.92 -7.04
C GLY A 157 19.79 14.06 -6.09
N ASP A 158 18.99 13.78 -5.05
CA ASP A 158 18.47 14.84 -4.17
C ASP A 158 19.26 14.99 -2.86
N LEU A 159 19.01 16.10 -2.16
CA LEU A 159 19.68 16.38 -0.87
C LEU A 159 19.35 15.39 0.27
N VAL A 160 18.21 14.67 0.20
CA VAL A 160 17.95 13.53 1.10
C VAL A 160 19.05 12.48 0.92
N ASN A 161 19.32 12.11 -0.34
CA ASN A 161 20.36 11.13 -0.68
C ASN A 161 21.75 11.56 -0.21
N LEU A 162 22.13 12.81 -0.50
CA LEU A 162 23.41 13.38 -0.03
C LEU A 162 23.57 13.34 1.49
N MET A 163 22.58 13.87 2.21
CA MET A 163 22.58 13.88 3.69
C MET A 163 22.71 12.51 4.34
N SER A 164 22.02 11.50 3.81
CA SER A 164 22.18 10.11 4.30
C SER A 164 23.54 9.48 3.95
N ASN A 165 24.19 9.93 2.88
CA ASN A 165 25.53 9.44 2.46
C ASN A 165 26.76 10.17 3.03
N TYR A 166 26.61 11.40 3.52
CA TYR A 166 27.72 12.16 4.10
C TYR A 166 27.29 12.88 5.37
N ASP A 167 28.19 12.96 6.36
CA ASP A 167 28.05 13.95 7.45
C ASP A 167 28.41 15.29 6.80
N VAL A 168 27.47 16.22 6.75
CA VAL A 168 27.61 17.45 5.98
C VAL A 168 28.37 18.47 6.85
N PRO A 169 29.62 18.86 6.45
CA PRO A 169 30.28 19.92 7.21
C PRO A 169 29.71 21.30 6.88
N GLU A 170 29.95 22.28 7.75
CA GLU A 170 29.34 23.61 7.60
C GLU A 170 29.74 24.37 6.33
N LYS A 171 30.95 24.12 5.80
CA LYS A 171 31.36 24.66 4.47
C LYS A 171 30.44 24.18 3.34
N TRP A 172 30.05 22.91 3.38
CA TRP A 172 29.08 22.35 2.42
C TRP A 172 27.68 22.91 2.63
N ALA A 173 27.22 22.92 3.89
CA ALA A 173 25.89 23.46 4.21
C ALA A 173 25.73 24.92 3.79
N LYS A 174 26.78 25.70 4.01
CA LYS A 174 26.88 27.09 3.50
C LYS A 174 26.60 27.16 1.99
N PHE A 175 27.28 26.28 1.23
CA PHE A 175 27.12 26.18 -0.22
C PHE A 175 25.68 25.83 -0.67
N TYR A 176 25.17 24.69 -0.19
CA TYR A 176 23.81 24.22 -0.56
C TYR A 176 22.72 25.21 -0.11
N THR A 177 22.84 25.74 1.11
CA THR A 177 21.90 26.77 1.57
C THR A 177 21.94 28.03 0.70
N ALA A 178 23.16 28.47 0.33
CA ALA A 178 23.33 29.62 -0.58
C ALA A 178 22.69 29.40 -1.95
N GLU A 179 22.87 28.20 -2.51
CA GLU A 179 22.21 27.81 -3.76
C GLU A 179 20.68 27.71 -3.66
N VAL A 180 20.17 27.22 -2.52
CA VAL A 180 18.71 27.24 -2.27
C VAL A 180 18.18 28.69 -2.20
N VAL A 181 18.87 29.57 -1.46
CA VAL A 181 18.49 31.01 -1.37
C VAL A 181 18.34 31.67 -2.75
N LEU A 182 19.28 31.41 -3.66
CA LEU A 182 19.21 31.96 -5.02
C LEU A 182 18.16 31.30 -5.91
N ALA A 183 17.96 30.00 -5.74
CA ALA A 183 16.84 29.30 -6.41
C ALA A 183 15.48 29.84 -5.97
N LEU A 184 15.27 30.00 -4.68
CA LEU A 184 14.02 30.59 -4.17
C LEU A 184 13.80 32.03 -4.60
N ASP A 185 14.87 32.82 -4.58
CA ASP A 185 14.82 34.20 -5.07
C ASP A 185 14.40 34.30 -6.54
N ALA A 186 14.87 33.34 -7.36
CA ALA A 186 14.44 33.21 -8.75
C ALA A 186 12.96 32.86 -8.86
N ILE A 187 12.50 31.86 -8.09
CA ILE A 187 11.05 31.48 -8.03
C ILE A 187 10.21 32.68 -7.58
N HIS A 188 10.67 33.37 -6.53
CA HIS A 188 9.94 34.54 -6.01
C HIS A 188 9.87 35.68 -6.99
N SER A 189 10.99 35.94 -7.69
CA SER A 189 11.04 36.92 -8.79
C SER A 189 10.03 36.65 -9.91
N MET A 190 9.74 35.37 -10.19
CA MET A 190 8.67 34.96 -11.14
C MET A 190 7.21 35.10 -10.64
N GLY A 191 7.00 35.61 -9.42
CA GLY A 191 5.68 35.85 -8.86
C GLY A 191 5.06 34.65 -8.18
N LEU A 192 5.91 33.75 -7.67
CA LEU A 192 5.51 32.43 -7.21
C LEU A 192 5.99 32.13 -5.79
N ILE A 193 5.13 31.48 -5.01
CA ILE A 193 5.50 30.87 -3.72
C ILE A 193 5.48 29.35 -3.94
N HIS A 194 6.52 28.68 -3.43
CA HIS A 194 6.73 27.22 -3.58
C HIS A 194 5.81 26.39 -2.66
N ARG A 195 5.77 26.76 -1.39
CA ARG A 195 4.96 26.10 -0.30
C ARG A 195 5.38 24.69 0.14
N ASP A 196 6.46 24.15 -0.41
CA ASP A 196 6.90 22.77 -0.14
C ASP A 196 8.39 22.64 -0.51
N VAL A 197 9.20 23.50 0.12
CA VAL A 197 10.64 23.51 -0.04
C VAL A 197 11.16 22.47 0.94
N LYS A 198 11.89 21.49 0.44
CA LYS A 198 12.48 20.40 1.25
C LYS A 198 13.57 19.68 0.44
N PRO A 199 14.46 18.93 1.08
CA PRO A 199 15.57 18.25 0.37
C PRO A 199 15.13 17.33 -0.79
N ASP A 200 13.99 16.64 -0.62
CA ASP A 200 13.33 15.81 -1.67
C ASP A 200 13.17 16.53 -3.03
N ASN A 201 12.94 17.84 -2.96
CA ASN A 201 12.71 18.73 -4.08
C ASN A 201 13.95 19.57 -4.49
N MET A 202 15.12 19.21 -3.99
CA MET A 202 16.36 19.88 -4.30
C MET A 202 17.24 18.83 -4.95
N LEU A 203 17.49 18.96 -6.24
CA LEU A 203 18.30 17.99 -6.96
C LEU A 203 19.63 18.56 -7.43
N LEU A 204 20.59 17.67 -7.63
CA LEU A 204 21.93 18.04 -8.06
C LEU A 204 22.14 17.56 -9.50
N ASP A 205 22.62 18.48 -10.36
CA ASP A 205 22.94 18.19 -11.78
C ASP A 205 24.21 17.31 -11.92
N LYS A 206 24.63 17.04 -13.16
CA LYS A 206 25.92 16.35 -13.44
C LYS A 206 27.17 16.97 -12.78
N HIS A 207 27.16 18.28 -12.56
CA HIS A 207 28.26 18.98 -11.85
C HIS A 207 28.11 19.18 -10.33
N GLY A 208 27.07 18.60 -9.73
CA GLY A 208 26.83 18.70 -8.29
C GLY A 208 26.20 19.99 -7.77
N HIS A 209 25.54 20.73 -8.66
CA HIS A 209 24.87 21.99 -8.36
C HIS A 209 23.37 21.86 -8.36
N LEU A 210 22.75 22.64 -7.46
CA LEU A 210 21.34 22.53 -7.12
C LEU A 210 20.42 23.06 -8.24
N LYS A 211 19.31 22.35 -8.44
CA LYS A 211 18.12 22.89 -9.07
C LYS A 211 16.89 22.40 -8.31
N LEU A 212 15.85 23.24 -8.30
CA LEU A 212 14.58 22.88 -7.71
C LEU A 212 13.76 22.10 -8.74
N ALA A 213 13.08 21.08 -8.24
CA ALA A 213 12.20 20.23 -9.03
C ALA A 213 10.90 20.13 -8.24
N ASP A 214 9.88 19.52 -8.84
CA ASP A 214 8.58 19.37 -8.19
C ASP A 214 7.97 20.68 -7.70
N PHE A 215 7.15 21.27 -8.56
CA PHE A 215 6.41 22.51 -8.34
C PHE A 215 4.89 22.29 -8.25
N GLY A 216 4.47 21.13 -7.74
CA GLY A 216 3.05 20.77 -7.58
C GLY A 216 2.25 21.62 -6.59
N THR A 217 2.92 22.17 -5.58
CA THR A 217 2.29 23.09 -4.62
C THR A 217 2.58 24.59 -4.89
N CYS A 218 3.08 24.93 -6.07
CA CYS A 218 3.31 26.34 -6.45
C CYS A 218 2.02 27.07 -6.65
N MET A 219 1.98 28.30 -6.12
CA MET A 219 0.89 29.22 -6.33
C MET A 219 1.45 30.54 -6.85
N LYS A 220 0.67 31.22 -7.69
CA LYS A 220 0.97 32.55 -8.19
C LYS A 220 0.54 33.51 -7.09
N MET A 221 1.37 34.49 -6.75
CA MET A 221 1.04 35.52 -5.75
C MET A 221 0.04 36.53 -6.30
N ASP A 222 -0.65 37.20 -5.37
CA ASP A 222 -1.43 38.42 -5.66
C ASP A 222 -0.52 39.63 -6.02
N GLU A 223 -1.14 40.79 -6.26
CA GLU A 223 -0.40 42.05 -6.38
C GLU A 223 0.25 42.52 -5.05
N THR A 224 -0.23 42.02 -3.90
CA THR A 224 0.42 42.23 -2.57
C THR A 224 1.29 41.05 -2.07
N GLY A 225 1.72 40.16 -2.98
CA GLY A 225 2.68 39.08 -2.67
C GLY A 225 2.17 37.93 -1.80
N MET A 226 0.86 37.70 -1.81
CA MET A 226 0.14 36.79 -0.89
C MET A 226 -0.63 35.74 -1.65
N VAL A 227 -1.13 34.73 -0.92
CA VAL A 227 -1.67 33.54 -1.58
C VAL A 227 -2.75 32.75 -0.83
N HIS A 228 -3.64 32.13 -1.62
CA HIS A 228 -4.82 31.38 -1.14
C HIS A 228 -4.50 29.93 -0.72
N CYS A 229 -5.32 29.39 0.17
CA CYS A 229 -5.06 28.10 0.83
C CYS A 229 -5.45 26.89 -0.03
N ASP A 230 -4.68 25.80 0.09
CA ASP A 230 -4.85 24.55 -0.69
C ASP A 230 -3.93 23.40 -0.19
N THR A 231 -4.05 22.23 -0.83
CA THR A 231 -3.23 21.01 -0.57
C THR A 231 -3.61 20.29 0.73
N VAL A 233 -1.67 18.62 3.39
CA VAL A 233 -0.37 18.95 2.80
C VAL A 233 0.62 17.79 2.83
N GLY A 234 0.62 16.99 3.92
CA GLY A 234 1.60 15.92 4.12
C GLY A 234 3.03 16.38 4.37
N THR A 235 3.87 15.47 4.84
CA THR A 235 5.31 15.70 5.09
C THR A 235 5.44 17.02 5.90
N PRO A 236 4.98 16.98 7.18
CA PRO A 236 4.87 18.16 8.04
C PRO A 236 6.20 18.83 8.47
N ASP A 237 7.30 18.08 8.48
CA ASP A 237 8.62 18.50 8.99
C ASP A 237 9.07 19.92 8.60
N TYR A 238 8.82 20.28 7.34
CA TYR A 238 9.27 21.56 6.73
C TYR A 238 8.21 22.68 6.59
N ILE A 239 6.94 22.37 6.83
CA ILE A 239 5.86 23.38 6.77
C ILE A 239 5.97 24.35 7.97
N SER A 240 5.64 25.61 7.68
CA SER A 240 5.74 26.72 8.62
C SER A 240 4.43 26.85 9.42
N PRO A 241 4.47 27.48 10.62
CA PRO A 241 3.25 27.54 11.47
C PRO A 241 2.06 28.34 10.92
N GLU A 242 2.31 29.38 10.11
CA GLU A 242 1.23 30.09 9.41
C GLU A 242 0.51 29.20 8.40
N VAL A 243 1.29 28.42 7.65
CA VAL A 243 0.76 27.43 6.68
C VAL A 243 -0.01 26.30 7.40
N LEU A 244 0.40 25.96 8.63
CA LEU A 244 -0.38 25.06 9.50
C LEU A 244 -1.71 25.68 9.96
N LYS A 245 -1.66 26.91 10.50
CA LYS A 245 -2.88 27.62 11.00
C LYS A 245 -3.89 27.99 9.90
N SER A 246 -3.39 28.24 8.67
CA SER A 246 -4.21 28.70 7.54
C SER A 246 -5.13 27.64 6.97
N GLN A 247 -4.60 26.43 6.76
CA GLN A 247 -5.37 25.30 6.18
C GLN A 247 -6.55 24.74 7.01
N GLY A 248 -6.58 25.06 8.30
CA GLY A 248 -7.74 24.80 9.15
C GLY A 248 -8.84 25.74 8.76
N GLY A 249 -8.53 27.04 8.84
CA GLY A 249 -9.44 28.09 8.40
C GLY A 249 -9.26 28.43 6.93
N ASP A 250 -9.27 29.74 6.63
CA ASP A 250 -8.97 30.28 5.29
C ASP A 250 -7.93 31.41 5.44
N GLY A 251 -6.81 31.07 6.09
CA GLY A 251 -5.71 32.01 6.30
C GLY A 251 -4.97 32.38 5.02
N PHE A 252 -4.16 33.44 5.14
CA PHE A 252 -3.30 33.99 4.05
C PHE A 252 -1.81 33.93 4.41
N TYR A 253 -0.95 33.77 3.40
CA TYR A 253 0.52 33.77 3.61
C TYR A 253 1.32 34.10 2.35
N GLY A 254 2.59 34.47 2.56
CA GLY A 254 3.48 35.02 1.54
C GLY A 254 4.76 34.24 1.34
N ARG A 255 5.74 34.89 0.71
CA ARG A 255 7.05 34.29 0.38
C ARG A 255 7.87 33.86 1.59
N GLU A 256 7.69 34.58 2.71
CA GLU A 256 8.27 34.22 4.02
C GLU A 256 8.14 32.77 4.47
N CYS A 257 7.04 32.08 4.11
CA CYS A 257 6.85 30.64 4.40
C CYS A 257 7.87 29.70 3.77
N ASP A 258 8.39 30.06 2.60
CA ASP A 258 9.55 29.33 2.00
C ASP A 258 10.83 29.56 2.77
N TRP A 259 11.03 30.76 3.31
CA TRP A 259 12.22 31.06 4.12
C TRP A 259 12.27 30.28 5.44
N TRP A 260 11.10 29.98 6.02
CA TRP A 260 11.00 29.02 7.16
C TRP A 260 11.64 27.71 6.78
N SER A 261 11.27 27.17 5.63
CA SER A 261 11.81 25.89 5.16
C SER A 261 13.32 25.83 4.97
N VAL A 262 13.93 26.97 4.59
CA VAL A 262 15.42 27.06 4.50
C VAL A 262 16.04 27.01 5.91
N GLY A 263 15.39 27.67 6.88
CA GLY A 263 15.68 27.48 8.31
C GLY A 263 15.71 26.02 8.74
N VAL A 264 14.68 25.27 8.37
CA VAL A 264 14.57 23.82 8.67
C VAL A 264 15.63 22.99 7.92
N PHE A 265 15.90 23.35 6.66
CA PHE A 265 16.91 22.68 5.82
C PHE A 265 18.30 22.73 6.42
N LEU A 266 18.73 23.94 6.74
CA LEU A 266 20.06 24.18 7.32
C LEU A 266 20.23 23.50 8.68
N TYR A 267 19.18 23.51 9.50
CA TYR A 267 19.16 22.73 10.75
C TYR A 267 19.38 21.25 10.43
N GLU A 268 18.60 20.70 9.48
CA GLU A 268 18.75 19.26 9.14
C GLU A 268 20.14 18.91 8.65
N MET A 269 20.74 19.76 7.82
CA MET A 269 22.10 19.51 7.30
C MET A 269 23.18 19.50 8.38
N LEU A 270 23.15 20.49 9.28
CA LEU A 270 24.18 20.60 10.34
C LEU A 270 23.96 19.65 11.53
N VAL A 271 22.71 19.47 11.97
CA VAL A 271 22.38 18.62 13.13
C VAL A 271 22.24 17.16 12.73
N GLY A 272 21.59 16.89 11.61
CA GLY A 272 21.32 15.51 11.14
C GLY A 272 19.94 14.96 11.47
N ASP A 273 19.14 15.74 12.18
CA ASP A 273 17.72 15.43 12.45
C ASP A 273 16.93 16.70 12.14
N THR A 274 15.62 16.52 11.97
CA THR A 274 14.71 17.63 11.76
C THR A 274 14.47 18.34 13.11
N PRO A 275 14.38 19.69 13.13
CA PRO A 275 14.19 20.43 14.39
C PRO A 275 12.91 20.14 15.18
N PHE A 276 11.84 19.78 14.50
CA PHE A 276 10.56 19.45 15.13
C PHE A 276 10.17 17.98 14.94
N TYR A 277 11.15 17.08 14.95
CA TYR A 277 10.94 15.64 14.76
C TYR A 277 10.05 15.06 15.87
N ALA A 278 9.17 14.15 15.48
CA ALA A 278 8.47 13.25 16.40
C ALA A 278 8.10 11.93 15.73
N ASP A 279 7.66 10.96 16.54
CA ASP A 279 7.25 9.63 16.05
C ASP A 279 5.96 9.69 15.23
N SER A 280 4.97 10.43 15.75
CA SER A 280 3.74 10.77 15.02
C SER A 280 3.86 12.09 14.26
N LEU A 281 3.02 12.26 13.24
CA LEU A 281 2.85 13.56 12.53
C LEU A 281 2.25 14.63 13.46
N VAL A 282 1.25 14.25 14.28
CA VAL A 282 0.64 15.17 15.26
C VAL A 282 1.66 15.76 16.27
N GLY A 283 2.62 14.94 16.68
CA GLY A 283 3.75 15.39 17.49
C GLY A 283 4.63 16.43 16.83
N THR A 284 4.87 16.25 15.53
CA THR A 284 5.60 17.22 14.69
C THR A 284 4.83 18.54 14.54
N TYR A 285 3.56 18.42 14.16
CA TYR A 285 2.63 19.57 14.07
C TYR A 285 2.61 20.40 15.38
N SER A 286 2.55 19.69 16.52
CA SER A 286 2.51 20.32 17.84
C SER A 286 3.83 21.02 18.22
N LYS A 287 4.95 20.39 17.89
CA LYS A 287 6.29 21.01 18.07
C LYS A 287 6.52 22.26 17.20
N ILE A 288 6.11 22.21 15.92
CA ILE A 288 6.24 23.35 14.97
C ILE A 288 5.47 24.58 15.48
N MET A 289 4.23 24.38 15.92
CA MET A 289 3.41 25.45 16.50
C MET A 289 4.00 26.04 17.80
N ASP A 290 4.66 25.18 18.59
CA ASP A 290 5.35 25.55 19.84
C ASP A 290 6.86 25.86 19.62
N HIS A 291 7.21 26.49 18.48
CA HIS A 291 8.62 26.67 18.07
C HIS A 291 9.43 27.61 18.97
N LYS A 292 8.78 28.63 19.54
CA LYS A 292 9.41 29.51 20.53
C LYS A 292 10.10 28.71 21.66
N ASN A 293 9.44 27.62 22.12
CA ASN A 293 9.95 26.73 23.18
C ASN A 293 10.61 25.40 22.71
N SER A 294 10.11 24.82 21.62
CA SER A 294 10.57 23.49 21.15
C SER A 294 11.86 23.49 20.32
N LEU A 295 12.20 24.60 19.66
CA LEU A 295 13.50 24.73 18.93
C LEU A 295 14.64 24.72 19.95
N CYS A 296 15.50 23.71 19.82
CA CYS A 296 16.56 23.42 20.77
C CYS A 296 17.72 22.76 20.00
N PHE A 297 18.89 23.41 20.01
CA PHE A 297 20.11 22.86 19.44
C PHE A 297 20.69 21.85 20.42
N PRO A 298 20.89 20.56 20.01
CA PRO A 298 21.48 19.60 20.97
C PRO A 298 22.94 19.95 21.33
N GLU A 299 23.32 19.69 22.57
CA GLU A 299 24.66 20.08 23.07
C GLU A 299 25.83 19.35 22.42
N ASP A 300 25.57 18.18 21.83
CA ASP A 300 26.55 17.44 21.00
C ASP A 300 26.61 17.81 19.52
N ALA A 301 25.78 18.74 19.06
CA ALA A 301 25.73 19.15 17.63
C ALA A 301 26.86 20.13 17.26
N GLU A 302 27.67 19.77 16.26
CA GLU A 302 28.76 20.61 15.76
C GLU A 302 28.16 21.68 14.85
N ILE A 303 27.88 22.86 15.44
CA ILE A 303 27.27 24.01 14.72
C ILE A 303 27.84 25.35 15.27
N SER A 304 28.08 26.33 14.38
CA SER A 304 28.64 27.63 14.76
C SER A 304 27.61 28.61 15.31
N LYS A 305 28.10 29.72 15.90
CA LYS A 305 27.21 30.77 16.45
C LYS A 305 26.41 31.44 15.31
N HIS A 306 27.11 31.80 14.23
CA HIS A 306 26.48 32.35 13.01
C HIS A 306 25.43 31.44 12.39
N ALA A 307 25.70 30.13 12.33
CA ALA A 307 24.72 29.16 11.80
C ALA A 307 23.48 29.01 12.69
N LYS A 308 23.67 29.01 14.01
CA LYS A 308 22.53 29.07 14.97
C LYS A 308 21.71 30.37 14.84
N ASN A 309 22.38 31.49 14.55
CA ASN A 309 21.75 32.81 14.34
C ASN A 309 20.81 32.80 13.13
N LEU A 310 21.34 32.37 11.98
CA LEU A 310 20.56 32.28 10.74
C LEU A 310 19.34 31.35 10.85
N ILE A 311 19.53 30.16 11.42
CA ILE A 311 18.44 29.20 11.61
C ILE A 311 17.36 29.86 12.45
N CYS A 312 17.76 30.35 13.62
CA CYS A 312 16.84 31.08 14.53
C CYS A 312 16.17 32.26 13.88
N ALA A 313 16.87 32.97 12.99
CA ALA A 313 16.29 34.10 12.24
C ALA A 313 15.16 33.67 11.30
N PHE A 314 15.34 32.51 10.65
CA PHE A 314 14.29 31.91 9.82
C PHE A 314 13.15 31.29 10.64
N LEU A 315 13.43 30.64 11.77
CA LEU A 315 12.43 29.84 12.50
C LEU A 315 11.76 30.66 13.60
N THR A 316 11.03 31.69 13.13
CA THR A 316 10.28 32.64 13.98
C THR A 316 8.89 32.82 13.38
N ASP A 317 8.06 33.59 14.07
CA ASP A 317 6.79 34.09 13.54
C ASP A 317 7.02 34.92 12.27
N ARG A 318 6.10 34.78 11.30
CA ARG A 318 6.17 35.48 9.99
C ARG A 318 6.46 36.98 10.04
N GLU A 319 5.83 37.65 11.02
CA GLU A 319 5.89 39.13 11.22
C GLU A 319 7.29 39.73 11.35
N VAL A 320 8.24 38.95 11.87
CA VAL A 320 9.63 39.37 12.09
C VAL A 320 10.68 38.41 11.44
N ARG A 321 10.23 37.59 10.48
CA ARG A 321 11.09 36.55 9.90
C ARG A 321 12.05 37.10 8.85
N LEU A 322 13.21 36.47 8.71
CA LEU A 322 14.23 36.90 7.74
C LEU A 322 13.75 36.56 6.33
N GLY A 323 13.99 37.46 5.39
CA GLY A 323 13.42 37.40 4.03
C GLY A 323 12.05 38.04 3.82
N ARG A 324 11.46 38.57 4.91
CA ARG A 324 10.29 39.44 4.86
C ARG A 324 10.58 40.72 4.07
N ASN A 325 11.75 41.32 4.32
CA ASN A 325 12.20 42.54 3.64
C ASN A 325 13.23 42.23 2.54
N GLY A 326 12.86 41.30 1.65
CA GLY A 326 13.72 40.90 0.53
C GLY A 326 14.86 39.97 0.86
N VAL A 327 15.44 39.41 -0.21
CA VAL A 327 16.57 38.48 -0.15
C VAL A 327 17.91 39.11 0.32
N GLU A 328 18.11 40.41 0.06
CA GLU A 328 19.37 41.11 0.35
C GLU A 328 19.89 40.94 1.79
N GLU A 329 19.00 41.07 2.76
CA GLU A 329 19.33 40.83 4.19
C GLU A 329 19.70 39.38 4.52
N ILE A 330 19.21 38.40 3.75
CA ILE A 330 19.71 37.01 3.81
C ILE A 330 21.15 36.93 3.27
N ARG A 331 21.41 37.61 2.16
CA ARG A 331 22.74 37.56 1.51
C ARG A 331 23.88 38.17 2.34
N GLN A 332 23.61 39.27 3.04
CA GLN A 332 24.61 39.93 3.89
C GLN A 332 24.81 39.32 5.31
N HIS A 333 24.06 38.26 5.67
CA HIS A 333 24.22 37.55 6.95
C HIS A 333 25.63 36.90 7.05
N PRO A 334 26.35 37.05 8.20
CA PRO A 334 27.76 36.63 8.29
C PRO A 334 28.08 35.13 8.06
N PHE A 335 27.17 34.23 8.46
CA PHE A 335 27.18 32.81 8.06
C PHE A 335 27.68 32.53 6.62
N PHE A 336 27.12 33.25 5.65
CA PHE A 336 27.48 33.09 4.24
C PHE A 336 28.86 33.65 3.82
N LYS A 337 29.61 34.30 4.72
CA LYS A 337 31.00 34.73 4.43
C LYS A 337 31.89 33.51 4.21
N ASN A 338 32.70 33.54 3.14
CA ASN A 338 33.62 32.45 2.82
C ASN A 338 34.67 32.82 1.76
N ASP A 339 35.73 32.02 1.69
CA ASP A 339 36.82 32.20 0.72
C ASP A 339 36.61 31.57 -0.67
N GLN A 340 35.55 30.75 -0.85
CA GLN A 340 35.38 29.87 -2.05
C GLN A 340 34.52 30.45 -3.19
N TRP A 341 33.44 31.14 -2.85
CA TRP A 341 32.48 31.66 -3.84
C TRP A 341 31.89 33.01 -3.43
N HIS A 342 31.43 33.77 -4.43
CA HIS A 342 30.55 34.93 -4.27
C HIS A 342 29.15 34.58 -4.75
N TRP A 343 28.18 35.42 -4.39
CA TRP A 343 26.77 35.21 -4.73
C TRP A 343 26.48 35.23 -6.23
N ASP A 344 27.21 36.07 -6.96
CA ASP A 344 27.07 36.24 -8.43
C ASP A 344 27.84 35.22 -9.28
N ASN A 345 28.69 34.40 -8.66
CA ASN A 345 29.40 33.30 -9.36
C ASN A 345 29.33 31.90 -8.71
N ILE A 346 28.51 31.73 -7.66
CA ILE A 346 28.43 30.46 -6.86
C ILE A 346 28.24 29.23 -7.71
N ARG A 347 27.30 29.32 -8.67
CA ARG A 347 26.96 28.17 -9.52
C ARG A 347 28.02 27.79 -10.57
N GLU A 348 29.03 28.65 -10.77
CA GLU A 348 30.17 28.41 -11.66
C GLU A 348 31.48 28.04 -10.93
N THR A 349 31.46 27.96 -9.59
CA THR A 349 32.56 27.38 -8.78
C THR A 349 32.36 25.88 -8.61
N ALA A 350 33.39 25.21 -8.12
CA ALA A 350 33.38 23.75 -7.94
C ALA A 350 32.46 23.34 -6.81
N ALA A 351 31.51 22.46 -7.09
CA ALA A 351 30.57 21.98 -6.07
C ALA A 351 31.29 21.06 -5.09
N PRO A 352 30.79 20.95 -3.83
CA PRO A 352 31.34 20.00 -2.87
C PRO A 352 31.47 18.55 -3.36
N VAL A 353 30.43 18.04 -4.04
CA VAL A 353 30.34 16.63 -4.43
C VAL A 353 29.93 16.54 -5.90
N VAL A 354 30.92 16.46 -6.79
CA VAL A 354 30.67 16.21 -8.22
C VAL A 354 30.34 14.71 -8.36
N PRO A 355 29.17 14.33 -8.94
CA PRO A 355 28.94 12.89 -9.16
C PRO A 355 29.85 12.24 -10.20
N GLU A 356 30.49 11.13 -9.81
CA GLU A 356 31.20 10.22 -10.71
C GLU A 356 30.13 9.23 -11.13
N LEU A 357 29.79 9.26 -12.43
CA LEU A 357 28.73 8.41 -13.00
C LEU A 357 29.34 7.51 -14.07
N SER A 358 28.88 6.27 -14.17
CA SER A 358 29.45 5.25 -15.10
C SER A 358 28.78 5.16 -16.49
N SER A 359 27.61 5.80 -16.66
CA SER A 359 26.92 5.91 -17.93
C SER A 359 25.88 7.01 -17.92
N ASP A 360 25.32 7.28 -19.09
CA ASP A 360 24.14 8.16 -19.21
C ASP A 360 22.84 7.65 -18.54
N ILE A 361 22.75 6.34 -18.22
CA ILE A 361 21.66 5.75 -17.41
C ILE A 361 22.00 5.37 -15.95
N ASP A 362 23.13 5.87 -15.41
CA ASP A 362 23.50 5.64 -14.00
C ASP A 362 22.52 6.37 -13.07
N SER A 363 21.68 5.59 -12.39
CA SER A 363 20.76 6.08 -11.36
C SER A 363 21.12 5.59 -9.95
N SER A 364 22.42 5.46 -9.68
CA SER A 364 22.94 5.03 -8.35
C SER A 364 22.60 6.00 -7.20
N ASN A 365 22.51 7.31 -7.50
CA ASN A 365 22.09 8.34 -6.52
C ASN A 365 20.56 8.43 -6.28
N PHE A 366 19.82 7.48 -6.84
CA PHE A 366 18.38 7.39 -6.65
C PHE A 366 18.06 6.02 -6.05
N ASP A 367 17.28 5.98 -4.97
CA ASP A 367 16.91 4.70 -4.33
C ASP A 367 16.03 3.84 -5.22
N ASP A 368 16.15 2.53 -5.08
CA ASP A 368 15.37 1.56 -5.89
C ASP A 368 13.89 1.62 -5.52
N ILE A 369 13.03 1.37 -6.50
CA ILE A 369 11.57 1.43 -6.33
C ILE A 369 10.95 0.16 -6.94
N GLU A 370 9.87 -0.35 -6.31
CA GLU A 370 9.11 -1.51 -6.79
C GLU A 370 7.61 -1.24 -6.81
N ASP A 375 -0.15 -2.24 -12.45
CA ASP A 375 -1.48 -2.07 -13.04
C ASP A 375 -2.19 -0.81 -12.51
N VAL A 376 -3.08 -0.24 -13.34
CA VAL A 376 -3.80 1.02 -13.12
C VAL A 376 -5.26 0.89 -13.58
N GLU A 377 -6.15 1.81 -13.14
CA GLU A 377 -7.55 1.84 -13.59
C GLU A 377 -7.94 3.10 -14.40
N THR A 378 -8.75 2.85 -15.43
CA THR A 378 -9.15 3.85 -16.42
C THR A 378 -10.55 4.39 -16.11
N PHE A 379 -10.97 5.39 -16.88
CA PHE A 379 -12.34 5.93 -16.85
C PHE A 379 -13.29 4.84 -17.37
N PRO A 380 -14.50 4.72 -16.77
CA PRO A 380 -15.49 3.79 -17.36
C PRO A 380 -16.03 4.33 -18.70
N ILE A 381 -16.61 3.42 -19.50
CA ILE A 381 -17.23 3.77 -20.77
C ILE A 381 -18.50 4.55 -20.41
N PRO A 382 -18.53 5.86 -20.71
CA PRO A 382 -19.64 6.67 -20.19
C PRO A 382 -20.93 6.52 -21.01
N LYS A 383 -22.06 6.79 -20.35
CA LYS A 383 -23.40 6.70 -20.94
C LYS A 383 -23.76 7.97 -21.73
N ALA A 384 -23.28 9.13 -21.26
CA ALA A 384 -23.39 10.41 -21.96
C ALA A 384 -22.04 11.13 -21.95
N PHE A 385 -22.00 12.30 -22.58
CA PHE A 385 -20.82 13.18 -22.51
C PHE A 385 -20.53 13.58 -21.07
N VAL A 386 -19.31 13.28 -20.60
CA VAL A 386 -18.80 13.71 -19.27
C VAL A 386 -17.57 14.64 -19.26
N GLY A 387 -16.80 14.68 -20.37
CA GLY A 387 -15.74 15.68 -20.55
C GLY A 387 -14.49 15.46 -19.72
N ASN A 388 -14.09 14.20 -19.55
CA ASN A 388 -12.91 13.84 -18.74
C ASN A 388 -11.58 14.39 -19.26
N GLN A 389 -11.49 14.65 -20.57
CA GLN A 389 -10.29 15.25 -21.20
C GLN A 389 -10.25 16.79 -21.23
N LEU A 390 -11.37 17.46 -20.95
CA LEU A 390 -11.45 18.93 -20.95
C LEU A 390 -10.47 19.63 -19.99
N PRO A 391 -10.24 19.05 -18.78
CA PRO A 391 -9.26 19.63 -17.87
C PRO A 391 -7.82 19.73 -18.38
N PHE A 392 -7.45 18.86 -19.32
CA PHE A 392 -6.08 18.72 -19.81
C PHE A 392 -5.81 19.36 -21.17
N ILE A 393 -6.80 20.07 -21.72
CA ILE A 393 -6.63 20.82 -22.97
C ILE A 393 -5.66 21.98 -22.76
N GLY A 394 -4.62 22.04 -23.58
CA GLY A 394 -3.58 23.05 -23.52
C GLY A 394 -2.32 22.61 -22.82
N PHE A 395 -2.29 21.37 -22.32
CA PHE A 395 -1.11 20.86 -21.61
C PHE A 395 0.10 20.58 -22.52
N THR A 396 -0.14 20.26 -23.80
CA THR A 396 0.95 19.88 -24.69
C THR A 396 1.84 21.10 -24.97
N TYR A 397 3.14 20.91 -24.80
CA TYR A 397 4.16 21.92 -25.08
C TYR A 397 5.33 21.22 -25.78
N TYR A 398 5.73 21.74 -26.96
CA TYR A 398 6.93 21.28 -27.70
C TYR A 398 7.96 22.42 -27.66
N ARG A 399 9.16 22.16 -27.12
CA ARG A 399 10.24 23.17 -27.07
C ARG A 399 10.78 23.46 -28.48
N ALA B 6 11.38 16.35 -35.40
CA ALA B 6 11.80 17.26 -36.53
C ALA B 6 11.06 16.96 -37.83
N SER B 7 11.19 15.72 -38.31
CA SER B 7 10.54 15.26 -39.54
C SER B 7 9.05 15.01 -39.33
N ARG B 8 8.71 14.30 -38.25
CA ARG B 8 7.30 14.19 -37.82
C ARG B 8 6.66 15.54 -37.43
N GLN B 9 7.44 16.48 -36.90
CA GLN B 9 6.98 17.84 -36.61
C GLN B 9 6.78 18.67 -37.88
N ARG B 10 7.67 18.52 -38.86
CA ARG B 10 7.52 19.18 -40.19
C ARG B 10 6.28 18.72 -40.98
N LYS B 11 5.93 17.43 -40.89
CA LYS B 11 4.69 16.89 -41.49
C LYS B 11 3.42 17.43 -40.82
N LEU B 12 3.43 17.50 -39.49
CA LEU B 12 2.31 18.07 -38.73
C LEU B 12 2.11 19.58 -38.98
N GLU B 13 3.21 20.32 -39.07
CA GLU B 13 3.18 21.77 -39.40
C GLU B 13 2.65 22.06 -40.82
N ALA B 14 2.97 21.18 -41.77
CA ALA B 14 2.49 21.29 -43.16
C ALA B 14 0.97 21.02 -43.27
N LEU B 15 0.50 19.97 -42.60
CA LEU B 15 -0.95 19.68 -42.46
C LEU B 15 -1.75 20.87 -41.92
N ILE B 16 -1.19 21.61 -40.97
CA ILE B 16 -1.81 22.80 -40.40
C ILE B 16 -1.74 24.02 -41.34
N ARG B 17 -0.62 24.20 -42.03
CA ARG B 17 -0.44 25.29 -43.04
C ARG B 17 -1.42 25.23 -44.21
N ASP B 18 -1.77 24.03 -44.63
CA ASP B 18 -2.56 23.76 -45.85
C ASP B 18 -3.98 24.35 -45.76
N PRO B 19 -4.37 25.26 -46.69
CA PRO B 19 -5.75 25.80 -46.64
C PRO B 19 -6.86 24.79 -46.89
N ARG B 20 -6.54 23.70 -47.61
CA ARG B 20 -7.46 22.56 -47.79
C ARG B 20 -7.66 21.61 -46.58
N SER B 21 -6.79 21.69 -45.58
CA SER B 21 -6.74 20.71 -44.49
C SER B 21 -7.93 20.84 -43.50
N PRO B 22 -8.48 19.69 -43.01
CA PRO B 22 -9.44 19.77 -41.89
C PRO B 22 -8.87 20.30 -40.56
N ILE B 23 -7.54 20.25 -40.40
CA ILE B 23 -6.85 20.79 -39.22
C ILE B 23 -6.00 22.05 -39.51
N ASN B 24 -6.46 22.89 -40.45
CA ASN B 24 -5.94 24.25 -40.57
C ASN B 24 -6.27 25.08 -39.33
N VAL B 25 -5.64 26.24 -39.20
CA VAL B 25 -5.76 27.07 -37.98
C VAL B 25 -7.22 27.54 -37.78
N GLU B 26 -7.88 27.96 -38.86
CA GLU B 26 -9.30 28.35 -38.82
C GLU B 26 -10.26 27.24 -38.38
N SER B 27 -10.01 26.01 -38.82
CA SER B 27 -10.78 24.84 -38.37
C SER B 27 -10.61 24.54 -36.88
N LEU B 28 -9.38 24.61 -36.43
CA LEU B 28 -9.06 24.34 -35.02
C LEU B 28 -9.70 25.38 -34.09
N LEU B 29 -9.70 26.65 -34.53
CA LEU B 29 -10.47 27.71 -33.85
C LEU B 29 -11.97 27.47 -33.86
N ASP B 30 -12.50 26.99 -35.00
CA ASP B 30 -13.92 26.58 -35.07
C ASP B 30 -14.26 25.50 -34.05
N GLY B 31 -13.36 24.52 -33.90
CA GLY B 31 -13.44 23.50 -32.85
C GLY B 31 -13.53 24.05 -31.44
N LEU B 32 -12.71 25.05 -31.14
CA LEU B 32 -12.72 25.71 -29.83
C LEU B 32 -14.02 26.51 -29.58
N ASN B 33 -14.38 27.36 -30.54
CA ASN B 33 -15.62 28.15 -30.48
C ASN B 33 -16.86 27.27 -30.33
N SER B 34 -16.98 26.30 -31.24
CA SER B 34 -18.13 25.39 -31.26
C SER B 34 -18.30 24.65 -29.93
N LEU B 35 -17.18 24.17 -29.40
CA LEU B 35 -17.14 23.49 -28.11
C LEU B 35 -17.63 24.38 -26.98
N VAL B 36 -17.13 25.61 -26.94
CA VAL B 36 -17.57 26.60 -25.95
C VAL B 36 -19.08 26.92 -26.08
N LEU B 37 -19.56 27.13 -27.30
CA LEU B 37 -21.00 27.37 -27.55
C LEU B 37 -21.91 26.20 -27.18
N ASP B 38 -21.47 24.98 -27.49
CA ASP B 38 -22.20 23.76 -27.13
C ASP B 38 -22.20 23.46 -25.63
N LEU B 39 -21.13 23.86 -24.93
CA LEU B 39 -20.98 23.64 -23.48
C LEU B 39 -21.52 24.74 -22.56
N ASP B 40 -21.47 26.01 -22.99
CA ASP B 40 -21.83 27.17 -22.13
C ASP B 40 -23.34 27.35 -22.00
N PHE B 41 -23.91 26.52 -21.11
CA PHE B 41 -25.31 26.59 -20.69
C PHE B 41 -25.35 26.20 -19.20
N PRO B 42 -26.17 26.88 -18.37
CA PRO B 42 -26.10 26.73 -16.89
C PRO B 42 -26.20 25.27 -16.37
N ALA B 43 -27.07 24.47 -16.98
CA ALA B 43 -27.29 23.06 -16.59
C ALA B 43 -26.09 22.15 -16.84
N LEU B 44 -25.37 22.37 -17.95
CA LEU B 44 -24.13 21.64 -18.26
C LEU B 44 -22.97 22.00 -17.32
N ARG B 45 -22.89 23.27 -16.90
CA ARG B 45 -21.88 23.73 -15.91
C ARG B 45 -22.02 23.14 -14.47
N LYS B 46 -23.12 22.42 -14.19
CA LYS B 46 -23.17 21.51 -13.01
C LYS B 46 -22.09 20.42 -13.04
N ASN B 47 -21.62 20.06 -14.24
CA ASN B 47 -20.40 19.25 -14.43
C ASN B 47 -19.15 20.11 -14.17
N LYS B 48 -18.29 19.64 -13.25
CA LYS B 48 -17.03 20.31 -12.88
C LYS B 48 -16.03 20.39 -14.07
N ASN B 49 -15.94 19.32 -14.84
CA ASN B 49 -15.12 19.27 -16.06
C ASN B 49 -15.44 20.38 -17.05
N ILE B 50 -16.75 20.59 -17.26
CA ILE B 50 -17.26 21.60 -18.17
C ILE B 50 -17.05 23.00 -17.60
N ASP B 51 -17.43 23.19 -16.34
CA ASP B 51 -17.37 24.52 -15.70
C ASP B 51 -15.94 25.05 -15.63
N ASN B 52 -15.01 24.20 -15.24
CA ASN B 52 -13.59 24.55 -15.16
C ASN B 52 -12.98 24.88 -16.52
N PHE B 53 -13.30 24.04 -17.50
CA PHE B 53 -12.90 24.27 -18.89
C PHE B 53 -13.35 25.63 -19.42
N LEU B 54 -14.62 25.95 -19.20
CA LEU B 54 -15.19 27.21 -19.63
C LEU B 54 -14.62 28.42 -18.92
N ASN B 55 -14.35 28.31 -17.62
CA ASN B 55 -13.66 29.38 -16.87
C ASN B 55 -12.30 29.71 -17.47
N ARG B 56 -11.53 28.66 -17.79
CA ARG B 56 -10.24 28.79 -18.46
C ARG B 56 -10.30 29.48 -19.82
N TYR B 57 -11.30 29.13 -20.64
CA TYR B 57 -11.45 29.65 -22.01
C TYR B 57 -12.53 30.74 -22.17
N GLU B 58 -12.94 31.38 -21.07
CA GLU B 58 -14.03 32.38 -21.12
C GLU B 58 -13.61 33.67 -21.84
N LYS B 59 -12.53 34.27 -21.33
CA LYS B 59 -12.00 35.55 -21.81
C LYS B 59 -11.45 35.44 -23.24
N ILE B 60 -10.59 34.46 -23.47
CA ILE B 60 -9.89 34.30 -24.76
C ILE B 60 -10.83 34.03 -25.96
N VAL B 61 -11.90 33.25 -25.74
CA VAL B 61 -12.95 33.01 -26.76
C VAL B 61 -13.77 34.28 -27.02
N LYS B 62 -14.04 35.08 -25.98
CA LYS B 62 -14.61 36.42 -26.18
C LYS B 62 -13.67 37.31 -27.05
N LYS B 63 -12.38 37.29 -26.74
CA LYS B 63 -11.36 38.05 -27.50
C LYS B 63 -11.21 37.58 -28.97
N ILE B 64 -11.31 36.27 -29.22
CA ILE B 64 -11.34 35.71 -30.60
C ILE B 64 -12.60 36.15 -31.35
N ARG B 65 -13.77 36.09 -30.69
CA ARG B 65 -15.05 36.49 -31.30
C ARG B 65 -15.05 37.97 -31.75
N GLY B 66 -14.44 38.83 -30.93
CA GLY B 66 -14.15 40.22 -31.31
C GLY B 66 -13.24 40.37 -32.50
N LEU B 67 -12.11 39.66 -32.51
CA LEU B 67 -11.10 39.73 -33.59
C LEU B 67 -11.52 39.11 -34.92
N GLN B 68 -12.23 37.98 -34.85
CA GLN B 68 -12.66 37.24 -36.06
C GLN B 68 -13.74 37.97 -36.83
N MET B 69 -13.81 37.67 -38.13
CA MET B 69 -14.81 38.24 -39.04
C MET B 69 -16.21 37.80 -38.63
N LYS B 70 -17.15 38.73 -38.81
CA LYS B 70 -18.54 38.57 -38.37
C LYS B 70 -19.52 39.45 -39.14
N ALA B 71 -20.81 39.11 -39.03
CA ALA B 71 -21.91 39.79 -39.74
C ALA B 71 -22.03 41.29 -39.47
N GLU B 72 -21.65 41.71 -38.25
CA GLU B 72 -21.62 43.11 -37.84
C GLU B 72 -20.52 43.94 -38.52
N ASP B 73 -19.55 43.28 -39.17
CA ASP B 73 -18.58 43.95 -40.05
C ASP B 73 -19.15 44.40 -41.42
N TYR B 74 -20.40 44.02 -41.72
CA TYR B 74 -21.07 44.28 -43.01
C TYR B 74 -22.40 45.01 -42.83
N ASP B 75 -22.63 46.06 -43.63
CA ASP B 75 -23.94 46.72 -43.74
C ASP B 75 -24.76 45.96 -44.76
N VAL B 76 -25.97 45.57 -44.40
CA VAL B 76 -26.94 44.97 -45.32
C VAL B 76 -27.58 46.11 -46.13
N VAL B 77 -27.47 46.04 -47.46
CA VAL B 77 -28.00 47.05 -48.39
C VAL B 77 -29.38 46.62 -48.89
N LYS B 78 -29.47 45.37 -49.36
CA LYS B 78 -30.72 44.79 -49.86
C LYS B 78 -30.68 43.25 -49.84
N VAL B 79 -31.85 42.62 -49.80
CA VAL B 79 -32.00 41.17 -49.96
C VAL B 79 -32.19 40.95 -51.46
N ILE B 80 -31.31 40.14 -52.06
CA ILE B 80 -31.33 39.83 -53.50
C ILE B 80 -31.65 38.37 -53.84
N GLY B 81 -31.87 37.53 -52.82
CA GLY B 81 -32.24 36.13 -53.00
C GLY B 81 -32.87 35.54 -51.75
N ARG B 82 -33.70 34.51 -51.93
CA ARG B 82 -34.23 33.69 -50.84
C ARG B 82 -34.09 32.24 -51.31
N GLY B 83 -33.64 31.37 -50.42
CA GLY B 83 -33.54 29.93 -50.64
C GLY B 83 -34.09 29.15 -49.46
N ALA B 84 -33.99 27.83 -49.56
CA ALA B 84 -34.62 26.92 -48.60
C ALA B 84 -34.16 27.12 -47.15
N PHE B 85 -32.85 27.35 -46.97
CA PHE B 85 -32.21 27.44 -45.65
C PHE B 85 -31.73 28.86 -45.24
N GLY B 86 -32.16 29.90 -45.95
CA GLY B 86 -31.71 31.27 -45.70
C GLY B 86 -31.94 32.22 -46.86
N GLU B 87 -31.11 33.25 -46.93
CA GLU B 87 -31.26 34.36 -47.89
C GLU B 87 -29.92 34.84 -48.41
N VAL B 88 -29.97 35.66 -49.45
CA VAL B 88 -28.80 36.31 -50.06
C VAL B 88 -28.94 37.81 -49.82
N GLN B 89 -27.90 38.41 -49.26
CA GLN B 89 -27.84 39.85 -48.96
C GLN B 89 -26.76 40.48 -49.81
N LEU B 90 -27.11 41.56 -50.50
CA LEU B 90 -26.13 42.51 -51.02
C LEU B 90 -25.60 43.27 -49.80
N VAL B 91 -24.28 43.21 -49.60
CA VAL B 91 -23.61 43.82 -48.44
C VAL B 91 -22.43 44.71 -48.83
N ARG B 92 -22.11 45.65 -47.95
CA ARG B 92 -20.87 46.44 -48.04
C ARG B 92 -20.09 46.19 -46.76
N HIS B 93 -18.84 45.74 -46.91
CA HIS B 93 -17.94 45.58 -45.76
C HIS B 93 -17.58 46.99 -45.28
N LYS B 94 -17.72 47.25 -43.97
CA LYS B 94 -17.65 48.63 -43.44
C LYS B 94 -16.28 49.31 -43.56
N ALA B 95 -15.22 48.59 -43.19
CA ALA B 95 -13.83 49.09 -43.24
C ALA B 95 -13.28 49.37 -44.66
N SER B 96 -13.22 48.32 -45.48
CA SER B 96 -12.85 48.40 -46.91
C SER B 96 -13.82 49.12 -47.85
N GLN B 97 -15.08 49.26 -47.45
CA GLN B 97 -16.18 49.82 -48.28
C GLN B 97 -16.51 49.02 -49.56
N LYS B 98 -16.01 47.78 -49.68
CA LYS B 98 -16.18 46.96 -50.89
C LYS B 98 -17.50 46.21 -50.79
N VAL B 99 -18.11 45.94 -51.94
CA VAL B 99 -19.45 45.32 -52.03
C VAL B 99 -19.34 43.84 -52.39
N TYR B 100 -20.08 43.01 -51.66
CA TYR B 100 -20.17 41.56 -51.89
C TYR B 100 -21.62 41.08 -51.85
N ALA B 101 -21.84 39.88 -52.36
CA ALA B 101 -23.08 39.13 -52.17
C ALA B 101 -22.83 38.12 -51.07
N MET B 102 -23.56 38.23 -49.96
CA MET B 102 -23.43 37.33 -48.80
C MET B 102 -24.61 36.34 -48.71
N LYS B 103 -24.32 35.04 -48.70
CA LYS B 103 -25.35 34.00 -48.55
C LYS B 103 -25.38 33.51 -47.12
N LEU B 104 -26.54 33.56 -46.49
CA LEU B 104 -26.75 33.09 -45.12
C LEU B 104 -27.39 31.70 -45.13
N LEU B 105 -26.95 30.80 -44.25
CA LEU B 105 -27.61 29.50 -44.06
C LEU B 105 -27.93 29.23 -42.58
N SER B 106 -29.22 29.08 -42.28
CA SER B 106 -29.74 28.79 -40.93
C SER B 106 -29.25 27.42 -40.43
N LYS B 107 -28.51 27.45 -39.32
CA LYS B 107 -28.05 26.21 -38.68
C LYS B 107 -29.21 25.37 -38.14
N PHE B 108 -30.19 26.01 -37.51
CA PHE B 108 -31.37 25.30 -36.98
C PHE B 108 -32.10 24.48 -38.06
N GLU B 109 -32.35 25.12 -39.20
CA GLU B 109 -33.13 24.50 -40.28
C GLU B 109 -32.40 23.33 -40.94
N MET B 110 -31.10 23.51 -41.20
CA MET B 110 -30.22 22.43 -41.71
C MET B 110 -30.23 21.17 -40.83
N ILE B 111 -30.15 21.35 -39.51
CA ILE B 111 -30.23 20.25 -38.53
C ILE B 111 -31.66 19.70 -38.47
N LYS B 112 -32.65 20.59 -38.38
CA LYS B 112 -34.09 20.21 -38.30
C LYS B 112 -34.52 19.39 -39.52
N ARG B 113 -34.09 19.83 -40.70
CA ARG B 113 -34.42 19.18 -41.97
C ARG B 113 -33.30 18.25 -42.52
N SER B 114 -32.50 17.63 -41.62
CA SER B 114 -31.54 16.54 -41.94
C SER B 114 -30.57 16.79 -43.11
N ASP B 115 -30.18 18.05 -43.30
CA ASP B 115 -29.45 18.47 -44.48
C ASP B 115 -28.38 19.50 -44.07
N SER B 116 -27.23 18.98 -43.63
CA SER B 116 -26.11 19.77 -43.08
C SER B 116 -24.70 19.34 -43.59
N ALA B 117 -24.63 18.79 -44.81
CA ALA B 117 -23.38 18.48 -45.51
C ALA B 117 -23.18 19.16 -46.89
N PHE B 118 -24.26 19.54 -47.57
CA PHE B 118 -24.20 20.15 -48.93
C PHE B 118 -23.26 21.34 -49.11
N PHE B 119 -23.14 22.16 -48.07
CA PHE B 119 -22.34 23.40 -48.10
C PHE B 119 -20.83 23.21 -48.20
N TRP B 120 -20.31 22.02 -47.91
CA TRP B 120 -18.87 21.74 -47.99
C TRP B 120 -18.35 21.84 -49.41
N GLU B 121 -18.99 21.12 -50.32
CA GLU B 121 -18.67 21.23 -51.74
C GLU B 121 -18.96 22.61 -52.32
N GLU B 122 -20.03 23.25 -51.86
CA GLU B 122 -20.35 24.62 -52.27
C GLU B 122 -19.25 25.60 -51.86
N ARG B 123 -18.76 25.46 -50.64
CA ARG B 123 -17.68 26.30 -50.15
C ARG B 123 -16.38 26.05 -50.91
N ASP B 124 -16.04 24.77 -51.09
CA ASP B 124 -14.82 24.36 -51.78
C ASP B 124 -14.76 24.79 -53.24
N ILE B 125 -15.88 24.65 -53.96
CA ILE B 125 -15.97 25.04 -55.37
C ILE B 125 -15.68 26.52 -55.52
N MET B 126 -16.41 27.33 -54.77
CA MET B 126 -16.28 28.78 -54.86
C MET B 126 -14.94 29.30 -54.33
N ALA B 127 -14.39 28.65 -53.31
CA ALA B 127 -13.07 29.04 -52.73
C ALA B 127 -11.86 28.65 -53.59
N PHE B 128 -11.87 27.43 -54.13
CA PHE B 128 -10.67 26.80 -54.71
C PHE B 128 -10.65 26.51 -56.21
N ALA B 129 -11.76 26.70 -56.92
CA ALA B 129 -11.81 26.51 -58.39
C ALA B 129 -10.78 27.30 -59.22
N ASN B 130 -10.42 28.50 -58.75
CA ASN B 130 -9.52 29.46 -59.40
C ASN B 130 -9.85 29.62 -60.89
N SER B 131 -11.15 29.86 -61.14
CA SER B 131 -11.76 29.76 -62.47
C SER B 131 -12.67 30.95 -62.74
N PRO B 132 -12.54 31.57 -63.94
CA PRO B 132 -13.44 32.70 -64.27
C PRO B 132 -14.90 32.34 -64.47
N TRP B 133 -15.22 31.05 -64.65
CA TRP B 133 -16.62 30.57 -64.80
C TRP B 133 -17.38 30.24 -63.50
N VAL B 134 -16.71 30.38 -62.35
CA VAL B 134 -17.26 30.03 -61.04
C VAL B 134 -17.15 31.28 -60.17
N VAL B 135 -18.25 31.60 -59.49
CA VAL B 135 -18.32 32.73 -58.56
C VAL B 135 -17.27 32.49 -57.47
N GLN B 136 -16.41 33.49 -57.27
CA GLN B 136 -15.35 33.44 -56.27
C GLN B 136 -15.96 33.67 -54.87
N LEU B 137 -15.49 32.90 -53.89
CA LEU B 137 -15.76 33.08 -52.47
C LEU B 137 -14.52 33.71 -51.86
N PHE B 138 -14.70 34.87 -51.22
CA PHE B 138 -13.63 35.54 -50.50
C PHE B 138 -13.54 35.14 -49.03
N TYR B 139 -14.68 34.95 -48.39
CA TYR B 139 -14.75 34.66 -46.94
C TYR B 139 -15.92 33.72 -46.65
N ALA B 140 -15.66 32.72 -45.81
CA ALA B 140 -16.69 31.94 -45.14
C ALA B 140 -16.49 32.13 -43.63
N PHE B 141 -17.56 32.47 -42.92
CA PHE B 141 -17.52 32.56 -41.45
C PHE B 141 -18.85 32.13 -40.85
N GLN B 142 -18.93 32.11 -39.52
CA GLN B 142 -20.16 31.70 -38.82
C GLN B 142 -20.37 32.37 -37.46
N ASP B 143 -21.65 32.53 -37.12
CA ASP B 143 -22.13 32.88 -35.79
C ASP B 143 -22.72 31.58 -35.19
N ASP B 144 -23.29 31.68 -33.99
CA ASP B 144 -24.08 30.58 -33.39
C ASP B 144 -25.35 30.17 -34.15
N ARG B 145 -25.95 31.10 -34.91
CA ARG B 145 -27.18 30.85 -35.69
C ARG B 145 -26.98 30.54 -37.18
N TYR B 146 -25.94 31.13 -37.81
CA TYR B 146 -25.76 31.08 -39.28
C TYR B 146 -24.36 30.74 -39.81
N LEU B 147 -24.31 30.15 -41.00
CA LEU B 147 -23.13 30.16 -41.86
C LEU B 147 -23.28 31.31 -42.85
N TYR B 148 -22.18 32.02 -43.11
CA TYR B 148 -22.12 33.11 -44.08
C TYR B 148 -21.12 32.75 -45.16
N MET B 149 -21.45 33.07 -46.42
CA MET B 149 -20.54 32.89 -47.57
C MET B 149 -20.47 34.19 -48.35
N VAL B 150 -19.33 34.88 -48.24
CA VAL B 150 -19.10 36.17 -48.91
C VAL B 150 -18.47 35.92 -50.27
N MET B 151 -19.10 36.45 -51.32
CA MET B 151 -18.84 36.12 -52.71
C MET B 151 -18.72 37.37 -53.56
N GLU B 152 -18.04 37.28 -54.71
CA GLU B 152 -17.99 38.42 -55.65
C GLU B 152 -19.42 38.65 -56.13
N TYR B 153 -19.86 39.90 -56.05
CA TYR B 153 -21.20 40.29 -56.49
C TYR B 153 -21.25 40.29 -58.02
N MET B 154 -22.34 39.77 -58.58
CA MET B 154 -22.57 39.66 -60.01
C MET B 154 -23.72 40.60 -60.44
N PRO B 155 -23.38 41.87 -60.75
CA PRO B 155 -24.45 42.88 -60.91
C PRO B 155 -25.29 42.78 -62.18
N GLY B 156 -24.86 41.99 -63.17
CA GLY B 156 -25.66 41.68 -64.35
C GLY B 156 -26.91 40.86 -64.12
N GLY B 157 -27.01 40.15 -62.98
CA GLY B 157 -28.16 39.29 -62.69
C GLY B 157 -28.14 38.02 -63.49
N ASP B 158 -29.24 37.26 -63.43
CA ASP B 158 -29.27 35.90 -64.01
C ASP B 158 -29.92 35.83 -65.40
N LEU B 159 -29.74 34.69 -66.06
CA LEU B 159 -30.32 34.45 -67.40
C LEU B 159 -31.86 34.41 -67.45
N VAL B 160 -32.53 34.13 -66.32
CA VAL B 160 -34.00 34.31 -66.21
C VAL B 160 -34.34 35.79 -66.47
N ASN B 161 -33.63 36.69 -65.79
CA ASN B 161 -33.82 38.14 -65.95
C ASN B 161 -33.58 38.61 -67.37
N LEU B 162 -32.47 38.19 -67.97
CA LEU B 162 -32.13 38.52 -69.37
C LEU B 162 -33.21 38.04 -70.36
N MET B 163 -33.56 36.76 -70.28
CA MET B 163 -34.60 36.16 -71.14
C MET B 163 -35.97 36.83 -71.08
N SER B 164 -36.42 37.22 -69.89
CA SER B 164 -37.67 37.99 -69.75
C SER B 164 -37.57 39.43 -70.28
N ASN B 165 -36.37 40.01 -70.28
CA ASN B 165 -36.14 41.39 -70.80
C ASN B 165 -35.80 41.52 -72.30
N TYR B 166 -35.34 40.46 -72.95
CA TYR B 166 -34.99 40.51 -74.39
C TYR B 166 -35.47 39.26 -75.10
N ASP B 167 -35.94 39.40 -76.36
CA ASP B 167 -36.02 38.27 -77.29
C ASP B 167 -34.59 37.97 -77.71
N VAL B 168 -34.12 36.77 -77.39
CA VAL B 168 -32.70 36.41 -77.58
C VAL B 168 -32.52 35.93 -79.02
N PRO B 169 -31.75 36.67 -79.85
CA PRO B 169 -31.42 36.13 -81.18
C PRO B 169 -30.36 35.02 -81.10
N GLU B 170 -30.26 34.22 -82.15
CA GLU B 170 -29.39 33.03 -82.17
C GLU B 170 -27.90 33.33 -81.98
N LYS B 171 -27.43 34.49 -82.43
CA LYS B 171 -26.03 34.95 -82.17
C LYS B 171 -25.75 35.07 -80.67
N TRP B 172 -26.72 35.61 -79.92
CA TRP B 172 -26.60 35.71 -78.45
C TRP B 172 -26.68 34.32 -77.80
N ALA B 173 -27.66 33.51 -78.20
CA ALA B 173 -27.83 32.16 -77.65
C ALA B 173 -26.61 31.28 -77.85
N LYS B 174 -26.01 31.38 -79.03
CA LYS B 174 -24.69 30.79 -79.34
C LYS B 174 -23.63 31.13 -78.29
N PHE B 175 -23.52 32.43 -78.00
CA PHE B 175 -22.59 32.96 -76.99
C PHE B 175 -22.83 32.41 -75.57
N TYR B 176 -24.04 32.60 -75.04
CA TYR B 176 -24.39 32.13 -73.68
C TYR B 176 -24.30 30.61 -73.54
N THR B 177 -24.77 29.87 -74.53
CA THR B 177 -24.61 28.41 -74.54
C THR B 177 -23.14 27.98 -74.55
N ALA B 178 -22.33 28.65 -75.36
CA ALA B 178 -20.87 28.40 -75.41
C ALA B 178 -20.18 28.66 -74.05
N GLU B 179 -20.55 29.76 -73.40
CA GLU B 179 -20.07 30.06 -72.04
C GLU B 179 -20.55 29.07 -70.96
N VAL B 180 -21.81 28.59 -71.07
CA VAL B 180 -22.30 27.51 -70.19
C VAL B 180 -21.49 26.21 -70.40
N VAL B 181 -21.28 25.82 -71.66
CA VAL B 181 -20.46 24.63 -72.00
C VAL B 181 -19.09 24.64 -71.33
N LEU B 182 -18.40 25.78 -71.38
CA LEU B 182 -17.07 25.91 -70.74
C LEU B 182 -17.12 25.97 -69.21
N ALA B 183 -18.16 26.61 -68.67
CA ALA B 183 -18.39 26.58 -67.22
C ALA B 183 -18.64 25.16 -66.69
N LEU B 184 -19.51 24.41 -67.37
CA LEU B 184 -19.78 23.01 -66.98
C LEU B 184 -18.55 22.11 -67.13
N ASP B 185 -17.79 22.30 -68.21
CA ASP B 185 -16.54 21.58 -68.42
C ASP B 185 -15.53 21.82 -67.29
N ALA B 186 -15.48 23.06 -66.78
CA ALA B 186 -14.66 23.39 -65.61
C ALA B 186 -15.13 22.67 -64.35
N ILE B 187 -16.46 22.69 -64.09
CA ILE B 187 -17.07 21.95 -62.95
C ILE B 187 -16.76 20.44 -63.09
N HIS B 188 -16.95 19.91 -64.28
CA HIS B 188 -16.73 18.49 -64.52
C HIS B 188 -15.27 18.09 -64.37
N SER B 189 -14.35 18.93 -64.85
CA SER B 189 -12.91 18.76 -64.63
C SER B 189 -12.50 18.66 -63.16
N MET B 190 -13.21 19.40 -62.28
CA MET B 190 -13.03 19.29 -60.81
C MET B 190 -13.62 18.03 -60.13
N GLY B 191 -14.20 17.11 -60.89
CA GLY B 191 -14.72 15.84 -60.38
C GLY B 191 -16.15 15.93 -59.86
N LEU B 192 -16.92 16.86 -60.41
CA LEU B 192 -18.22 17.27 -59.87
C LEU B 192 -19.31 17.27 -60.92
N ILE B 193 -20.50 16.83 -60.52
CA ILE B 193 -21.75 16.98 -61.27
C ILE B 193 -22.57 18.04 -60.51
N HIS B 194 -23.18 18.97 -61.26
CA HIS B 194 -23.96 20.10 -60.73
C HIS B 194 -25.37 19.66 -60.27
N ARG B 195 -26.07 18.89 -61.11
CA ARG B 195 -27.43 18.36 -60.86
C ARG B 195 -28.61 19.36 -60.82
N ASP B 196 -28.34 20.63 -61.11
CA ASP B 196 -29.35 21.69 -61.05
C ASP B 196 -28.89 22.88 -61.91
N VAL B 197 -28.63 22.58 -63.19
CA VAL B 197 -28.23 23.56 -64.18
C VAL B 197 -29.52 24.17 -64.70
N LYS B 198 -29.62 25.49 -64.58
CA LYS B 198 -30.78 26.26 -65.04
C LYS B 198 -30.39 27.75 -65.09
N PRO B 199 -31.16 28.59 -65.82
CA PRO B 199 -30.85 30.03 -65.92
C PRO B 199 -30.74 30.77 -64.57
N ASP B 200 -31.58 30.39 -63.59
CA ASP B 200 -31.50 30.89 -62.19
C ASP B 200 -30.09 30.86 -61.56
N ASN B 201 -29.32 29.84 -61.96
CA ASN B 201 -27.96 29.57 -61.49
C ASN B 201 -26.84 30.00 -62.46
N MET B 202 -27.19 30.82 -63.45
CA MET B 202 -26.26 31.35 -64.43
C MET B 202 -26.32 32.85 -64.25
N LEU B 203 -25.25 33.45 -63.72
CA LEU B 203 -25.19 34.91 -63.49
C LEU B 203 -24.18 35.61 -64.37
N LEU B 204 -24.47 36.88 -64.66
CA LEU B 204 -23.65 37.72 -65.53
C LEU B 204 -22.89 38.74 -64.67
N ASP B 205 -21.57 38.82 -64.89
CA ASP B 205 -20.69 39.79 -64.19
C ASP B 205 -20.94 41.25 -64.68
N LYS B 206 -20.16 42.21 -64.18
CA LYS B 206 -20.19 43.61 -64.67
C LYS B 206 -19.97 43.78 -66.20
N HIS B 207 -19.24 42.86 -66.82
CA HIS B 207 -19.01 42.87 -68.28
C HIS B 207 -19.98 42.02 -69.13
N GLY B 208 -21.02 41.45 -68.51
CA GLY B 208 -22.03 40.65 -69.24
C GLY B 208 -21.64 39.22 -69.57
N HIS B 209 -20.65 38.67 -68.86
CA HIS B 209 -20.15 37.32 -69.05
C HIS B 209 -20.56 36.40 -67.92
N LEU B 210 -20.81 35.15 -68.30
CA LEU B 210 -21.42 34.14 -67.44
C LEU B 210 -20.47 33.64 -66.34
N LYS B 211 -21.03 33.41 -65.15
CA LYS B 211 -20.47 32.51 -64.14
C LYS B 211 -21.59 31.68 -63.51
N LEU B 212 -21.26 30.46 -63.11
CA LEU B 212 -22.19 29.61 -62.37
C LEU B 212 -22.14 29.96 -60.89
N ALA B 213 -23.32 30.03 -60.28
CA ALA B 213 -23.48 30.14 -58.82
C ALA B 213 -24.49 29.11 -58.37
N ASP B 214 -24.65 28.99 -57.04
CA ASP B 214 -25.50 27.99 -56.37
C ASP B 214 -25.07 26.56 -56.68
N PHE B 215 -24.16 26.05 -55.83
CA PHE B 215 -23.62 24.69 -55.89
C PHE B 215 -24.15 23.81 -54.75
N GLY B 216 -25.37 24.06 -54.29
CA GLY B 216 -26.00 23.29 -53.21
C GLY B 216 -26.33 21.83 -53.54
N THR B 217 -26.57 21.54 -54.82
CA THR B 217 -26.82 20.18 -55.30
C THR B 217 -25.59 19.51 -55.96
N CYS B 218 -24.38 20.06 -55.78
CA CYS B 218 -23.16 19.46 -56.30
C CYS B 218 -22.80 18.17 -55.57
N MET B 219 -22.44 17.16 -56.35
CA MET B 219 -21.95 15.89 -55.83
C MET B 219 -20.62 15.57 -56.48
N LYS B 220 -19.73 14.94 -55.70
CA LYS B 220 -18.43 14.48 -56.15
C LYS B 220 -18.68 13.14 -56.87
N MET B 221 -18.08 12.96 -58.05
CA MET B 221 -18.23 11.70 -58.80
C MET B 221 -17.47 10.53 -58.18
N ASP B 222 -17.92 9.32 -58.50
CA ASP B 222 -17.15 8.08 -58.27
C ASP B 222 -15.97 7.91 -59.25
N THR B 235 -36.46 22.41 -59.71
CA THR B 235 -37.58 22.71 -60.62
C THR B 235 -37.61 21.73 -61.81
N PRO B 236 -38.80 21.14 -62.12
CA PRO B 236 -38.86 19.99 -63.04
C PRO B 236 -38.59 20.26 -64.53
N ASP B 237 -38.82 21.49 -64.99
CA ASP B 237 -38.55 21.95 -66.38
C ASP B 237 -37.19 21.51 -66.95
N TYR B 238 -36.15 21.58 -66.11
CA TYR B 238 -34.75 21.30 -66.50
C TYR B 238 -34.18 19.90 -66.10
N ILE B 239 -34.90 19.16 -65.25
CA ILE B 239 -34.47 17.81 -64.85
C ILE B 239 -34.55 16.81 -66.04
N SER B 240 -33.57 15.91 -66.08
CA SER B 240 -33.41 14.93 -67.15
C SER B 240 -34.17 13.64 -66.79
N PRO B 241 -34.53 12.81 -67.79
CA PRO B 241 -35.36 11.61 -67.51
C PRO B 241 -34.72 10.52 -66.64
N GLU B 242 -33.38 10.37 -66.69
CA GLU B 242 -32.68 9.45 -65.77
C GLU B 242 -32.81 9.91 -64.31
N VAL B 243 -32.65 11.22 -64.09
CA VAL B 243 -32.81 11.85 -62.77
C VAL B 243 -34.27 11.72 -62.29
N LEU B 244 -35.24 11.73 -63.20
CA LEU B 244 -36.65 11.41 -62.88
C LEU B 244 -36.85 9.93 -62.49
N LYS B 245 -36.34 9.00 -63.30
CA LYS B 245 -36.48 7.55 -63.05
C LYS B 245 -35.72 7.05 -61.79
N SER B 246 -34.61 7.72 -61.45
CA SER B 246 -33.71 7.33 -60.35
C SER B 246 -34.32 7.56 -58.96
N GLN B 247 -34.92 8.74 -58.75
CA GLN B 247 -35.76 9.00 -57.57
C GLN B 247 -35.01 9.11 -56.20
N GLY B 248 -33.67 9.26 -56.21
CA GLY B 248 -32.84 9.29 -54.99
C GLY B 248 -32.36 10.67 -54.65
N PHE B 252 -28.59 5.69 -60.13
CA PHE B 252 -27.28 6.30 -60.42
C PHE B 252 -27.25 7.08 -61.74
N TYR B 253 -26.40 8.12 -61.80
CA TYR B 253 -26.28 8.99 -63.00
C TYR B 253 -24.99 9.82 -63.00
N GLY B 254 -24.64 10.35 -64.18
CA GLY B 254 -23.32 10.97 -64.44
C GLY B 254 -23.38 12.40 -64.94
N ARG B 255 -22.29 12.85 -65.52
CA ARG B 255 -22.14 14.24 -66.02
C ARG B 255 -23.10 14.61 -67.14
N GLU B 256 -23.46 13.60 -67.95
CA GLU B 256 -24.50 13.71 -68.99
C GLU B 256 -25.81 14.39 -68.58
N CYS B 257 -26.26 14.23 -67.34
CA CYS B 257 -27.49 14.90 -66.83
C CYS B 257 -27.42 16.43 -66.81
N ASP B 258 -26.24 17.00 -66.63
CA ASP B 258 -26.03 18.46 -66.82
C ASP B 258 -26.16 18.90 -68.29
N TRP B 259 -25.69 18.04 -69.20
CA TRP B 259 -25.79 18.34 -70.64
C TRP B 259 -27.22 18.33 -71.17
N TRP B 260 -28.11 17.53 -70.56
CA TRP B 260 -29.56 17.60 -70.81
C TRP B 260 -30.05 19.01 -70.57
N SER B 261 -29.70 19.55 -69.41
CA SER B 261 -30.13 20.90 -69.01
C SER B 261 -29.66 22.03 -69.95
N VAL B 262 -28.49 21.86 -70.59
CA VAL B 262 -28.01 22.82 -71.63
C VAL B 262 -28.90 22.73 -72.90
N GLY B 263 -29.28 21.50 -73.27
CA GLY B 263 -30.33 21.27 -74.25
C GLY B 263 -31.61 22.04 -73.99
N VAL B 264 -32.10 21.97 -72.74
CA VAL B 264 -33.31 22.70 -72.30
C VAL B 264 -33.10 24.24 -72.29
N PHE B 265 -31.91 24.67 -71.86
CA PHE B 265 -31.55 26.11 -71.81
C PHE B 265 -31.60 26.76 -73.19
N LEU B 266 -30.91 26.15 -74.15
CA LEU B 266 -30.84 26.65 -75.52
C LEU B 266 -32.22 26.69 -76.19
N TYR B 267 -33.05 25.66 -75.94
CA TYR B 267 -34.44 25.67 -76.38
C TYR B 267 -35.17 26.87 -75.78
N GLU B 268 -35.06 27.06 -74.45
CA GLU B 268 -35.74 28.19 -73.80
C GLU B 268 -35.32 29.55 -74.36
N MET B 269 -34.03 29.72 -74.62
CA MET B 269 -33.53 31.00 -75.17
C MET B 269 -34.05 31.31 -76.56
N LEU B 270 -34.02 30.33 -77.46
CA LEU B 270 -34.45 30.53 -78.85
C LEU B 270 -35.98 30.56 -79.05
N VAL B 271 -36.71 29.66 -78.35
CA VAL B 271 -38.16 29.54 -78.48
C VAL B 271 -38.88 30.52 -77.59
N GLY B 272 -38.42 30.68 -76.35
CA GLY B 272 -39.10 31.52 -75.34
C GLY B 272 -40.05 30.80 -74.39
N ASP B 273 -40.19 29.49 -74.55
CA ASP B 273 -40.90 28.62 -73.61
C ASP B 273 -40.02 27.42 -73.33
N THR B 274 -40.36 26.70 -72.27
CA THR B 274 -39.67 25.45 -71.91
C THR B 274 -40.17 24.33 -72.85
N PRO B 275 -39.28 23.43 -73.33
CA PRO B 275 -39.70 22.36 -74.27
C PRO B 275 -40.71 21.35 -73.74
N PHE B 276 -40.73 21.09 -72.44
CA PHE B 276 -41.70 20.16 -71.84
C PHE B 276 -42.66 20.86 -70.87
N TYR B 277 -43.07 22.09 -71.23
CA TYR B 277 -43.99 22.88 -70.41
C TYR B 277 -45.35 22.18 -70.25
N ALA B 278 -45.93 22.28 -69.06
CA ALA B 278 -47.36 21.98 -68.82
C ALA B 278 -47.91 22.78 -67.65
N ASP B 279 -49.24 22.74 -67.51
CA ASP B 279 -49.96 23.43 -66.42
C ASP B 279 -49.68 22.79 -65.06
N SER B 280 -49.76 21.46 -65.01
CA SER B 280 -49.34 20.66 -63.85
C SER B 280 -47.87 20.22 -63.94
N LEU B 281 -47.28 19.92 -62.79
CA LEU B 281 -45.95 19.27 -62.71
C LEU B 281 -45.95 17.86 -63.30
N VAL B 282 -47.01 17.08 -63.03
CA VAL B 282 -47.16 15.72 -63.60
C VAL B 282 -47.20 15.70 -65.15
N GLY B 283 -47.81 16.72 -65.74
CA GLY B 283 -47.78 16.94 -67.18
C GLY B 283 -46.38 17.18 -67.75
N THR B 284 -45.57 17.95 -67.00
CA THR B 284 -44.15 18.20 -67.34
C THR B 284 -43.32 16.92 -67.22
N TYR B 285 -43.45 16.23 -66.08
CA TYR B 285 -42.81 14.92 -65.84
C TYR B 285 -43.13 13.91 -66.96
N SER B 286 -44.39 13.87 -67.38
CA SER B 286 -44.85 12.94 -68.43
C SER B 286 -44.30 13.31 -69.82
N LYS B 287 -44.25 14.61 -70.13
CA LYS B 287 -43.61 15.10 -71.37
C LYS B 287 -42.10 14.85 -71.46
N ILE B 288 -41.38 15.08 -70.35
CA ILE B 288 -39.91 14.84 -70.26
C ILE B 288 -39.56 13.37 -70.53
N MET B 289 -40.30 12.45 -69.89
CA MET B 289 -40.12 11.00 -70.11
C MET B 289 -40.46 10.57 -71.55
N ASP B 290 -41.43 11.25 -72.17
CA ASP B 290 -41.85 11.03 -73.57
C ASP B 290 -41.14 11.97 -74.58
N HIS B 291 -39.87 12.26 -74.33
CA HIS B 291 -39.11 13.29 -75.09
C HIS B 291 -38.88 12.98 -76.57
N LYS B 292 -38.73 11.69 -76.90
CA LYS B 292 -38.63 11.26 -78.31
C LYS B 292 -39.77 11.81 -79.18
N ASN B 293 -40.99 11.82 -78.60
CA ASN B 293 -42.23 12.28 -79.25
C ASN B 293 -42.70 13.70 -78.87
N SER B 294 -42.48 14.12 -77.63
CA SER B 294 -43.00 15.41 -77.12
C SER B 294 -42.15 16.63 -77.49
N LEU B 295 -40.85 16.46 -77.77
CA LEU B 295 -40.00 17.55 -78.27
C LEU B 295 -40.47 18.00 -79.65
N CYS B 296 -40.88 19.26 -79.75
CA CYS B 296 -41.56 19.77 -80.95
C CYS B 296 -41.27 21.27 -81.09
N PHE B 297 -40.57 21.62 -82.16
CA PHE B 297 -40.19 23.01 -82.44
C PHE B 297 -41.39 23.71 -83.08
N PRO B 298 -41.90 24.81 -82.47
CA PRO B 298 -43.08 25.46 -83.09
C PRO B 298 -42.78 26.08 -84.45
N GLU B 299 -43.76 26.03 -85.36
CA GLU B 299 -43.56 26.46 -86.76
C GLU B 299 -43.29 27.97 -86.94
N ASP B 300 -43.72 28.78 -85.96
CA ASP B 300 -43.40 30.22 -85.90
C ASP B 300 -42.08 30.60 -85.20
N ALA B 301 -41.32 29.63 -84.68
CA ALA B 301 -40.08 29.89 -83.94
C ALA B 301 -38.89 30.12 -84.89
N GLU B 302 -38.21 31.26 -84.71
CA GLU B 302 -37.02 31.60 -85.49
C GLU B 302 -35.82 30.81 -84.94
N ILE B 303 -35.57 29.64 -85.53
CA ILE B 303 -34.48 28.72 -85.11
C ILE B 303 -33.88 28.00 -86.34
N SER B 304 -32.55 27.86 -86.37
CA SER B 304 -31.82 27.25 -87.50
C SER B 304 -31.79 25.73 -87.43
N LYS B 305 -31.35 25.10 -88.52
CA LYS B 305 -31.22 23.62 -88.60
C LYS B 305 -30.16 23.12 -87.60
N HIS B 306 -29.01 23.79 -87.59
CA HIS B 306 -27.92 23.49 -86.64
C HIS B 306 -28.34 23.64 -85.17
N ALA B 307 -29.12 24.67 -84.85
CA ALA B 307 -29.62 24.86 -83.48
C ALA B 307 -30.62 23.79 -83.05
N LYS B 308 -31.52 23.38 -83.97
CA LYS B 308 -32.40 22.20 -83.75
C LYS B 308 -31.61 20.89 -83.56
N ASN B 309 -30.50 20.74 -84.28
CA ASN B 309 -29.61 19.57 -84.20
C ASN B 309 -28.98 19.43 -82.81
N LEU B 310 -28.35 20.50 -82.34
CA LEU B 310 -27.71 20.54 -81.02
C LEU B 310 -28.68 20.28 -79.87
N ILE B 311 -29.84 20.94 -79.90
CA ILE B 311 -30.88 20.74 -78.88
C ILE B 311 -31.26 19.28 -78.85
N CYS B 312 -31.66 18.76 -80.00
CA CYS B 312 -32.00 17.34 -80.16
C CYS B 312 -30.89 16.38 -79.75
N ALA B 313 -29.63 16.76 -79.97
CA ALA B 313 -28.47 15.96 -79.54
C ALA B 313 -28.35 15.86 -78.02
N PHE B 314 -28.64 16.96 -77.33
CA PHE B 314 -28.69 16.97 -75.86
C PHE B 314 -29.93 16.28 -75.29
N LEU B 315 -31.10 16.43 -75.93
CA LEU B 315 -32.38 15.97 -75.37
C LEU B 315 -32.72 14.56 -75.85
N THR B 316 -31.86 13.62 -75.43
CA THR B 316 -31.94 12.20 -75.76
C THR B 316 -31.75 11.38 -74.48
N ASP B 317 -31.89 10.06 -74.62
CA ASP B 317 -31.51 9.11 -73.56
C ASP B 317 -30.01 9.23 -73.26
N ARG B 318 -29.66 9.08 -71.97
CA ARG B 318 -28.27 9.21 -71.46
C ARG B 318 -27.21 8.44 -72.22
N GLU B 319 -27.56 7.21 -72.61
CA GLU B 319 -26.64 6.24 -73.26
C GLU B 319 -25.99 6.74 -74.56
N VAL B 320 -26.67 7.64 -75.28
CA VAL B 320 -26.22 8.18 -76.57
C VAL B 320 -26.20 9.73 -76.60
N ARG B 321 -26.21 10.36 -75.42
CA ARG B 321 -26.33 11.83 -75.31
C ARG B 321 -25.01 12.54 -75.60
N LEU B 322 -25.10 13.77 -76.13
CA LEU B 322 -23.91 14.58 -76.44
C LEU B 322 -23.26 15.04 -75.15
N GLY B 323 -21.92 14.99 -75.10
CA GLY B 323 -21.15 15.19 -73.87
C GLY B 323 -20.87 13.95 -73.02
N ARG B 324 -21.43 12.81 -73.40
CA ARG B 324 -21.06 11.50 -72.82
C ARG B 324 -19.60 11.18 -73.08
N ASN B 325 -19.14 11.44 -74.31
CA ASN B 325 -17.76 11.23 -74.75
C ASN B 325 -16.96 12.55 -74.76
N GLY B 326 -16.98 13.25 -73.63
CA GLY B 326 -16.25 14.49 -73.44
C GLY B 326 -16.85 15.72 -74.07
N VAL B 327 -16.30 16.87 -73.66
CA VAL B 327 -16.70 18.20 -74.18
C VAL B 327 -16.32 18.46 -75.66
N GLU B 328 -15.24 17.85 -76.14
CA GLU B 328 -14.70 18.10 -77.50
C GLU B 328 -15.74 17.98 -78.63
N GLU B 329 -16.56 16.93 -78.58
CA GLU B 329 -17.66 16.75 -79.54
C GLU B 329 -18.78 17.81 -79.46
N ILE B 330 -18.99 18.42 -78.29
CA ILE B 330 -19.84 19.62 -78.15
C ILE B 330 -19.17 20.82 -78.85
N ARG B 331 -17.87 21.00 -78.66
CA ARG B 331 -17.14 22.15 -79.22
C ARG B 331 -17.06 22.18 -80.76
N GLN B 332 -16.90 21.02 -81.39
CA GLN B 332 -16.83 20.93 -82.86
C GLN B 332 -18.20 20.87 -83.59
N HIS B 333 -19.33 20.93 -82.85
CA HIS B 333 -20.68 21.01 -83.44
C HIS B 333 -20.85 22.32 -84.26
N PRO B 334 -21.43 22.23 -85.50
CA PRO B 334 -21.45 23.41 -86.41
C PRO B 334 -22.22 24.66 -85.93
N PHE B 335 -23.30 24.48 -85.17
CA PHE B 335 -23.96 25.57 -84.41
C PHE B 335 -23.04 26.64 -83.83
N PHE B 336 -21.99 26.20 -83.13
CA PHE B 336 -21.01 27.11 -82.51
C PHE B 336 -20.04 27.83 -83.47
N LYS B 337 -20.08 27.54 -84.78
CA LYS B 337 -19.30 28.30 -85.79
C LYS B 337 -19.77 29.75 -85.84
N ASN B 338 -18.83 30.70 -85.82
CA ASN B 338 -19.13 32.14 -85.88
C ASN B 338 -17.91 33.01 -86.16
N ASP B 339 -18.17 34.25 -86.55
CA ASP B 339 -17.13 35.26 -86.85
C ASP B 339 -16.61 36.06 -85.63
N GLN B 340 -17.26 35.94 -84.47
CA GLN B 340 -17.03 36.85 -83.30
C GLN B 340 -16.01 36.36 -82.24
N TRP B 341 -16.02 35.06 -81.93
CA TRP B 341 -15.18 34.47 -80.88
C TRP B 341 -14.71 33.06 -81.21
N HIS B 342 -13.60 32.66 -80.59
CA HIS B 342 -13.13 31.27 -80.52
C HIS B 342 -13.32 30.75 -79.09
N TRP B 343 -13.23 29.43 -78.94
CA TRP B 343 -13.43 28.76 -77.64
C TRP B 343 -12.41 29.16 -76.57
N ASP B 344 -11.17 29.39 -76.99
CA ASP B 344 -10.05 29.77 -76.10
C ASP B 344 -9.94 31.26 -75.78
N ASN B 345 -10.75 32.12 -76.44
CA ASN B 345 -10.84 33.55 -76.12
C ASN B 345 -12.27 34.13 -75.90
N ILE B 346 -13.30 33.28 -75.86
CA ILE B 346 -14.72 33.72 -75.77
C ILE B 346 -14.99 34.72 -74.65
N ARG B 347 -14.45 34.42 -73.47
CA ARG B 347 -14.69 35.26 -72.28
C ARG B 347 -13.97 36.64 -72.29
N GLU B 348 -13.04 36.83 -73.22
CA GLU B 348 -12.33 38.11 -73.44
C GLU B 348 -12.83 38.91 -74.67
N THR B 349 -13.84 38.41 -75.39
CA THR B 349 -14.58 39.19 -76.42
C THR B 349 -15.77 39.92 -75.80
N ALA B 350 -16.37 40.81 -76.58
CA ALA B 350 -17.47 41.66 -76.10
C ALA B 350 -18.73 40.85 -75.91
N ALA B 351 -19.32 40.93 -74.73
CA ALA B 351 -20.57 40.23 -74.44
C ALA B 351 -21.74 40.88 -75.20
N PRO B 352 -22.80 40.10 -75.52
CA PRO B 352 -24.01 40.66 -76.15
C PRO B 352 -24.64 41.87 -75.44
N VAL B 353 -24.73 41.80 -74.11
CA VAL B 353 -25.47 42.76 -73.28
C VAL B 353 -24.55 43.13 -72.10
N VAL B 354 -23.88 44.26 -72.26
CA VAL B 354 -23.13 44.90 -71.18
C VAL B 354 -24.16 45.53 -70.22
N PRO B 355 -24.14 45.19 -68.92
CA PRO B 355 -25.05 45.94 -68.00
C PRO B 355 -24.66 47.41 -67.83
N GLU B 356 -25.65 48.29 -67.99
CA GLU B 356 -25.55 49.71 -67.66
C GLU B 356 -25.94 49.80 -66.19
N LEU B 357 -24.99 50.14 -65.35
CA LEU B 357 -25.15 50.17 -63.89
C LEU B 357 -24.86 51.58 -63.40
N SER B 358 -25.64 52.03 -62.40
CA SER B 358 -25.48 53.38 -61.82
C SER B 358 -24.57 53.46 -60.59
N SER B 359 -24.23 52.33 -59.98
CA SER B 359 -23.39 52.31 -58.76
C SER B 359 -22.88 50.93 -58.44
N ASP B 360 -21.96 50.86 -57.49
CA ASP B 360 -21.52 49.57 -56.90
C ASP B 360 -22.61 48.77 -56.13
N ILE B 361 -23.72 49.43 -55.74
CA ILE B 361 -24.92 48.77 -55.15
C ILE B 361 -26.17 48.66 -56.08
N ASP B 362 -26.00 48.84 -57.39
CA ASP B 362 -27.11 48.72 -58.36
C ASP B 362 -27.59 47.28 -58.45
N SER B 363 -28.77 47.00 -57.89
CA SER B 363 -29.43 45.67 -57.99
C SER B 363 -30.70 45.69 -58.84
N SER B 364 -30.72 46.55 -59.87
CA SER B 364 -31.87 46.66 -60.80
C SER B 364 -32.15 45.39 -61.63
N ASN B 365 -31.09 44.62 -61.93
CA ASN B 365 -31.19 43.32 -62.62
C ASN B 365 -31.61 42.13 -61.72
N PHE B 366 -31.88 42.37 -60.43
CA PHE B 366 -32.45 41.38 -59.52
C PHE B 366 -33.83 41.82 -59.08
N ASP B 367 -34.79 40.90 -59.10
CA ASP B 367 -36.19 41.19 -58.71
C ASP B 367 -36.28 41.45 -57.20
N ASP B 368 -37.22 42.31 -56.81
CA ASP B 368 -37.45 42.63 -55.39
C ASP B 368 -37.98 41.40 -54.64
N ILE B 369 -37.63 41.32 -53.35
CA ILE B 369 -37.93 40.17 -52.50
C ILE B 369 -38.60 40.65 -51.19
N GLU B 370 -39.56 39.84 -50.72
CA GLU B 370 -40.35 40.13 -49.51
C GLU B 370 -40.48 38.86 -48.68
N ASP B 371 -40.28 38.99 -47.36
CA ASP B 371 -40.39 37.86 -46.43
C ASP B 371 -41.85 37.63 -46.09
N GLU B 377 -36.56 30.71 -35.81
CA GLU B 377 -36.40 30.05 -34.51
C GLU B 377 -35.00 29.42 -34.31
N THR B 378 -34.54 29.46 -33.06
CA THR B 378 -33.22 29.00 -32.65
C THR B 378 -33.27 27.61 -32.03
N PHE B 379 -32.09 27.07 -31.71
CA PHE B 379 -31.98 25.81 -30.94
C PHE B 379 -32.51 26.06 -29.52
N PRO B 380 -33.22 25.07 -28.92
CA PRO B 380 -33.58 25.21 -27.50
C PRO B 380 -32.35 25.12 -26.57
N ILE B 381 -32.49 25.64 -25.36
CA ILE B 381 -31.45 25.58 -24.33
C ILE B 381 -31.41 24.11 -23.92
N PRO B 382 -30.31 23.40 -24.24
CA PRO B 382 -30.31 21.96 -24.02
C PRO B 382 -30.06 21.55 -22.56
N LYS B 383 -30.55 20.38 -22.19
CA LYS B 383 -30.41 19.81 -20.84
C LYS B 383 -29.05 19.11 -20.66
N ALA B 384 -28.55 18.49 -21.73
CA ALA B 384 -27.20 17.91 -21.80
C ALA B 384 -26.51 18.29 -23.11
N PHE B 385 -25.27 17.83 -23.27
CA PHE B 385 -24.53 18.03 -24.53
C PHE B 385 -25.27 17.38 -25.70
N VAL B 386 -25.59 18.19 -26.72
CA VAL B 386 -26.18 17.72 -28.00
C VAL B 386 -25.33 17.96 -29.27
N GLY B 387 -24.37 18.88 -29.22
CA GLY B 387 -23.38 19.06 -30.28
C GLY B 387 -23.90 19.70 -31.55
N ASN B 388 -24.79 20.69 -31.43
CA ASN B 388 -25.40 21.37 -32.58
C ASN B 388 -24.41 22.12 -33.47
N GLN B 389 -23.28 22.55 -32.91
CA GLN B 389 -22.19 23.21 -33.67
C GLN B 389 -21.14 22.29 -34.31
N LEU B 390 -21.11 21.01 -33.92
CA LEU B 390 -20.16 20.04 -34.47
C LEU B 390 -20.21 19.86 -36.00
N PRO B 391 -21.42 19.89 -36.61
CA PRO B 391 -21.50 19.82 -38.06
C PRO B 391 -20.78 20.92 -38.85
N PHE B 392 -20.62 22.08 -38.24
CA PHE B 392 -20.10 23.29 -38.89
C PHE B 392 -18.64 23.61 -38.57
N ILE B 393 -17.96 22.73 -37.82
CA ILE B 393 -16.53 22.88 -37.54
C ILE B 393 -15.73 22.70 -38.84
N GLY B 394 -14.89 23.68 -39.14
CA GLY B 394 -14.06 23.71 -40.34
C GLY B 394 -14.63 24.53 -41.47
N PHE B 395 -15.81 25.14 -41.28
CA PHE B 395 -16.43 25.96 -42.31
C PHE B 395 -15.73 27.31 -42.55
N THR B 396 -15.06 27.86 -41.54
CA THR B 396 -14.44 29.17 -41.67
C THR B 396 -13.26 29.11 -42.64
N TYR B 397 -13.25 30.04 -43.61
CA TYR B 397 -12.18 30.19 -44.59
C TYR B 397 -11.92 31.68 -44.77
N TYR B 398 -10.65 32.11 -44.64
CA TYR B 398 -10.20 33.47 -44.97
C TYR B 398 -9.28 33.40 -46.18
N ARG B 399 -9.60 34.12 -47.25
CA ARG B 399 -8.75 34.17 -48.47
C ARG B 399 -7.45 34.94 -48.19
N ALA C 6 5.69 -27.59 52.45
CA ALA C 6 4.18 -27.57 52.50
C ALA C 6 3.60 -26.17 52.27
N SER C 7 3.99 -25.22 53.13
CA SER C 7 3.52 -23.83 53.06
C SER C 7 4.17 -23.06 51.91
N ARG C 8 5.49 -23.17 51.80
CA ARG C 8 6.21 -22.67 50.62
C ARG C 8 5.82 -23.36 49.30
N GLN C 9 5.46 -24.64 49.37
CA GLN C 9 4.95 -25.39 48.21
C GLN C 9 3.52 -24.95 47.84
N ARG C 10 2.67 -24.69 48.83
CA ARG C 10 1.30 -24.15 48.59
C ARG C 10 1.27 -22.76 47.96
N LYS C 11 2.22 -21.89 48.32
CA LYS C 11 2.39 -20.55 47.68
C LYS C 11 2.83 -20.64 46.21
N LEU C 12 3.78 -21.54 45.95
CA LEU C 12 4.24 -21.81 44.58
C LEU C 12 3.15 -22.42 43.68
N GLU C 13 2.38 -23.36 44.22
CA GLU C 13 1.24 -23.98 43.51
C GLU C 13 0.10 -22.99 43.20
N ALA C 14 -0.12 -22.02 44.09
CA ALA C 14 -1.14 -20.97 43.89
C ALA C 14 -0.73 -19.98 42.79
N LEU C 15 0.53 -19.54 42.81
CA LEU C 15 1.11 -18.73 41.72
C LEU C 15 0.95 -19.37 40.34
N ILE C 16 1.09 -20.68 40.26
CA ILE C 16 0.91 -21.43 39.01
C ILE C 16 -0.56 -21.61 38.62
N ARG C 17 -1.44 -21.85 39.59
CA ARG C 17 -2.90 -21.97 39.37
C ARG C 17 -3.56 -20.70 38.78
N ASP C 18 -3.06 -19.54 39.20
CA ASP C 18 -3.67 -18.23 38.91
C ASP C 18 -3.65 -17.93 37.40
N PRO C 19 -4.84 -17.71 36.76
CA PRO C 19 -4.82 -17.37 35.32
C PRO C 19 -4.17 -16.03 34.96
N ARG C 20 -4.13 -15.09 35.92
CA ARG C 20 -3.41 -13.82 35.79
C ARG C 20 -1.87 -13.88 35.91
N SER C 21 -1.33 -15.00 36.42
CA SER C 21 0.10 -15.09 36.77
C SER C 21 1.03 -15.17 35.55
N PRO C 22 2.21 -14.49 35.60
CA PRO C 22 3.22 -14.74 34.55
C PRO C 22 3.81 -16.15 34.52
N ILE C 23 3.70 -16.90 35.61
CA ILE C 23 4.14 -18.30 35.70
C ILE C 23 2.98 -19.31 35.82
N ASN C 24 1.85 -19.03 35.17
CA ASN C 24 0.82 -20.06 34.92
C ASN C 24 1.36 -21.16 34.01
N VAL C 25 0.63 -22.26 33.90
CA VAL C 25 1.08 -23.45 33.16
C VAL C 25 1.28 -23.11 31.65
N GLU C 26 0.34 -22.38 31.07
CA GLU C 26 0.42 -21.91 29.68
C GLU C 26 1.64 -21.03 29.38
N SER C 27 1.98 -20.13 30.30
CA SER C 27 3.19 -19.29 30.20
C SER C 27 4.48 -20.11 30.25
N LEU C 28 4.52 -21.07 31.17
CA LEU C 28 5.69 -21.92 31.31
C LEU C 28 5.94 -22.79 30.06
N LEU C 29 4.84 -23.29 29.48
CA LEU C 29 4.89 -23.95 28.17
C LEU C 29 5.35 -23.03 27.05
N ASP C 30 4.88 -21.78 27.06
CA ASP C 30 5.37 -20.76 26.10
C ASP C 30 6.87 -20.57 26.20
N GLY C 31 7.38 -20.50 27.43
CA GLY C 31 8.82 -20.49 27.70
C GLY C 31 9.61 -21.66 27.10
N LEU C 32 9.06 -22.86 27.22
CA LEU C 32 9.67 -24.07 26.64
C LEU C 32 9.66 -24.05 25.11
N ASN C 33 8.48 -23.80 24.53
CA ASN C 33 8.31 -23.68 23.06
C ASN C 33 9.18 -22.61 22.45
N SER C 34 9.11 -21.41 23.02
CA SER C 34 9.90 -20.26 22.55
C SER C 34 11.40 -20.56 22.54
N LEU C 35 11.87 -21.16 23.62
CA LEU C 35 13.26 -21.58 23.77
C LEU C 35 13.67 -22.58 22.70
N VAL C 36 12.83 -23.58 22.47
CA VAL C 36 13.09 -24.57 21.42
C VAL C 36 13.12 -23.91 20.02
N LEU C 37 12.17 -23.04 19.73
CA LEU C 37 12.13 -22.30 18.44
C LEU C 37 13.32 -21.37 18.24
N ASP C 38 13.72 -20.66 19.29
CA ASP C 38 14.90 -19.78 19.26
C ASP C 38 16.23 -20.53 19.14
N LEU C 39 16.29 -21.74 19.69
CA LEU C 39 17.52 -22.57 19.66
C LEU C 39 17.66 -23.54 18.46
N ASP C 40 16.56 -24.05 17.92
CA ASP C 40 16.57 -25.09 16.85
C ASP C 40 16.88 -24.48 15.48
N PHE C 41 18.18 -24.25 15.27
CA PHE C 41 18.75 -23.81 14.00
C PHE C 41 20.15 -24.46 13.89
N PRO C 42 20.54 -24.94 12.68
CA PRO C 42 21.75 -25.79 12.56
C PRO C 42 23.05 -25.21 13.15
N ALA C 43 23.27 -23.91 12.98
CA ALA C 43 24.48 -23.20 13.48
C ALA C 43 24.58 -23.15 15.00
N LEU C 44 23.43 -22.97 15.67
CA LEU C 44 23.37 -22.99 17.16
C LEU C 44 23.60 -24.39 17.74
N ARG C 45 23.12 -25.43 17.04
CA ARG C 45 23.39 -26.85 17.44
C ARG C 45 24.87 -27.33 17.34
N LYS C 46 25.77 -26.51 16.77
CA LYS C 46 27.22 -26.67 16.96
C LYS C 46 27.64 -26.59 18.45
N ASN C 47 26.85 -25.89 19.27
CA ASN C 47 26.94 -25.95 20.73
C ASN C 47 26.35 -27.27 21.25
N LYS C 48 27.16 -28.03 22.02
CA LYS C 48 26.76 -29.31 22.62
C LYS C 48 25.60 -29.16 23.62
N ASN C 49 25.65 -28.10 24.45
CA ASN C 49 24.56 -27.77 25.38
C ASN C 49 23.20 -27.65 24.70
N ILE C 50 23.19 -26.93 23.57
CA ILE C 50 21.97 -26.69 22.80
C ILE C 50 21.52 -27.98 22.09
N ASP C 51 22.45 -28.67 21.43
CA ASP C 51 22.12 -29.86 20.66
C ASP C 51 21.55 -30.99 21.53
N ASN C 52 22.18 -31.22 22.67
CA ASN C 52 21.74 -32.23 23.64
C ASN C 52 20.40 -31.88 24.27
N PHE C 53 20.21 -30.62 24.62
CA PHE C 53 18.93 -30.11 25.13
C PHE C 53 17.79 -30.34 24.17
N LEU C 54 18.01 -30.02 22.90
CA LEU C 54 17.00 -30.21 21.86
C LEU C 54 16.68 -31.70 21.60
N ASN C 55 17.70 -32.55 21.62
CA ASN C 55 17.50 -34.01 21.52
C ASN C 55 16.61 -34.55 22.64
N ARG C 56 16.88 -34.11 23.86
CA ARG C 56 16.06 -34.43 25.05
C ARG C 56 14.60 -34.02 24.92
N TYR C 57 14.35 -32.81 24.42
CA TYR C 57 12.99 -32.25 24.30
C TYR C 57 12.40 -32.31 22.87
N GLU C 58 12.94 -33.18 22.00
CA GLU C 58 12.49 -33.30 20.61
C GLU C 58 11.08 -33.89 20.49
N LYS C 59 10.91 -35.08 21.07
CA LYS C 59 9.65 -35.84 21.04
C LYS C 59 8.49 -35.11 21.77
N ILE C 60 8.75 -34.72 23.02
CA ILE C 60 7.72 -34.12 23.88
C ILE C 60 7.17 -32.77 23.33
N VAL C 61 8.03 -31.95 22.74
CA VAL C 61 7.63 -30.68 22.08
C VAL C 61 6.84 -30.94 20.81
N LYS C 62 7.17 -31.99 20.06
CA LYS C 62 6.32 -32.46 18.96
C LYS C 62 4.91 -32.87 19.47
N LYS C 63 4.88 -33.63 20.58
CA LYS C 63 3.61 -34.06 21.19
C LYS C 63 2.76 -32.89 21.75
N ILE C 64 3.41 -31.88 22.34
CA ILE C 64 2.74 -30.64 22.79
C ILE C 64 2.17 -29.86 21.61
N ARG C 65 2.96 -29.72 20.54
CA ARG C 65 2.54 -28.98 19.33
C ARG C 65 1.31 -29.56 18.69
N GLY C 66 1.23 -30.89 18.65
CA GLY C 66 0.01 -31.60 18.24
C GLY C 66 -1.19 -31.34 19.15
N LEU C 67 -0.99 -31.47 20.46
CA LEU C 67 -2.07 -31.29 21.45
C LEU C 67 -2.58 -29.87 21.63
N GLN C 68 -1.68 -28.89 21.62
CA GLN C 68 -2.02 -27.48 21.87
C GLN C 68 -2.82 -26.86 20.73
N MET C 69 -3.60 -25.83 21.07
CA MET C 69 -4.42 -25.09 20.11
C MET C 69 -3.55 -24.38 19.09
N LYS C 70 -4.03 -24.37 17.84
CA LYS C 70 -3.31 -23.84 16.70
C LYS C 70 -4.23 -23.42 15.56
N ALA C 71 -3.67 -22.64 14.63
CA ALA C 71 -4.39 -22.07 13.46
C ALA C 71 -5.03 -23.12 12.55
N GLU C 72 -4.40 -24.29 12.45
CA GLU C 72 -4.93 -25.44 11.69
C GLU C 72 -6.19 -26.09 12.30
N ASP C 73 -6.50 -25.76 13.56
CA ASP C 73 -7.80 -26.13 14.18
C ASP C 73 -9.00 -25.29 13.71
N TYR C 74 -8.74 -24.24 12.90
CA TYR C 74 -9.75 -23.29 12.43
C TYR C 74 -9.76 -23.20 10.89
N ASP C 75 -10.96 -23.24 10.29
CA ASP C 75 -11.17 -22.89 8.88
C ASP C 75 -11.32 -21.38 8.78
N VAL C 76 -10.54 -20.74 7.91
CA VAL C 76 -10.71 -19.32 7.58
C VAL C 76 -11.87 -19.22 6.58
N VAL C 77 -12.89 -18.42 6.92
CA VAL C 77 -14.10 -18.22 6.11
C VAL C 77 -13.96 -16.95 5.27
N LYS C 78 -13.58 -15.86 5.93
CA LYS C 78 -13.36 -14.57 5.27
C LYS C 78 -12.44 -13.66 6.10
N VAL C 79 -11.78 -12.71 5.42
CA VAL C 79 -11.05 -11.62 6.06
C VAL C 79 -12.05 -10.49 6.27
N ILE C 80 -12.23 -10.07 7.52
CA ILE C 80 -13.19 -8.99 7.89
C ILE C 80 -12.52 -7.72 8.43
N GLY C 81 -11.20 -7.70 8.55
CA GLY C 81 -10.46 -6.51 9.01
C GLY C 81 -8.99 -6.58 8.63
N ARG C 82 -8.37 -5.41 8.54
CA ARG C 82 -6.92 -5.27 8.37
C ARG C 82 -6.48 -4.17 9.33
N GLY C 83 -5.36 -4.41 10.01
CA GLY C 83 -4.68 -3.42 10.84
C GLY C 83 -3.19 -3.35 10.54
N ALA C 84 -2.48 -2.52 11.28
CA ALA C 84 -1.06 -2.23 11.04
C ALA C 84 -0.16 -3.48 11.12
N PHE C 85 -0.43 -4.36 12.09
CA PHE C 85 0.38 -5.56 12.38
C PHE C 85 -0.25 -6.92 12.02
N GLY C 86 -1.34 -6.91 11.26
CA GLY C 86 -2.02 -8.14 10.84
C GLY C 86 -3.42 -7.93 10.32
N GLU C 87 -4.24 -8.97 10.46
CA GLU C 87 -5.61 -8.99 9.92
C GLU C 87 -6.59 -9.66 10.88
N VAL C 88 -7.88 -9.51 10.57
CA VAL C 88 -8.97 -10.14 11.31
C VAL C 88 -9.63 -11.15 10.36
N GLN C 89 -9.76 -12.39 10.83
CA GLN C 89 -10.39 -13.48 10.09
C GLN C 89 -11.64 -13.92 10.81
N LEU C 90 -12.75 -14.00 10.07
CA LEU C 90 -13.90 -14.78 10.50
C LEU C 90 -13.51 -16.25 10.33
N VAL C 91 -13.58 -17.00 11.43
CA VAL C 91 -13.17 -18.41 11.47
C VAL C 91 -14.23 -19.34 12.07
N ARG C 92 -14.15 -20.62 11.73
CA ARG C 92 -14.95 -21.67 12.35
C ARG C 92 -13.99 -22.69 12.91
N HIS C 93 -14.10 -22.95 14.22
CA HIS C 93 -13.32 -24.01 14.86
C HIS C 93 -13.85 -25.35 14.37
N LYS C 94 -12.97 -26.23 13.90
CA LYS C 94 -13.38 -27.44 13.15
C LYS C 94 -14.17 -28.46 13.96
N ALA C 95 -13.68 -28.78 15.16
CA ALA C 95 -14.32 -29.76 16.07
C ALA C 95 -15.70 -29.34 16.62
N SER C 96 -15.74 -28.23 17.36
CA SER C 96 -16.97 -27.59 17.84
C SER C 96 -17.93 -26.99 16.80
N GLN C 97 -17.42 -26.67 15.62
CA GLN C 97 -18.16 -25.98 14.54
C GLN C 97 -18.60 -24.54 14.88
N LYS C 98 -18.08 -23.96 15.97
CA LYS C 98 -18.51 -22.63 16.45
C LYS C 98 -17.69 -21.58 15.73
N VAL C 99 -18.30 -20.40 15.54
CA VAL C 99 -17.73 -19.29 14.75
C VAL C 99 -17.17 -18.22 15.68
N TYR C 100 -15.95 -17.77 15.37
CA TYR C 100 -15.26 -16.70 16.11
C TYR C 100 -14.63 -15.69 15.15
N ALA C 101 -14.28 -14.54 15.70
CA ALA C 101 -13.46 -13.55 15.01
C ALA C 101 -12.07 -13.71 15.56
N MET C 102 -11.11 -14.04 14.69
CA MET C 102 -9.69 -14.25 15.07
C MET C 102 -8.82 -13.09 14.58
N LYS C 103 -8.09 -12.45 15.49
CA LYS C 103 -7.14 -11.37 15.16
C LYS C 103 -5.75 -11.94 15.13
N LEU C 104 -5.04 -11.75 14.02
CA LEU C 104 -3.66 -12.17 13.85
C LEU C 104 -2.72 -10.98 14.05
N LEU C 105 -1.58 -11.19 14.72
CA LEU C 105 -0.51 -10.18 14.82
C LEU C 105 0.83 -10.76 14.41
N SER C 106 1.42 -10.18 13.34
CA SER C 106 2.74 -10.54 12.83
C SER C 106 3.85 -10.27 13.84
N LYS C 107 4.54 -11.33 14.26
CA LYS C 107 5.69 -11.19 15.16
C LYS C 107 6.85 -10.42 14.53
N PHE C 108 7.15 -10.71 13.25
CA PHE C 108 8.21 -10.01 12.53
C PHE C 108 8.01 -8.49 12.52
N GLU C 109 6.80 -8.05 12.18
CA GLU C 109 6.50 -6.63 12.05
C GLU C 109 6.56 -5.87 13.38
N MET C 110 5.99 -6.48 14.42
CA MET C 110 6.07 -5.95 15.80
C MET C 110 7.51 -5.70 16.28
N ILE C 111 8.39 -6.67 16.02
CA ILE C 111 9.83 -6.55 16.34
C ILE C 111 10.50 -5.54 15.42
N LYS C 112 10.24 -5.65 14.10
CA LYS C 112 10.84 -4.75 13.09
C LYS C 112 10.49 -3.30 13.36
N ARG C 113 9.23 -3.04 13.70
CA ARG C 113 8.71 -1.70 13.97
C ARG C 113 8.60 -1.35 15.47
N SER C 114 9.50 -1.91 16.31
CA SER C 114 9.71 -1.52 17.73
C SER C 114 8.45 -1.43 18.61
N ASP C 115 7.47 -2.29 18.33
CA ASP C 115 6.15 -2.18 18.93
C ASP C 115 5.62 -3.59 19.23
N SER C 116 6.03 -4.12 20.40
CA SER C 116 5.73 -5.50 20.83
C SER C 116 5.28 -5.64 22.31
N ALA C 117 4.64 -4.61 22.85
CA ALA C 117 4.03 -4.60 24.19
C ALA C 117 2.52 -4.28 24.26
N PHE C 118 1.98 -3.55 23.29
CA PHE C 118 0.55 -3.15 23.26
C PHE C 118 -0.49 -4.26 23.46
N PHE C 119 -0.19 -5.43 22.95
CA PHE C 119 -1.11 -6.61 23.01
C PHE C 119 -1.39 -7.17 24.41
N TRP C 120 -0.55 -6.87 25.40
CA TRP C 120 -0.73 -7.39 26.77
C TRP C 120 -2.00 -6.86 27.41
N GLU C 121 -2.17 -5.53 27.41
CA GLU C 121 -3.41 -4.90 27.87
C GLU C 121 -4.62 -5.27 27.04
N GLU C 122 -4.43 -5.41 25.72
CA GLU C 122 -5.50 -5.84 24.84
C GLU C 122 -5.98 -7.26 25.17
N ARG C 123 -5.03 -8.16 25.45
CA ARG C 123 -5.35 -9.53 25.83
C ARG C 123 -6.06 -9.58 27.18
N ASP C 124 -5.52 -8.84 28.16
CA ASP C 124 -6.06 -8.80 29.51
C ASP C 124 -7.47 -8.21 29.61
N ILE C 125 -7.72 -7.14 28.87
CA ILE C 125 -9.04 -6.47 28.85
C ILE C 125 -10.08 -7.45 28.34
N MET C 126 -9.82 -8.03 27.17
CA MET C 126 -10.77 -8.94 26.54
C MET C 126 -10.94 -10.27 27.29
N ALA C 127 -9.88 -10.76 27.92
CA ALA C 127 -9.92 -12.01 28.73
C ALA C 127 -10.61 -11.87 30.09
N PHE C 128 -10.32 -10.79 30.81
CA PHE C 128 -10.64 -10.66 32.25
C PHE C 128 -11.66 -9.60 32.67
N ALA C 129 -12.10 -8.72 31.76
CA ALA C 129 -13.09 -7.66 32.08
C ALA C 129 -14.45 -8.19 32.65
N ASN C 130 -14.87 -9.38 32.22
CA ASN C 130 -16.15 -10.02 32.58
C ASN C 130 -17.33 -9.05 32.52
N SER C 131 -17.40 -8.36 31.38
CA SER C 131 -18.25 -7.17 31.17
C SER C 131 -18.98 -7.26 29.83
N PRO C 132 -20.30 -6.97 29.82
CA PRO C 132 -21.03 -7.02 28.55
C PRO C 132 -20.65 -5.94 27.53
N TRP C 133 -19.96 -4.87 27.95
CA TRP C 133 -19.49 -3.80 27.07
C TRP C 133 -18.11 -4.03 26.37
N VAL C 134 -17.45 -5.15 26.68
CA VAL C 134 -16.12 -5.48 26.17
C VAL C 134 -16.19 -6.83 25.47
N VAL C 135 -15.63 -6.90 24.26
CA VAL C 135 -15.60 -8.13 23.46
C VAL C 135 -14.82 -9.17 24.27
N GLN C 136 -15.42 -10.33 24.44
CA GLN C 136 -14.84 -11.45 25.16
C GLN C 136 -13.77 -12.14 24.29
N LEU C 137 -12.64 -12.49 24.92
CA LEU C 137 -11.59 -13.34 24.34
C LEU C 137 -11.74 -14.72 24.93
N PHE C 138 -11.90 -15.72 24.07
CA PHE C 138 -11.94 -17.14 24.49
C PHE C 138 -10.58 -17.81 24.51
N TYR C 139 -9.74 -17.50 23.54
CA TYR C 139 -8.43 -18.14 23.37
C TYR C 139 -7.41 -17.14 22.82
N ALA C 140 -6.23 -17.15 23.41
CA ALA C 140 -5.02 -16.56 22.84
C ALA C 140 -4.01 -17.69 22.65
N PHE C 141 -3.44 -17.80 21.47
CA PHE C 141 -2.36 -18.78 21.19
C PHE C 141 -1.36 -18.20 20.19
N GLN C 142 -0.30 -18.96 19.91
CA GLN C 142 0.73 -18.52 18.96
C GLN C 142 1.44 -19.62 18.20
N ASP C 143 1.87 -19.29 16.98
CA ASP C 143 2.81 -20.07 16.17
C ASP C 143 4.16 -19.33 16.23
N ASP C 144 5.14 -19.81 15.48
CA ASP C 144 6.40 -19.09 15.25
C ASP C 144 6.31 -17.74 14.55
N ARG C 145 5.28 -17.54 13.72
CA ARG C 145 5.08 -16.28 12.95
C ARG C 145 4.07 -15.31 13.55
N TYR C 146 3.03 -15.81 14.22
CA TYR C 146 1.87 -14.97 14.67
C TYR C 146 1.39 -15.18 16.10
N LEU C 147 0.80 -14.13 16.67
CA LEU C 147 -0.10 -14.22 17.80
C LEU C 147 -1.53 -14.24 17.25
N TYR C 148 -2.38 -15.08 17.85
CA TYR C 148 -3.79 -15.20 17.50
C TYR C 148 -4.64 -14.85 18.70
N MET C 149 -5.74 -14.13 18.48
CA MET C 149 -6.70 -13.76 19.54
C MET C 149 -8.09 -14.12 19.07
N VAL C 150 -8.65 -15.19 19.64
CA VAL C 150 -9.98 -15.71 19.28
C VAL C 150 -11.01 -15.04 20.20
N MET C 151 -12.02 -14.41 19.59
CA MET C 151 -12.94 -13.49 20.23
C MET C 151 -14.37 -13.82 19.83
N GLU C 152 -15.35 -13.44 20.67
CA GLU C 152 -16.76 -13.60 20.28
C GLU C 152 -17.00 -12.72 19.06
N TYR C 153 -17.59 -13.31 18.02
CA TYR C 153 -17.85 -12.61 16.77
C TYR C 153 -19.02 -11.66 16.99
N MET C 154 -18.90 -10.45 16.45
CA MET C 154 -19.91 -9.38 16.57
C MET C 154 -20.56 -9.12 15.20
N PRO C 155 -21.64 -9.87 14.86
CA PRO C 155 -22.13 -9.88 13.49
C PRO C 155 -22.88 -8.62 13.03
N GLY C 156 -23.26 -7.75 13.96
CA GLY C 156 -23.80 -6.44 13.65
C GLY C 156 -22.87 -5.44 12.99
N GLY C 157 -21.55 -5.65 13.07
CA GLY C 157 -20.56 -4.73 12.51
C GLY C 157 -20.42 -3.47 13.33
N ASP C 158 -19.68 -2.50 12.79
CA ASP C 158 -19.32 -1.29 13.55
C ASP C 158 -20.22 -0.08 13.27
N LEU C 159 -20.11 0.96 14.12
CA LEU C 159 -20.89 2.19 13.96
C LEU C 159 -20.56 3.00 12.68
N VAL C 160 -19.38 2.83 12.09
CA VAL C 160 -19.07 3.38 10.74
C VAL C 160 -20.07 2.79 9.72
N ASN C 161 -20.21 1.46 9.75
CA ASN C 161 -21.14 0.74 8.87
C ASN C 161 -22.59 1.19 9.05
N LEU C 162 -23.05 1.26 10.30
CA LEU C 162 -24.40 1.75 10.63
C LEU C 162 -24.67 3.17 10.12
N MET C 163 -23.78 4.10 10.46
CA MET C 163 -23.88 5.51 10.03
C MET C 163 -23.93 5.73 8.53
N SER C 164 -23.12 4.97 7.76
CA SER C 164 -23.20 5.03 6.29
C SER C 164 -24.48 4.40 5.71
N ASN C 165 -25.09 3.44 6.43
CA ASN C 165 -26.34 2.78 6.00
C ASN C 165 -27.66 3.43 6.46
N TYR C 166 -27.66 4.27 7.48
CA TYR C 166 -28.87 4.95 7.97
C TYR C 166 -28.59 6.41 8.28
N ASP C 167 -29.55 7.30 8.01
CA ASP C 167 -29.57 8.64 8.64
C ASP C 167 -30.03 8.39 10.06
N VAL C 168 -29.18 8.70 11.04
CA VAL C 168 -29.41 8.32 12.44
C VAL C 168 -30.31 9.38 13.09
N PRO C 169 -31.57 9.02 13.47
CA PRO C 169 -32.39 9.98 14.22
C PRO C 169 -31.93 10.12 15.67
N GLU C 170 -32.31 11.21 16.32
CA GLU C 170 -31.83 11.55 17.66
C GLU C 170 -32.17 10.52 18.76
N LYS C 171 -33.31 9.81 18.62
CA LYS C 171 -33.67 8.69 19.51
C LYS C 171 -32.62 7.58 19.46
N TRP C 172 -32.13 7.26 18.26
CA TRP C 172 -31.06 6.26 18.08
C TRP C 172 -29.73 6.78 18.64
N ALA C 173 -29.37 8.01 18.30
CA ALA C 173 -28.10 8.61 18.77
C ALA C 173 -28.03 8.67 20.29
N LYS C 174 -29.16 9.02 20.92
CA LYS C 174 -29.34 8.93 22.38
C LYS C 174 -28.95 7.54 22.92
N PHE C 175 -29.49 6.50 22.29
CA PHE C 175 -29.21 5.09 22.65
C PHE C 175 -27.72 4.71 22.52
N TYR C 176 -27.15 4.87 21.32
CA TYR C 176 -25.74 4.52 21.07
C TYR C 176 -24.77 5.35 21.93
N THR C 177 -25.02 6.65 22.06
CA THR C 177 -24.21 7.49 22.96
C THR C 177 -24.29 7.03 24.42
N ALA C 178 -25.50 6.70 24.87
CA ALA C 178 -25.69 6.16 26.23
C ALA C 178 -24.93 4.83 26.47
N GLU C 179 -24.97 3.94 25.49
CA GLU C 179 -24.19 2.69 25.53
C GLU C 179 -22.67 2.91 25.48
N VAL C 180 -22.20 3.89 24.70
CA VAL C 180 -20.78 4.27 24.71
C VAL C 180 -20.37 4.81 26.09
N VAL C 181 -21.17 5.72 26.67
CA VAL C 181 -20.92 6.25 28.03
C VAL C 181 -20.70 5.15 29.08
N LEU C 182 -21.56 4.12 29.07
CA LEU C 182 -21.42 2.99 30.01
C LEU C 182 -20.27 2.05 29.70
N ALA C 183 -19.97 1.85 28.41
CA ALA C 183 -18.77 1.10 28.00
C ALA C 183 -17.49 1.79 28.47
N LEU C 184 -17.38 3.10 28.22
CA LEU C 184 -16.21 3.86 28.70
C LEU C 184 -16.07 3.89 30.22
N ASP C 185 -17.20 4.05 30.91
CA ASP C 185 -17.23 3.99 32.38
C ASP C 185 -16.72 2.65 32.93
N ALA C 186 -17.04 1.57 32.23
CA ALA C 186 -16.50 0.23 32.54
C ALA C 186 -15.00 0.15 32.33
N ILE C 187 -14.51 0.64 31.18
CA ILE C 187 -13.05 0.72 30.89
C ILE C 187 -12.36 1.58 31.94
N HIS C 188 -12.95 2.73 32.27
CA HIS C 188 -12.35 3.64 33.26
C HIS C 188 -12.31 3.03 34.65
N SER C 189 -13.39 2.33 35.03
CA SER C 189 -13.45 1.56 36.29
C SER C 189 -12.34 0.52 36.43
N MET C 190 -11.92 -0.09 35.31
CA MET C 190 -10.77 -1.03 35.27
C MET C 190 -9.36 -0.37 35.34
N GLY C 191 -9.28 0.95 35.49
CA GLY C 191 -8.01 1.66 35.65
C GLY C 191 -7.33 2.03 34.32
N LEU C 192 -8.14 2.19 33.27
CA LEU C 192 -7.67 2.27 31.89
C LEU C 192 -8.24 3.50 31.18
N ILE C 193 -7.39 4.14 30.35
CA ILE C 193 -7.81 5.12 29.35
C ILE C 193 -7.67 4.45 27.99
N HIS C 194 -8.67 4.64 27.13
CA HIS C 194 -8.76 4.01 25.79
C HIS C 194 -7.84 4.71 24.76
N ARG C 195 -7.89 6.05 24.72
CA ARG C 195 -7.11 6.92 23.81
C ARG C 195 -7.42 6.88 22.31
N ASP C 196 -8.43 6.11 21.91
CA ASP C 196 -8.78 5.92 20.50
C ASP C 196 -10.22 5.41 20.40
N VAL C 197 -11.12 6.22 20.97
CA VAL C 197 -12.56 5.97 20.94
C VAL C 197 -13.03 6.55 19.63
N LYS C 198 -13.65 5.71 18.81
CA LYS C 198 -14.18 6.08 17.50
C LYS C 198 -15.16 5.00 17.03
N PRO C 199 -16.05 5.30 16.06
CA PRO C 199 -17.03 4.31 15.58
C PRO C 199 -16.44 2.99 15.08
N ASP C 200 -15.27 3.05 14.43
CA ASP C 200 -14.47 1.87 14.02
C ASP C 200 -14.28 0.80 15.12
N ASN C 201 -14.17 1.28 16.36
CA ASN C 201 -13.94 0.49 17.56
C ASN C 201 -15.19 0.24 18.41
N MET C 202 -16.36 0.49 17.85
CA MET C 202 -17.64 0.29 18.51
C MET C 202 -18.37 -0.72 17.65
N LEU C 203 -18.53 -1.96 18.15
CA LEU C 203 -19.21 -3.02 17.41
C LEU C 203 -20.53 -3.45 18.03
N LEU C 204 -21.44 -3.91 17.18
CA LEU C 204 -22.78 -4.32 17.57
C LEU C 204 -22.88 -5.84 17.55
N ASP C 205 -23.36 -6.43 18.65
CA ASP C 205 -23.58 -7.89 18.77
C ASP C 205 -24.75 -8.41 17.91
N LYS C 206 -25.07 -9.71 18.01
CA LYS C 206 -26.29 -10.29 17.38
C LYS C 206 -27.62 -9.58 17.70
N HIS C 207 -27.72 -8.98 18.89
CA HIS C 207 -28.91 -8.20 19.29
C HIS C 207 -28.87 -6.68 19.02
N GLY C 208 -27.84 -6.19 18.35
CA GLY C 208 -27.70 -4.77 18.01
C GLY C 208 -27.21 -3.84 19.11
N HIS C 209 -26.56 -4.40 20.12
CA HIS C 209 -26.02 -3.68 21.27
C HIS C 209 -24.51 -3.58 21.22
N LEU C 210 -24.02 -2.45 21.72
CA LEU C 210 -22.64 -2.03 21.58
C LEU C 210 -21.68 -2.85 22.48
N LYS C 211 -20.50 -3.15 21.93
CA LYS C 211 -19.32 -3.50 22.72
C LYS C 211 -18.09 -2.83 22.09
N LEU C 212 -17.13 -2.48 22.94
CA LEU C 212 -15.88 -1.92 22.49
C LEU C 212 -14.94 -3.06 22.10
N ALA C 213 -14.25 -2.90 20.97
CA ALA C 213 -13.13 -3.74 20.54
C ALA C 213 -11.96 -2.84 20.17
N ASP C 214 -10.83 -3.46 19.87
CA ASP C 214 -9.56 -2.79 19.59
C ASP C 214 -9.05 -1.95 20.77
N PHE C 215 -8.29 -2.59 21.65
CA PHE C 215 -7.67 -1.97 22.82
C PHE C 215 -6.14 -1.86 22.67
N GLY C 216 -5.66 -1.68 21.43
CA GLY C 216 -4.23 -1.51 21.14
C GLY C 216 -3.61 -0.21 21.68
N THR C 217 -4.41 0.85 21.84
CA THR C 217 -3.94 2.10 22.43
C THR C 217 -4.32 2.29 23.91
N CYS C 218 -4.76 1.22 24.60
CA CYS C 218 -5.09 1.31 26.03
C CYS C 218 -3.85 1.49 26.88
N MET C 219 -3.95 2.40 27.84
CA MET C 219 -2.90 2.60 28.84
C MET C 219 -3.52 2.47 30.24
N LYS C 220 -2.73 1.92 31.15
CA LYS C 220 -3.09 1.78 32.57
C LYS C 220 -2.80 3.14 33.21
N MET C 221 -3.73 3.67 33.99
CA MET C 221 -3.58 5.01 34.59
C MET C 221 -2.58 5.05 35.74
N ASP C 222 -2.03 6.24 35.97
CA ASP C 222 -1.46 6.63 37.27
C ASP C 222 -2.76 7.14 37.83
N GLU C 223 -3.14 8.40 37.57
CA GLU C 223 -4.36 8.99 38.10
C GLU C 223 -5.62 8.48 37.36
N THR C 235 -6.33 7.96 13.39
CA THR C 235 -7.05 9.00 12.67
C THR C 235 -7.26 10.26 13.52
N PRO C 236 -6.97 11.46 12.98
CA PRO C 236 -7.06 12.70 13.75
C PRO C 236 -8.47 13.18 14.17
N ASP C 237 -9.50 12.79 13.42
CA ASP C 237 -10.88 13.33 13.58
C ASP C 237 -11.42 13.34 15.03
N TYR C 238 -11.10 12.27 15.77
CA TYR C 238 -11.60 12.02 17.12
C TYR C 238 -10.61 12.31 18.28
N ILE C 239 -9.33 12.59 17.98
CA ILE C 239 -8.35 12.96 19.01
C ILE C 239 -8.66 14.36 19.59
N SER C 240 -8.43 14.50 20.89
CA SER C 240 -8.71 15.71 21.66
C SER C 240 -7.48 16.64 21.63
N PRO C 241 -7.67 17.95 21.87
CA PRO C 241 -6.53 18.90 21.76
C PRO C 241 -5.37 18.72 22.76
N GLU C 242 -5.66 18.23 23.97
CA GLU C 242 -4.56 17.88 24.91
C GLU C 242 -3.69 16.73 24.39
N VAL C 243 -4.35 15.71 23.83
CA VAL C 243 -3.67 14.56 23.20
C VAL C 243 -2.87 15.01 21.96
N LEU C 244 -3.34 16.04 21.25
CA LEU C 244 -2.56 16.69 20.18
C LEU C 244 -1.33 17.44 20.71
N LYS C 245 -1.52 18.30 21.72
CA LYS C 245 -0.42 19.09 22.31
C LYS C 245 0.66 18.25 23.04
N SER C 246 0.23 17.11 23.61
CA SER C 246 1.09 16.25 24.43
C SER C 246 2.14 15.48 23.65
N GLN C 247 1.73 14.90 22.53
CA GLN C 247 2.61 14.03 21.70
C GLN C 247 3.79 14.74 20.99
N GLY C 248 3.83 16.09 21.04
CA GLY C 248 5.02 16.88 20.73
C GLY C 248 5.66 17.49 21.98
N ASP C 250 3.63 20.54 25.84
CA ASP C 250 3.22 19.13 25.93
C ASP C 250 3.07 18.63 27.36
N GLY C 251 1.94 18.01 27.67
CA GLY C 251 1.71 17.42 29.01
C GLY C 251 0.80 16.20 29.02
N PHE C 252 1.00 15.31 30.00
CA PHE C 252 0.18 14.15 30.32
C PHE C 252 -1.33 14.41 30.33
N TYR C 253 -2.13 13.35 30.40
CA TYR C 253 -3.62 13.44 30.24
C TYR C 253 -4.38 12.28 30.88
N GLY C 254 -5.69 12.47 31.05
CA GLY C 254 -6.56 11.58 31.84
C GLY C 254 -7.75 11.04 31.06
N ARG C 255 -8.73 10.53 31.81
CA ARG C 255 -9.94 9.92 31.25
C ARG C 255 -10.82 10.87 30.42
N GLU C 256 -10.78 12.15 30.78
CA GLU C 256 -11.45 13.24 30.02
C GLU C 256 -11.23 13.24 28.50
N CYS C 257 -10.06 12.81 28.04
CA CYS C 257 -9.77 12.70 26.58
C CYS C 257 -10.65 11.70 25.81
N ASP C 258 -11.10 10.63 26.47
CA ASP C 258 -12.13 9.75 25.90
C ASP C 258 -13.50 10.42 25.81
N TRP C 259 -13.84 11.28 26.77
CA TRP C 259 -15.11 12.00 26.73
C TRP C 259 -15.21 13.03 25.61
N TRP C 260 -14.07 13.62 25.20
CA TRP C 260 -13.98 14.44 23.96
C TRP C 260 -14.50 13.63 22.79
N SER C 261 -13.97 12.42 22.64
CA SER C 261 -14.36 11.54 21.53
C SER C 261 -15.85 11.19 21.45
N VAL C 262 -16.53 11.10 22.60
CA VAL C 262 -17.99 10.90 22.65
C VAL C 262 -18.72 12.17 22.14
N GLY C 263 -18.22 13.34 22.50
CA GLY C 263 -18.61 14.62 21.87
C GLY C 263 -18.56 14.60 20.35
N VAL C 264 -17.44 14.12 19.81
CA VAL C 264 -17.23 14.00 18.35
C VAL C 264 -18.16 12.92 17.73
N PHE C 265 -18.35 11.81 18.43
CA PHE C 265 -19.23 10.71 17.99
C PHE C 265 -20.68 11.16 17.79
N LEU C 266 -21.22 11.79 18.82
CA LEU C 266 -22.60 12.29 18.80
C LEU C 266 -22.83 13.34 17.74
N TYR C 267 -21.86 14.24 17.54
CA TYR C 267 -21.88 15.19 16.43
C TYR C 267 -21.93 14.42 15.11
N GLU C 268 -21.04 13.44 14.91
CA GLU C 268 -21.04 12.67 13.66
C GLU C 268 -22.37 11.96 13.38
N MET C 269 -22.97 11.38 14.41
CA MET C 269 -24.25 10.67 14.26
C MET C 269 -25.41 11.58 13.85
N LEU C 270 -25.54 12.72 14.52
CA LEU C 270 -26.64 13.66 14.25
C LEU C 270 -26.44 14.53 12.98
N VAL C 271 -25.22 15.01 12.75
CA VAL C 271 -24.92 15.87 11.59
C VAL C 271 -24.64 15.06 10.35
N GLY C 272 -23.86 13.99 10.47
CA GLY C 272 -23.43 13.16 9.31
C GLY C 272 -22.05 13.46 8.77
N ASP C 273 -21.38 14.48 9.32
CA ASP C 273 -19.95 14.73 9.08
C ASP C 273 -19.25 14.92 10.41
N THR C 274 -17.93 14.84 10.38
CA THR C 274 -17.08 15.08 11.55
C THR C 274 -17.03 16.62 11.81
N PRO C 275 -17.08 17.04 13.10
CA PRO C 275 -17.06 18.48 13.41
C PRO C 275 -15.81 19.27 13.00
N PHE C 276 -14.66 18.62 12.95
CA PHE C 276 -13.41 19.27 12.53
C PHE C 276 -12.86 18.68 11.22
N TYR C 277 -13.75 18.32 10.30
CA TYR C 277 -13.37 17.70 9.01
C TYR C 277 -12.52 18.66 8.18
N ALA C 278 -11.51 18.12 7.50
CA ALA C 278 -10.81 18.82 6.42
C ALA C 278 -10.25 17.84 5.40
N ASP C 279 -9.80 18.39 4.27
CA ASP C 279 -9.20 17.61 3.17
C ASP C 279 -7.85 17.02 3.55
N SER C 280 -7.01 17.84 4.17
CA SER C 280 -5.74 17.37 4.79
C SER C 280 -5.93 17.03 6.27
N LEU C 281 -5.02 16.20 6.79
CA LEU C 281 -4.91 15.92 8.24
C LEU C 281 -4.51 17.17 9.03
N VAL C 282 -3.56 17.96 8.50
CA VAL C 282 -3.13 19.23 9.14
C VAL C 282 -4.27 20.24 9.31
N GLY C 283 -5.18 20.29 8.33
CA GLY C 283 -6.42 21.07 8.43
C GLY C 283 -7.34 20.63 9.56
N THR C 284 -7.45 19.32 9.76
CA THR C 284 -8.20 18.73 10.88
C THR C 284 -7.56 19.06 12.22
N TYR C 285 -6.25 18.79 12.34
CA TYR C 285 -5.45 19.16 13.52
C TYR C 285 -5.60 20.64 13.91
N SER C 286 -5.57 21.52 12.90
CA SER C 286 -5.71 22.97 13.11
C SER C 286 -7.12 23.39 13.55
N LYS C 287 -8.15 22.77 12.97
CA LYS C 287 -9.55 22.96 13.41
C LYS C 287 -9.84 22.47 14.84
N ILE C 288 -9.31 21.29 15.21
CA ILE C 288 -9.47 20.71 16.56
C ILE C 288 -8.87 21.62 17.64
N MET C 289 -7.66 22.12 17.40
CA MET C 289 -7.01 23.08 18.31
C MET C 289 -7.75 24.42 18.43
N ASP C 290 -8.39 24.84 17.34
CA ASP C 290 -9.21 26.07 17.26
C ASP C 290 -10.72 25.80 17.51
N HIS C 291 -11.03 24.86 18.42
CA HIS C 291 -12.41 24.37 18.63
C HIS C 291 -13.39 25.42 19.18
N LYS C 292 -12.88 26.34 20.01
CA LYS C 292 -13.67 27.49 20.49
C LYS C 292 -14.36 28.25 19.34
N ASN C 293 -13.65 28.42 18.22
CA ASN C 293 -14.13 29.12 17.01
C ASN C 293 -14.61 28.22 15.86
N SER C 294 -13.98 27.06 15.66
CA SER C 294 -14.27 26.18 14.51
C SER C 294 -15.50 25.27 14.66
N LEU C 295 -15.91 24.94 15.89
CA LEU C 295 -17.15 24.14 16.13
C LEU C 295 -18.36 24.95 15.70
N CYS C 296 -19.10 24.42 14.73
CA CYS C 296 -20.20 25.12 14.10
C CYS C 296 -21.27 24.14 13.65
N PHE C 297 -22.48 24.23 14.21
CA PHE C 297 -23.60 23.39 13.82
C PHE C 297 -24.22 23.93 12.53
N PRO C 298 -24.28 23.10 11.45
CA PRO C 298 -24.83 23.65 10.19
C PRO C 298 -26.31 23.99 10.27
N GLU C 299 -26.71 25.05 9.56
CA GLU C 299 -28.09 25.55 9.59
C GLU C 299 -29.15 24.58 9.04
N ASP C 300 -28.75 23.62 8.19
CA ASP C 300 -29.61 22.53 7.72
C ASP C 300 -29.70 21.27 8.64
N ALA C 301 -28.97 21.25 9.75
CA ALA C 301 -28.90 20.05 10.62
C ALA C 301 -30.10 19.94 11.56
N GLU C 302 -30.80 18.81 11.52
CA GLU C 302 -31.93 18.52 12.41
C GLU C 302 -31.36 18.09 13.77
N ILE C 303 -31.19 19.05 14.69
CA ILE C 303 -30.56 18.79 16.02
C ILE C 303 -31.29 19.59 17.13
N SER C 304 -31.47 18.96 18.31
CA SER C 304 -32.15 19.64 19.45
C SER C 304 -31.19 20.53 20.24
N LYS C 305 -31.77 21.37 21.11
CA LYS C 305 -30.99 22.28 21.98
C LYS C 305 -30.17 21.46 22.98
N HIS C 306 -30.79 20.47 23.61
CA HIS C 306 -30.12 19.54 24.53
C HIS C 306 -28.96 18.76 23.88
N ALA C 307 -29.13 18.31 22.64
CA ALA C 307 -28.07 17.61 21.92
C ALA C 307 -26.88 18.53 21.58
N LYS C 308 -27.16 19.76 21.16
CA LYS C 308 -26.12 20.81 21.01
C LYS C 308 -25.38 21.13 22.32
N ASN C 309 -26.10 21.12 23.44
CA ASN C 309 -25.55 21.37 24.79
C ASN C 309 -24.53 20.30 25.19
N LEU C 310 -24.93 19.04 25.09
CA LEU C 310 -24.07 17.89 25.43
C LEU C 310 -22.79 17.84 24.57
N ILE C 311 -22.93 18.02 23.26
CA ILE C 311 -21.78 18.03 22.34
C ILE C 311 -20.83 19.12 22.78
N CYS C 312 -21.34 20.33 22.88
CA CYS C 312 -20.57 21.50 23.35
C CYS C 312 -19.93 21.29 24.72
N ALA C 313 -20.61 20.58 25.61
CA ALA C 313 -20.08 20.25 26.94
C ALA C 313 -18.87 19.35 26.89
N PHE C 314 -18.88 18.37 25.97
CA PHE C 314 -17.72 17.50 25.71
C PHE C 314 -16.60 18.21 24.95
N LEU C 315 -16.93 19.06 23.97
CA LEU C 315 -15.92 19.62 23.05
C LEU C 315 -15.39 20.97 23.54
N THR C 316 -14.72 20.90 24.69
CA THR C 316 -14.12 22.04 25.40
C THR C 316 -12.71 21.66 25.80
N ASP C 317 -12.01 22.64 26.40
CA ASP C 317 -10.73 22.39 27.07
C ASP C 317 -10.92 21.41 28.24
N ARG C 318 -9.92 20.55 28.43
CA ARG C 318 -9.91 19.49 29.49
C ARG C 318 -10.32 19.95 30.89
N GLU C 319 -9.82 21.14 31.26
CA GLU C 319 -9.99 21.74 32.61
C GLU C 319 -11.45 21.91 33.07
N VAL C 320 -12.37 22.09 32.12
CA VAL C 320 -13.81 22.31 32.41
C VAL C 320 -14.72 21.31 31.64
N ARG C 321 -14.17 20.20 31.16
CA ARG C 321 -14.89 19.26 30.30
C ARG C 321 -15.81 18.33 31.09
N LEU C 322 -16.92 17.90 30.46
CA LEU C 322 -17.88 16.99 31.09
C LEU C 322 -17.27 15.62 31.21
N GLY C 323 -17.51 14.96 32.35
CA GLY C 323 -16.83 13.70 32.72
C GLY C 323 -15.50 13.83 33.47
N ARG C 324 -15.04 15.08 33.67
CA ARG C 324 -13.93 15.40 34.58
C ARG C 324 -14.26 15.00 36.02
N ASN C 325 -15.49 15.30 36.46
CA ASN C 325 -15.98 14.98 37.82
C ASN C 325 -16.89 13.73 37.79
N GLY C 326 -16.39 12.65 37.19
CA GLY C 326 -17.11 11.39 37.11
C GLY C 326 -18.22 11.32 36.07
N VAL C 327 -18.67 10.09 35.84
CA VAL C 327 -19.74 9.76 34.88
C VAL C 327 -21.14 10.27 35.25
N GLU C 328 -21.44 10.40 36.55
CA GLU C 328 -22.79 10.76 37.05
C GLU C 328 -23.35 12.03 36.42
N GLU C 329 -22.53 13.07 36.29
CA GLU C 329 -22.93 14.33 35.62
C GLU C 329 -23.22 14.18 34.11
N ILE C 330 -22.61 13.21 33.45
CA ILE C 330 -23.01 12.81 32.06
C ILE C 330 -24.40 12.15 32.10
N ARG C 331 -24.64 11.26 33.07
CA ARG C 331 -25.90 10.52 33.16
C ARG C 331 -27.14 11.37 33.43
N GLN C 332 -27.01 12.40 34.28
CA GLN C 332 -28.13 13.31 34.58
C GLN C 332 -28.36 14.47 33.59
N HIS C 333 -27.58 14.55 32.52
CA HIS C 333 -27.80 15.53 31.43
C HIS C 333 -29.16 15.30 30.72
N PRO C 334 -29.95 16.37 30.47
CA PRO C 334 -31.35 16.21 29.97
C PRO C 334 -31.53 15.51 28.60
N PHE C 335 -30.59 15.72 27.67
CA PHE C 335 -30.47 14.91 26.43
C PHE C 335 -30.84 13.42 26.57
N PHE C 336 -30.26 12.76 27.58
CA PHE C 336 -30.49 11.33 27.83
C PHE C 336 -31.88 10.97 28.42
N LYS C 337 -32.74 11.94 28.73
CA LYS C 337 -34.14 11.67 29.12
C LYS C 337 -34.91 11.00 27.98
N ASN C 338 -35.64 9.92 28.29
CA ASN C 338 -36.43 9.18 27.30
C ASN C 338 -37.43 8.20 27.93
N ASP C 339 -38.39 7.78 27.12
CA ASP C 339 -39.44 6.82 27.51
C ASP C 339 -39.06 5.32 27.38
N GLN C 340 -37.93 5.01 26.74
CA GLN C 340 -37.59 3.61 26.30
C GLN C 340 -36.69 2.80 27.26
N TRP C 341 -35.69 3.46 27.88
CA TRP C 341 -34.70 2.77 28.72
C TRP C 341 -34.25 3.62 29.90
N HIS C 342 -33.75 2.94 30.95
CA HIS C 342 -33.00 3.54 32.05
C HIS C 342 -31.53 3.12 31.94
N TRP C 343 -30.67 3.81 32.67
CA TRP C 343 -29.22 3.56 32.66
C TRP C 343 -28.82 2.17 33.17
N ASP C 344 -29.56 1.67 34.16
CA ASP C 344 -29.31 0.34 34.76
C ASP C 344 -29.93 -0.86 34.00
N ASN C 345 -30.77 -0.60 32.99
CA ASN C 345 -31.32 -1.65 32.13
C ASN C 345 -31.18 -1.44 30.58
N ILE C 346 -30.44 -0.42 30.14
CA ILE C 346 -30.33 -0.03 28.71
C ILE C 346 -29.96 -1.20 27.79
N ARG C 347 -28.98 -2.00 28.21
CA ARG C 347 -28.48 -3.12 27.40
C ARG C 347 -29.44 -4.33 27.30
N GLU C 348 -30.49 -4.35 28.13
CA GLU C 348 -31.53 -5.38 28.12
C GLU C 348 -32.87 -4.91 27.49
N THR C 349 -32.94 -3.66 27.00
CA THR C 349 -34.04 -3.16 26.14
C THR C 349 -33.74 -3.40 24.67
N ALA C 350 -34.75 -3.18 23.82
CA ALA C 350 -34.64 -3.42 22.37
C ALA C 350 -33.72 -2.41 21.72
N ALA C 351 -32.72 -2.89 20.99
CA ALA C 351 -31.81 -2.01 20.25
C ALA C 351 -32.55 -1.41 19.05
N PRO C 352 -32.12 -0.21 18.58
CA PRO C 352 -32.69 0.40 17.37
C PRO C 352 -32.69 -0.51 16.12
N VAL C 353 -31.58 -1.21 15.89
CA VAL C 353 -31.33 -2.01 14.69
C VAL C 353 -30.78 -3.36 15.15
N VAL C 354 -31.68 -4.33 15.31
CA VAL C 354 -31.32 -5.73 15.52
C VAL C 354 -30.90 -6.27 14.13
N PRO C 355 -29.66 -6.83 13.97
CA PRO C 355 -29.34 -7.42 12.68
C PRO C 355 -30.17 -8.69 12.34
N GLU C 356 -30.72 -8.70 11.13
CA GLU C 356 -31.28 -9.89 10.49
C GLU C 356 -30.09 -10.53 9.77
N LEU C 357 -29.70 -11.71 10.23
CA LEU C 357 -28.54 -12.45 9.70
C LEU C 357 -29.01 -13.79 9.14
N SER C 358 -28.45 -14.20 8.01
CA SER C 358 -28.89 -15.42 7.28
C SER C 358 -28.15 -16.72 7.62
N SER C 359 -27.02 -16.62 8.34
CA SER C 359 -26.28 -17.77 8.86
C SER C 359 -25.33 -17.34 9.96
N ASP C 360 -24.73 -18.33 10.62
CA ASP C 360 -23.62 -18.11 11.55
C ASP C 360 -22.32 -17.52 10.95
N ILE C 361 -22.15 -17.58 9.61
CA ILE C 361 -21.05 -16.91 8.87
C ILE C 361 -21.45 -15.66 8.04
N ASP C 362 -22.62 -15.08 8.30
CA ASP C 362 -23.07 -13.85 7.62
C ASP C 362 -22.19 -12.66 8.08
N SER C 363 -21.33 -12.20 7.17
CA SER C 363 -20.48 -11.01 7.35
C SER C 363 -20.88 -9.84 6.46
N SER C 364 -22.18 -9.72 6.15
CA SER C 364 -22.72 -8.65 5.29
C SER C 364 -22.52 -7.22 5.87
N ASN C 365 -22.53 -7.09 7.21
CA ASN C 365 -22.26 -5.81 7.89
C ASN C 365 -20.77 -5.42 8.00
N PHE C 366 -19.86 -6.23 7.44
CA PHE C 366 -18.44 -5.88 7.31
C PHE C 366 -18.07 -5.74 5.85
N ASP C 367 -17.40 -4.63 5.50
CA ASP C 367 -16.99 -4.37 4.11
C ASP C 367 -15.95 -5.36 3.62
N ASP C 368 -15.97 -5.63 2.31
CA ASP C 368 -14.98 -6.52 1.66
C ASP C 368 -13.59 -5.88 1.71
N ILE C 369 -12.56 -6.73 1.80
CA ILE C 369 -11.17 -6.31 1.96
C ILE C 369 -10.30 -7.04 0.93
N GLU C 370 -9.27 -6.33 0.43
CA GLU C 370 -8.27 -6.86 -0.52
C GLU C 370 -6.86 -6.49 -0.04
N ASP C 371 -5.93 -7.44 -0.12
CA ASP C 371 -4.52 -7.21 0.26
C ASP C 371 -3.79 -6.50 -0.88
N VAL C 376 4.74 -9.69 2.94
CA VAL C 376 4.94 -10.60 4.08
C VAL C 376 6.37 -11.16 4.08
N GLU C 377 6.88 -11.50 5.26
CA GLU C 377 8.26 -12.00 5.44
C GLU C 377 8.51 -12.44 6.90
N THR C 378 9.35 -13.46 7.05
CA THR C 378 9.69 -14.09 8.32
C THR C 378 11.02 -13.57 8.86
N PHE C 379 11.35 -14.01 10.09
CA PHE C 379 12.68 -13.75 10.68
C PHE C 379 13.74 -14.52 9.86
N PRO C 380 14.94 -13.92 9.64
CA PRO C 380 16.01 -14.70 9.01
C PRO C 380 16.54 -15.82 9.93
N ILE C 381 17.19 -16.82 9.32
CA ILE C 381 17.81 -17.91 10.07
C ILE C 381 19.02 -17.29 10.75
N PRO C 382 18.99 -17.20 12.10
CA PRO C 382 20.04 -16.44 12.78
C PRO C 382 21.36 -17.22 12.92
N LYS C 383 22.45 -16.45 13.04
CA LYS C 383 23.81 -16.99 13.20
C LYS C 383 24.11 -17.34 14.66
N ALA C 384 23.54 -16.56 15.59
CA ALA C 384 23.59 -16.84 17.03
C ALA C 384 22.21 -16.69 17.66
N PHE C 385 22.12 -16.94 18.96
CA PHE C 385 20.89 -16.68 19.72
C PHE C 385 20.49 -15.20 19.64
N VAL C 386 19.28 -14.93 19.14
CA VAL C 386 18.70 -13.56 19.13
C VAL C 386 17.40 -13.35 19.95
N GLY C 387 16.68 -14.42 20.25
CA GLY C 387 15.55 -14.38 21.20
C GLY C 387 14.29 -13.72 20.68
N ASN C 388 13.98 -13.97 19.41
CA ASN C 388 12.79 -13.35 18.75
C ASN C 388 11.45 -13.76 19.36
N GLN C 389 11.39 -14.93 19.99
CA GLN C 389 10.20 -15.40 20.71
C GLN C 389 10.04 -14.99 22.17
N LEU C 390 11.11 -14.45 22.78
CA LEU C 390 11.08 -13.99 24.18
C LEU C 390 10.00 -12.92 24.51
N PRO C 391 9.77 -11.96 23.58
CA PRO C 391 8.71 -10.98 23.82
C PRO C 391 7.29 -11.53 23.99
N PHE C 392 7.03 -12.70 23.42
CA PHE C 392 5.69 -13.28 23.35
C PHE C 392 5.44 -14.42 24.36
N ILE C 393 6.40 -14.68 25.25
CA ILE C 393 6.23 -15.66 26.33
C ILE C 393 5.17 -15.15 27.32
N GLY C 394 4.16 -15.99 27.56
CA GLY C 394 3.06 -15.69 28.46
C GLY C 394 1.80 -15.22 27.75
N PHE C 395 1.83 -15.11 26.42
CA PHE C 395 0.66 -14.68 25.66
C PHE C 395 -0.48 -15.72 25.61
N THR C 396 -0.16 -17.01 25.70
CA THR C 396 -1.16 -18.05 25.57
C THR C 396 -2.12 -18.02 26.75
N TYR C 397 -3.42 -18.01 26.45
CA TYR C 397 -4.50 -18.07 27.43
C TYR C 397 -5.58 -19.02 26.90
N TYR C 398 -5.99 -20.00 27.71
CA TYR C 398 -7.15 -20.88 27.44
C TYR C 398 -8.23 -20.57 28.48
N ARG C 399 -9.44 -20.19 28.04
CA ARG C 399 -10.57 -19.90 28.94
C ARG C 399 -11.08 -21.16 29.63
N ALA D 6 -10.91 -30.16 24.92
CA ALA D 6 -11.30 -30.99 26.12
C ALA D 6 -10.46 -32.28 26.23
N SER D 7 -10.52 -33.10 25.17
CA SER D 7 -9.78 -34.37 25.10
C SER D 7 -8.30 -34.16 24.86
N ARG D 8 -7.98 -33.32 23.88
CA ARG D 8 -6.60 -32.83 23.69
C ARG D 8 -6.03 -32.04 24.88
N GLN D 9 -6.89 -31.31 25.60
CA GLN D 9 -6.50 -30.59 26.81
C GLN D 9 -6.28 -31.55 28.00
N ARG D 10 -7.10 -32.60 28.11
CA ARG D 10 -6.92 -33.64 29.15
C ARG D 10 -5.62 -34.46 28.98
N LYS D 11 -5.20 -34.73 27.74
CA LYS D 11 -3.90 -35.38 27.45
C LYS D 11 -2.70 -34.51 27.82
N LEU D 12 -2.78 -33.22 27.49
CA LEU D 12 -1.74 -32.24 27.85
C LEU D 12 -1.62 -32.04 29.37
N GLU D 13 -2.77 -31.96 30.06
CA GLU D 13 -2.79 -31.84 31.54
C GLU D 13 -2.23 -33.07 32.27
N ALA D 14 -2.43 -34.26 31.70
CA ALA D 14 -1.89 -35.52 32.24
C ALA D 14 -0.35 -35.60 32.10
N LEU D 15 0.15 -35.25 30.92
CA LEU D 15 1.60 -35.12 30.67
C LEU D 15 2.30 -34.19 31.69
N ILE D 16 1.64 -33.10 32.05
CA ILE D 16 2.18 -32.15 33.03
C ILE D 16 2.06 -32.67 34.48
N ARG D 17 0.95 -33.35 34.82
CA ARG D 17 0.76 -33.95 36.16
C ARG D 17 1.80 -35.01 36.54
N ASP D 18 2.24 -35.78 35.55
CA ASP D 18 3.07 -36.97 35.73
C ASP D 18 4.45 -36.61 36.32
N PRO D 19 4.81 -37.18 37.51
CA PRO D 19 6.16 -36.89 38.07
C PRO D 19 7.34 -37.40 37.25
N ARG D 20 7.12 -38.43 36.43
CA ARG D 20 8.12 -38.95 35.45
C ARG D 20 8.30 -38.10 34.18
N SER D 21 7.40 -37.17 33.89
CA SER D 21 7.39 -36.43 32.62
C SER D 21 8.52 -35.40 32.50
N PRO D 22 9.14 -35.25 31.29
CA PRO D 22 10.04 -34.10 31.07
C PRO D 22 9.38 -32.72 31.12
N ILE D 23 8.07 -32.65 30.95
CA ILE D 23 7.30 -31.37 31.05
C ILE D 23 6.37 -31.31 32.28
N ASN D 24 6.79 -31.93 33.39
CA ASN D 24 6.19 -31.65 34.69
C ASN D 24 6.41 -30.18 35.11
N VAL D 25 5.70 -29.75 36.15
CA VAL D 25 5.70 -28.36 36.60
C VAL D 25 7.11 -27.96 37.08
N GLU D 26 7.79 -28.85 37.85
CA GLU D 26 9.18 -28.60 38.25
C GLU D 26 10.18 -28.42 37.11
N SER D 27 10.04 -29.22 36.07
CA SER D 27 10.86 -29.09 34.85
C SER D 27 10.64 -27.77 34.12
N LEU D 28 9.38 -27.37 33.99
CA LEU D 28 9.02 -26.13 33.33
C LEU D 28 9.57 -24.90 34.07
N LEU D 29 9.51 -24.95 35.40
CA LEU D 29 10.17 -23.95 36.25
C LEU D 29 11.70 -23.96 36.09
N ASP D 30 12.31 -25.15 35.99
CA ASP D 30 13.75 -25.27 35.69
C ASP D 30 14.11 -24.60 34.37
N GLY D 31 13.27 -24.81 33.35
CA GLY D 31 13.36 -24.10 32.06
C GLY D 31 13.37 -22.58 32.16
N LEU D 32 12.48 -22.04 33.00
CA LEU D 32 12.41 -20.60 33.24
C LEU D 32 13.63 -20.05 33.98
N ASN D 33 13.98 -20.69 35.09
CA ASN D 33 15.18 -20.34 35.88
C ASN D 33 16.46 -20.40 35.06
N SER D 34 16.67 -21.53 34.40
CA SER D 34 17.85 -21.76 33.57
C SER D 34 18.01 -20.70 32.49
N LEU D 35 16.91 -20.38 31.83
CA LEU D 35 16.85 -19.35 30.80
C LEU D 35 17.24 -17.98 31.33
N VAL D 36 16.69 -17.62 32.48
CA VAL D 36 17.04 -16.36 33.15
C VAL D 36 18.54 -16.33 33.54
N LEU D 37 19.06 -17.41 34.11
CA LEU D 37 20.49 -17.50 34.48
C LEU D 37 21.44 -17.45 33.27
N ASP D 38 21.07 -18.13 32.19
CA ASP D 38 21.84 -18.12 30.94
C ASP D 38 21.80 -16.78 30.20
N LEU D 39 20.70 -16.03 30.35
CA LEU D 39 20.52 -14.71 29.70
C LEU D 39 20.99 -13.48 30.51
N ASP D 40 20.91 -13.53 31.85
CA ASP D 40 21.21 -12.37 32.71
C ASP D 40 22.71 -12.13 32.88
N PHE D 41 23.29 -11.51 31.85
CA PHE D 41 24.67 -11.04 31.81
C PHE D 41 24.69 -9.73 31.01
N PRO D 42 25.48 -8.72 31.44
CA PRO D 42 25.39 -7.36 30.85
C PRO D 42 25.52 -7.28 29.32
N ALA D 43 26.41 -8.07 28.74
CA ALA D 43 26.66 -8.11 27.28
C ALA D 43 25.47 -8.63 26.46
N LEU D 44 24.78 -9.64 26.99
CA LEU D 44 23.57 -10.19 26.35
C LEU D 44 22.38 -9.22 26.41
N ARG D 45 22.26 -8.46 27.52
CA ARG D 45 21.22 -7.41 27.65
C ARG D 45 21.34 -6.20 26.69
N LYS D 46 22.43 -6.10 25.94
CA LYS D 46 22.48 -5.22 24.75
C LYS D 46 21.43 -5.59 23.68
N ASN D 47 21.00 -6.86 23.66
CA ASN D 47 19.82 -7.31 22.91
C ASN D 47 18.53 -6.85 23.64
N LYS D 48 17.68 -6.13 22.91
CA LYS D 48 16.38 -5.62 23.43
C LYS D 48 15.42 -6.75 23.82
N ASN D 49 15.35 -7.80 23.00
CA ASN D 49 14.57 -9.01 23.31
C ASN D 49 14.88 -9.62 24.67
N ILE D 50 16.17 -9.74 24.95
CA ILE D 50 16.69 -10.31 26.19
C ILE D 50 16.43 -9.37 27.36
N ASP D 51 16.77 -8.09 27.19
CA ASP D 51 16.64 -7.11 28.28
C ASP D 51 15.21 -6.94 28.74
N ASN D 52 14.30 -6.83 27.77
CA ASN D 52 12.86 -6.69 28.05
C ASN D 52 12.26 -7.95 28.69
N PHE D 53 12.65 -9.11 28.20
CA PHE D 53 12.27 -10.39 28.79
C PHE D 53 12.66 -10.51 30.25
N LEU D 54 13.90 -10.14 30.55
CA LEU D 54 14.42 -10.19 31.91
C LEU D 54 13.72 -9.20 32.85
N ASN D 55 13.44 -7.99 32.35
CA ASN D 55 12.67 -7.00 33.11
C ASN D 55 11.28 -7.52 33.50
N ARG D 56 10.60 -8.14 32.53
CA ARG D 56 9.30 -8.80 32.75
C ARG D 56 9.32 -9.88 33.83
N TYR D 57 10.34 -10.74 33.80
CA TYR D 57 10.45 -11.89 34.70
C TYR D 57 11.44 -11.69 35.86
N GLU D 58 11.78 -10.44 36.19
CA GLU D 58 12.74 -10.12 37.26
C GLU D 58 12.19 -10.47 38.66
N LYS D 59 11.03 -9.90 38.99
CA LYS D 59 10.38 -10.05 40.30
C LYS D 59 9.94 -11.50 40.58
N ILE D 60 9.20 -12.09 39.64
CA ILE D 60 8.62 -13.44 39.81
C ILE D 60 9.67 -14.55 39.97
N VAL D 61 10.79 -14.44 39.25
CA VAL D 61 11.93 -15.38 39.39
C VAL D 61 12.64 -15.20 40.74
N LYS D 62 12.74 -13.97 41.22
CA LYS D 62 13.18 -13.72 42.62
C LYS D 62 12.24 -14.38 43.63
N LYS D 63 10.92 -14.24 43.42
CA LYS D 63 9.91 -14.86 44.30
C LYS D 63 9.92 -16.40 44.26
N ILE D 64 10.16 -17.00 43.09
CA ILE D 64 10.35 -18.46 42.96
C ILE D 64 11.61 -18.93 43.68
N ARG D 65 12.71 -18.21 43.49
CA ARG D 65 14.01 -18.54 44.15
C ARG D 65 13.92 -18.55 45.67
N GLY D 66 13.18 -17.60 46.24
CA GLY D 66 12.81 -17.59 47.66
C GLY D 66 12.00 -18.79 48.09
N LEU D 67 10.93 -19.10 47.34
CA LEU D 67 10.01 -20.20 47.67
C LEU D 67 10.59 -21.61 47.48
N GLN D 68 11.37 -21.81 46.41
CA GLN D 68 11.93 -23.12 46.08
C GLN D 68 13.02 -23.56 47.05
N MET D 69 13.20 -24.88 47.15
CA MET D 69 14.20 -25.48 48.06
C MET D 69 15.60 -25.12 47.57
N LYS D 70 16.50 -24.92 48.54
CA LYS D 70 17.86 -24.46 48.30
C LYS D 70 18.84 -24.85 49.41
N ALA D 71 20.12 -24.77 49.09
CA ALA D 71 21.23 -25.18 50.00
C ALA D 71 21.28 -24.44 51.33
N GLU D 72 20.84 -23.18 51.32
CA GLU D 72 20.71 -22.35 52.54
C GLU D 72 19.60 -22.80 53.50
N ASP D 73 18.70 -23.69 53.05
CA ASP D 73 17.74 -24.38 53.93
C ASP D 73 18.35 -25.50 54.79
N TYR D 74 19.63 -25.83 54.58
CA TYR D 74 20.35 -26.92 55.26
C TYR D 74 21.63 -26.43 55.94
N ASP D 75 21.84 -26.85 57.20
CA ASP D 75 23.12 -26.68 57.90
C ASP D 75 24.01 -27.85 57.54
N VAL D 76 25.24 -27.55 57.10
CA VAL D 76 26.27 -28.58 56.87
C VAL D 76 26.89 -28.96 58.22
N VAL D 77 26.83 -30.24 58.57
CA VAL D 77 27.35 -30.79 59.84
C VAL D 77 28.74 -31.34 59.64
N LYS D 78 28.91 -32.17 58.62
CA LYS D 78 30.20 -32.78 58.27
C LYS D 78 30.24 -33.24 56.80
N VAL D 79 31.45 -33.32 56.24
CA VAL D 79 31.70 -33.92 54.93
C VAL D 79 31.95 -35.39 55.17
N ILE D 80 31.14 -36.25 54.54
CA ILE D 80 31.26 -37.72 54.69
C ILE D 80 31.71 -38.46 53.42
N GLY D 81 31.90 -37.74 52.32
CA GLY D 81 32.38 -38.32 51.08
C GLY D 81 32.95 -37.27 50.14
N ARG D 82 33.83 -37.73 49.25
CA ARG D 82 34.32 -36.95 48.10
C ARG D 82 34.22 -37.87 46.89
N GLY D 83 33.77 -37.31 45.77
CA GLY D 83 33.79 -37.96 44.46
C GLY D 83 34.34 -37.07 43.38
N ALA D 84 34.34 -37.58 42.15
CA ALA D 84 34.99 -36.90 41.01
C ALA D 84 34.41 -35.51 40.73
N PHE D 85 33.09 -35.36 40.84
CA PHE D 85 32.38 -34.10 40.50
C PHE D 85 31.81 -33.29 41.69
N GLY D 86 32.23 -33.60 42.91
CA GLY D 86 31.68 -32.95 44.12
C GLY D 86 31.94 -33.74 45.40
N GLU D 87 31.06 -33.54 46.38
CA GLU D 87 31.20 -34.10 47.72
C GLU D 87 29.86 -34.52 48.31
N VAL D 88 29.94 -35.25 49.43
CA VAL D 88 28.78 -35.69 50.18
C VAL D 88 28.82 -34.99 51.54
N GLN D 89 27.73 -34.33 51.91
CA GLN D 89 27.59 -33.61 53.17
C GLN D 89 26.51 -34.27 54.00
N LEU D 90 26.82 -34.59 55.27
CA LEU D 90 25.80 -34.82 56.28
C LEU D 90 25.20 -33.44 56.61
N VAL D 91 23.88 -33.33 56.44
CA VAL D 91 23.14 -32.08 56.64
C VAL D 91 21.92 -32.23 57.56
N ARG D 92 21.51 -31.11 58.15
CA ARG D 92 20.26 -31.01 58.89
C ARG D 92 19.44 -29.92 58.21
N HIS D 93 18.22 -30.27 57.78
CA HIS D 93 17.27 -29.30 57.24
C HIS D 93 16.81 -28.41 58.40
N LYS D 94 16.87 -27.09 58.24
CA LYS D 94 16.70 -26.15 59.37
C LYS D 94 15.31 -26.13 60.00
N ALA D 95 14.28 -26.05 59.15
CA ALA D 95 12.86 -26.02 59.58
C ALA D 95 12.36 -27.32 60.27
N SER D 96 12.39 -28.43 59.54
CA SER D 96 12.08 -29.77 60.06
C SER D 96 13.04 -30.38 61.08
N GLN D 97 14.28 -29.89 61.13
CA GLN D 97 15.36 -30.44 61.97
C GLN D 97 15.81 -31.86 61.63
N LYS D 98 15.37 -32.40 60.48
CA LYS D 98 15.64 -33.81 60.09
C LYS D 98 17.01 -33.87 59.41
N VAL D 99 17.68 -35.01 59.54
CA VAL D 99 19.04 -35.24 59.04
C VAL D 99 19.03 -36.05 57.74
N TYR D 100 19.79 -35.57 56.75
CA TYR D 100 19.96 -36.24 55.46
C TYR D 100 21.42 -36.27 55.04
N ALA D 101 21.71 -37.13 54.05
CA ALA D 101 23.00 -37.13 53.35
C ALA D 101 22.76 -36.44 52.03
N MET D 102 23.45 -35.33 51.80
CA MET D 102 23.30 -34.51 50.57
C MET D 102 24.51 -34.67 49.66
N LYS D 103 24.28 -35.06 48.40
CA LYS D 103 25.36 -35.19 47.39
C LYS D 103 25.33 -33.98 46.50
N LEU D 104 26.47 -33.30 46.38
CA LEU D 104 26.64 -32.13 45.52
C LEU D 104 27.34 -32.56 44.21
N LEU D 105 26.91 -32.01 43.07
CA LEU D 105 27.61 -32.19 41.79
C LEU D 105 27.87 -30.87 41.08
N SER D 106 29.17 -30.57 40.88
CA SER D 106 29.63 -29.35 40.20
C SER D 106 29.19 -29.32 38.74
N LYS D 107 28.39 -28.31 38.38
CA LYS D 107 27.99 -28.09 36.99
C LYS D 107 29.16 -27.80 36.07
N PHE D 108 30.08 -26.95 36.52
CA PHE D 108 31.29 -26.60 35.72
C PHE D 108 32.09 -27.83 35.33
N GLU D 109 32.35 -28.71 36.30
CA GLU D 109 33.21 -29.88 36.08
C GLU D 109 32.57 -30.90 35.14
N MET D 110 31.27 -31.17 35.34
CA MET D 110 30.47 -32.03 34.45
C MET D 110 30.50 -31.59 32.97
N ILE D 111 30.36 -30.29 32.74
CA ILE D 111 30.46 -29.68 31.38
C ILE D 111 31.90 -29.72 30.89
N LYS D 112 32.85 -29.30 31.75
CA LYS D 112 34.29 -29.25 31.39
C LYS D 112 34.81 -30.64 31.01
N ARG D 113 34.42 -31.65 31.79
CA ARG D 113 34.83 -33.04 31.58
C ARG D 113 33.79 -33.92 30.85
N SER D 114 32.98 -33.30 29.96
CA SER D 114 32.09 -33.99 28.97
C SER D 114 31.17 -35.10 29.54
N ASP D 115 30.71 -34.90 30.77
CA ASP D 115 30.02 -35.93 31.53
C ASP D 115 28.88 -35.28 32.33
N SER D 116 27.75 -35.08 31.65
CA SER D 116 26.57 -34.38 32.18
C SER D 116 25.20 -35.05 31.87
N ALA D 117 25.21 -36.38 31.72
CA ALA D 117 23.98 -37.21 31.59
C ALA D 117 23.81 -38.33 32.64
N PHE D 118 24.90 -38.80 33.27
CA PHE D 118 24.87 -39.89 34.27
C PHE D 118 23.88 -39.75 35.42
N PHE D 119 23.68 -38.52 35.87
CA PHE D 119 22.82 -38.19 37.03
C PHE D 119 21.34 -38.44 36.84
N TRP D 120 20.86 -38.56 35.59
CA TRP D 120 19.43 -38.78 35.32
C TRP D 120 18.97 -40.12 35.84
N GLU D 121 19.68 -41.18 35.45
CA GLU D 121 19.42 -42.53 35.99
C GLU D 121 19.68 -42.64 37.48
N GLU D 122 20.70 -41.95 37.98
CA GLU D 122 20.99 -41.90 39.43
C GLU D 122 19.82 -41.27 40.20
N ARG D 123 19.28 -40.18 39.68
CA ARG D 123 18.15 -39.50 40.29
C ARG D 123 16.89 -40.38 40.25
N ASP D 124 16.63 -40.97 39.09
CA ASP D 124 15.46 -41.83 38.88
C ASP D 124 15.45 -43.09 39.73
N ILE D 125 16.61 -43.74 39.85
CA ILE D 125 16.74 -44.97 40.66
C ILE D 125 16.41 -44.66 42.11
N MET D 126 17.06 -43.66 42.66
CA MET D 126 16.87 -43.30 44.07
C MET D 126 15.49 -42.72 44.37
N ALA D 127 14.91 -41.98 43.42
CA ALA D 127 13.56 -41.39 43.56
C ALA D 127 12.42 -42.39 43.43
N PHE D 128 12.49 -43.28 42.45
CA PHE D 128 11.35 -44.09 41.98
C PHE D 128 11.41 -45.62 42.20
N ALA D 129 12.55 -46.16 42.62
CA ALA D 129 12.69 -47.60 42.95
C ALA D 129 11.69 -48.19 43.94
N ASN D 130 11.27 -47.39 44.91
CA ASN D 130 10.34 -47.79 46.02
C ASN D 130 10.73 -49.13 46.63
N SER D 131 12.02 -49.23 46.96
CA SER D 131 12.71 -50.49 47.29
C SER D 131 13.58 -50.34 48.55
N PRO D 132 13.49 -51.31 49.49
CA PRO D 132 14.34 -51.23 50.68
C PRO D 132 15.84 -51.42 50.44
N TRP D 133 16.23 -51.94 49.27
CA TRP D 133 17.65 -52.15 48.88
C TRP D 133 18.33 -50.95 48.18
N VAL D 134 17.59 -49.86 47.95
CA VAL D 134 18.07 -48.69 47.23
C VAL D 134 17.87 -47.49 48.14
N VAL D 135 18.92 -46.66 48.26
CA VAL D 135 18.88 -45.45 49.06
C VAL D 135 17.80 -44.55 48.45
N GLN D 136 16.87 -44.10 49.32
CA GLN D 136 15.77 -43.24 48.92
C GLN D 136 16.28 -41.81 48.74
N LEU D 137 15.82 -41.16 47.67
CA LEU D 137 16.02 -39.74 47.40
C LEU D 137 14.71 -39.03 47.76
N PHE D 138 14.81 -38.06 48.65
CA PHE D 138 13.67 -37.22 49.04
C PHE D 138 13.55 -35.96 48.19
N TYR D 139 14.68 -35.35 47.85
CA TYR D 139 14.68 -34.06 47.11
C TYR D 139 15.88 -33.99 46.17
N ALA D 140 15.61 -33.51 44.96
CA ALA D 140 16.65 -33.06 44.05
C ALA D 140 16.38 -31.59 43.75
N PHE D 141 17.40 -30.75 43.90
CA PHE D 141 17.29 -29.34 43.53
C PHE D 141 18.61 -28.81 42.98
N GLN D 142 18.62 -27.55 42.55
CA GLN D 142 19.85 -26.95 41.99
C GLN D 142 19.99 -25.44 42.21
N ASP D 143 21.23 -25.00 42.31
CA ASP D 143 21.65 -23.60 42.24
C ASP D 143 22.28 -23.39 40.85
N ASP D 144 22.81 -22.20 40.60
CA ASP D 144 23.62 -21.92 39.40
C ASP D 144 24.94 -22.71 39.28
N ARG D 145 25.51 -23.13 40.41
CA ARG D 145 26.79 -23.89 40.45
C ARG D 145 26.65 -25.40 40.63
N TYR D 146 25.61 -25.87 41.34
CA TYR D 146 25.49 -27.30 41.74
C TYR D 146 24.13 -27.96 41.53
N LEU D 147 24.15 -29.27 41.33
CA LEU D 147 23.00 -30.14 41.56
C LEU D 147 23.15 -30.73 42.96
N TYR D 148 22.03 -30.82 43.68
CA TYR D 148 21.96 -31.40 45.02
C TYR D 148 21.03 -32.59 45.00
N MET D 149 21.41 -33.66 45.70
CA MET D 149 20.58 -34.87 45.85
C MET D 149 20.48 -35.21 47.34
N VAL D 150 19.31 -34.95 47.92
CA VAL D 150 19.04 -35.20 49.34
C VAL D 150 18.47 -36.62 49.51
N MET D 151 19.14 -37.40 50.36
CA MET D 151 18.96 -38.85 50.47
C MET D 151 18.80 -39.25 51.93
N GLU D 152 18.17 -40.41 52.18
CA GLU D 152 18.12 -40.95 53.56
C GLU D 152 19.55 -41.25 53.99
N TYR D 153 19.94 -40.77 55.15
CA TYR D 153 21.27 -40.96 55.70
C TYR D 153 21.43 -42.40 56.17
N MET D 154 22.58 -43.00 55.85
CA MET D 154 22.92 -44.39 56.19
C MET D 154 24.03 -44.44 57.23
N PRO D 155 23.67 -44.38 58.54
CA PRO D 155 24.69 -44.16 59.58
C PRO D 155 25.63 -45.33 59.88
N GLY D 156 25.30 -46.52 59.41
CA GLY D 156 26.19 -47.69 59.48
C GLY D 156 27.46 -47.62 58.64
N GLY D 157 27.51 -46.74 57.64
CA GLY D 157 28.68 -46.65 56.75
C GLY D 157 28.77 -47.83 55.78
N ASP D 158 29.88 -47.92 55.06
CA ASP D 158 30.00 -48.88 53.94
C ASP D 158 30.75 -50.17 54.29
N LEU D 159 30.66 -51.18 53.41
CA LEU D 159 31.35 -52.47 53.60
C LEU D 159 32.89 -52.40 53.58
N VAL D 160 33.48 -51.36 52.98
CA VAL D 160 34.94 -51.07 53.14
C VAL D 160 35.24 -50.84 54.64
N ASN D 161 34.44 -49.96 55.27
CA ASN D 161 34.60 -49.66 56.70
C ASN D 161 34.45 -50.88 57.58
N LEU D 162 33.40 -51.68 57.34
CA LEU D 162 33.17 -52.93 58.07
C LEU D 162 34.32 -53.92 57.96
N MET D 163 34.72 -54.22 56.72
CA MET D 163 35.84 -55.15 56.43
C MET D 163 37.17 -54.76 57.08
N SER D 164 37.51 -53.47 57.07
CA SER D 164 38.71 -53.01 57.78
C SER D 164 38.60 -53.06 59.32
N ASN D 165 37.38 -52.99 59.86
CA ASN D 165 37.14 -53.08 61.32
C ASN D 165 36.90 -54.49 61.90
N TYR D 166 36.52 -55.47 61.09
CA TYR D 166 36.26 -56.84 61.59
C TYR D 166 36.84 -57.88 60.63
N ASP D 167 37.34 -58.99 61.17
CA ASP D 167 37.58 -60.22 60.39
C ASP D 167 36.17 -60.81 60.17
N VAL D 168 35.72 -60.90 58.91
CA VAL D 168 34.35 -61.26 58.58
C VAL D 168 34.23 -62.79 58.57
N PRO D 169 33.47 -63.39 59.52
CA PRO D 169 33.23 -64.84 59.40
C PRO D 169 32.22 -65.15 58.30
N GLU D 170 32.20 -66.40 57.86
CA GLU D 170 31.36 -66.84 56.73
C GLU D 170 29.87 -66.71 56.98
N LYS D 171 29.40 -66.81 58.23
CA LYS D 171 27.97 -66.51 58.57
C LYS D 171 27.59 -65.07 58.19
N TRP D 172 28.50 -64.11 58.46
CA TRP D 172 28.29 -62.71 58.09
C TRP D 172 28.36 -62.53 56.58
N ALA D 173 29.40 -63.09 55.95
CA ALA D 173 29.57 -62.97 54.49
C ALA D 173 28.38 -63.53 53.73
N LYS D 174 27.86 -64.68 54.18
CA LYS D 174 26.59 -65.25 53.69
C LYS D 174 25.45 -64.22 53.69
N PHE D 175 25.29 -63.54 54.84
CA PHE D 175 24.27 -62.49 55.01
C PHE D 175 24.43 -61.29 54.05
N TYR D 176 25.60 -60.64 54.08
CA TYR D 176 25.87 -59.47 53.22
C TYR D 176 25.82 -59.83 51.73
N THR D 177 26.40 -60.97 51.34
CA THR D 177 26.28 -61.44 49.94
C THR D 177 24.82 -61.68 49.53
N ALA D 178 24.04 -62.30 50.42
CA ALA D 178 22.59 -62.52 50.17
C ALA D 178 21.82 -61.22 50.00
N GLU D 179 22.11 -60.24 50.84
CA GLU D 179 21.51 -58.89 50.69
C GLU D 179 21.96 -58.14 49.42
N VAL D 180 23.23 -58.31 49.01
CA VAL D 180 23.72 -57.78 47.72
C VAL D 180 22.99 -58.44 46.55
N VAL D 181 22.85 -59.77 46.57
CA VAL D 181 22.10 -60.52 45.52
C VAL D 181 20.69 -59.97 45.30
N LEU D 182 19.96 -59.71 46.39
CA LEU D 182 18.60 -59.15 46.30
C LEU D 182 18.56 -57.68 45.88
N ALA D 183 19.54 -56.89 46.32
CA ALA D 183 19.71 -55.52 45.84
C ALA D 183 19.98 -55.45 44.33
N LEU D 184 20.91 -56.25 43.85
CA LEU D 184 21.20 -56.31 42.41
C LEU D 184 20.03 -56.83 41.57
N ASP D 185 19.32 -57.84 42.09
CA ASP D 185 18.11 -58.35 41.45
C ASP D 185 17.03 -57.27 41.30
N ALA D 186 16.91 -56.40 42.31
CA ALA D 186 16.02 -55.24 42.25
C ALA D 186 16.44 -54.25 41.17
N ILE D 187 17.74 -53.91 41.13
CA ILE D 187 18.31 -53.03 40.07
C ILE D 187 18.08 -53.64 38.69
N HIS D 188 18.36 -54.93 38.56
CA HIS D 188 18.20 -55.63 37.28
C HIS D 188 16.75 -55.70 36.83
N SER D 189 15.83 -55.96 37.77
CA SER D 189 14.38 -55.90 37.53
C SER D 189 13.90 -54.56 36.96
N MET D 190 14.53 -53.45 37.38
CA MET D 190 14.27 -52.10 36.83
C MET D 190 14.86 -51.80 35.44
N GLY D 191 15.52 -52.77 34.81
CA GLY D 191 16.06 -52.65 33.45
C GLY D 191 17.44 -52.05 33.40
N LEU D 192 18.22 -52.22 34.48
CA LEU D 192 19.47 -51.49 34.72
C LEU D 192 20.61 -52.42 35.05
N ILE D 193 21.80 -52.11 34.50
CA ILE D 193 23.07 -52.71 34.89
C ILE D 193 23.84 -51.62 35.66
N HIS D 194 24.45 -52.01 36.78
CA HIS D 194 25.17 -51.12 37.71
C HIS D 194 26.56 -50.72 37.18
N ARG D 195 27.33 -51.72 36.72
CA ARG D 195 28.71 -51.58 36.18
C ARG D 195 29.83 -51.17 37.15
N ASP D 196 29.52 -51.05 38.44
CA ASP D 196 30.49 -50.59 39.45
C ASP D 196 30.02 -51.04 40.84
N VAL D 197 29.83 -52.35 40.96
CA VAL D 197 29.44 -53.02 42.20
C VAL D 197 30.74 -53.23 42.97
N LYS D 198 30.78 -52.68 44.18
CA LYS D 198 31.94 -52.79 45.07
C LYS D 198 31.51 -52.39 46.50
N PRO D 199 32.29 -52.76 47.53
CA PRO D 199 31.95 -52.43 48.92
C PRO D 199 31.72 -50.94 49.21
N ASP D 200 32.49 -50.06 48.54
CA ASP D 200 32.30 -48.57 48.59
C ASP D 200 30.85 -48.10 48.36
N ASN D 201 30.14 -48.85 47.51
CA ASN D 201 28.76 -48.58 47.09
C ASN D 201 27.70 -49.42 47.80
N MET D 202 28.08 -50.08 48.88
CA MET D 202 27.19 -50.91 49.69
C MET D 202 27.17 -50.27 51.07
N LEU D 203 26.06 -49.65 51.46
CA LEU D 203 25.93 -48.97 52.76
C LEU D 203 24.95 -49.64 53.69
N LEU D 204 25.21 -49.51 54.99
CA LEU D 204 24.41 -50.14 56.04
C LEU D 204 23.56 -49.06 56.73
N ASP D 205 22.25 -49.32 56.86
CA ASP D 205 21.31 -48.43 57.55
C ASP D 205 21.52 -48.43 59.10
N LYS D 206 20.65 -47.71 59.84
CA LYS D 206 20.63 -47.75 61.33
C LYS D 206 20.51 -49.16 61.95
N HIS D 207 19.88 -50.09 61.25
CA HIS D 207 19.76 -51.48 61.71
C HIS D 207 20.81 -52.48 61.19
N GLY D 208 21.83 -51.99 60.47
CA GLY D 208 22.92 -52.83 59.96
C GLY D 208 22.60 -53.64 58.69
N HIS D 209 21.58 -53.21 57.94
CA HIS D 209 21.14 -53.84 56.69
C HIS D 209 21.53 -53.02 55.48
N LEU D 210 21.85 -53.74 54.41
CA LEU D 210 22.44 -53.19 53.20
C LEU D 210 21.45 -52.39 52.36
N LYS D 211 21.94 -51.30 51.79
CA LYS D 211 21.34 -50.65 50.61
C LYS D 211 22.45 -50.21 49.65
N LEU D 212 22.15 -50.23 48.36
CA LEU D 212 23.07 -49.75 47.33
C LEU D 212 22.92 -48.24 47.20
N ALA D 213 24.06 -47.55 47.12
CA ALA D 213 24.13 -46.13 46.75
C ALA D 213 25.15 -45.97 45.64
N ASP D 214 25.25 -44.76 45.11
CA ASP D 214 26.13 -44.41 43.97
C ASP D 214 25.78 -45.19 42.69
N PHE D 215 24.86 -44.62 41.91
CA PHE D 215 24.40 -45.16 40.63
C PHE D 215 24.91 -44.32 39.44
N GLY D 216 26.09 -43.72 39.58
CA GLY D 216 26.72 -42.91 38.53
C GLY D 216 27.12 -43.64 37.26
N THR D 217 27.43 -44.91 37.35
CA THR D 217 27.76 -45.75 36.18
C THR D 217 26.58 -46.66 35.71
N CYS D 218 25.34 -46.38 36.17
CA CYS D 218 24.17 -47.13 35.72
C CYS D 218 23.84 -46.87 34.28
N MET D 219 23.53 -47.93 33.54
CA MET D 219 23.03 -47.85 32.18
C MET D 219 21.72 -48.63 32.08
N LYS D 220 20.82 -48.16 31.23
CA LYS D 220 19.56 -48.82 30.92
C LYS D 220 19.88 -49.91 29.89
N MET D 221 19.37 -51.11 30.09
CA MET D 221 19.54 -52.22 29.12
C MET D 221 18.66 -52.03 27.89
N ASP D 222 19.07 -52.69 26.81
CA ASP D 222 18.22 -52.91 25.61
C ASP D 222 17.04 -53.88 25.88
N GLU D 223 16.28 -54.17 24.83
CA GLU D 223 15.27 -55.24 24.86
C GLU D 223 15.87 -56.66 25.00
N THR D 224 17.16 -56.85 24.65
CA THR D 224 17.91 -58.12 24.87
C THR D 224 18.85 -58.10 26.10
N GLY D 225 18.62 -57.18 27.05
CA GLY D 225 19.36 -57.13 28.31
C GLY D 225 20.83 -56.71 28.27
N MET D 226 21.19 -55.93 27.24
CA MET D 226 22.59 -55.57 26.91
C MET D 226 22.80 -54.08 26.89
N VAL D 227 24.05 -53.65 26.92
CA VAL D 227 24.40 -52.23 26.93
C VAL D 227 25.77 -51.84 26.34
N HIS D 228 25.80 -50.68 25.67
CA HIS D 228 27.01 -50.13 25.04
C HIS D 228 27.72 -49.17 25.96
N THR D 231 31.77 -46.91 28.55
CA THR D 231 32.80 -47.46 27.66
C THR D 231 33.98 -48.15 28.39
N ALA D 232 34.36 -47.64 29.57
CA ALA D 232 35.37 -48.27 30.45
C ALA D 232 35.32 -47.72 31.88
N VAL D 233 34.98 -48.60 32.85
CA VAL D 233 34.36 -48.21 34.15
C VAL D 233 34.96 -48.86 35.43
N GLY D 234 35.08 -48.03 36.46
CA GLY D 234 35.33 -48.48 37.83
C GLY D 234 36.75 -48.92 38.13
N THR D 235 37.16 -48.73 39.39
CA THR D 235 38.39 -49.30 40.00
C THR D 235 38.62 -50.77 39.61
N PRO D 236 39.86 -51.13 39.22
CA PRO D 236 40.09 -52.38 38.45
C PRO D 236 39.94 -53.70 39.21
N ASP D 237 40.12 -53.69 40.53
CA ASP D 237 39.96 -54.91 41.40
C ASP D 237 38.66 -55.71 41.15
N TYR D 238 37.56 -54.99 40.91
CA TYR D 238 36.21 -55.53 40.74
C TYR D 238 35.67 -55.61 39.29
N ILE D 239 36.38 -55.04 38.32
CA ILE D 239 36.00 -55.08 36.90
C ILE D 239 36.14 -56.50 36.32
N SER D 240 35.19 -56.89 35.48
CA SER D 240 35.11 -58.22 34.87
C SER D 240 35.89 -58.23 33.53
N PRO D 241 36.33 -59.40 33.06
CA PRO D 241 37.15 -59.46 31.83
C PRO D 241 36.49 -59.02 30.52
N GLU D 242 35.16 -59.20 30.39
CA GLU D 242 34.42 -58.65 29.23
C GLU D 242 34.46 -57.11 29.22
N VAL D 243 34.26 -56.51 30.39
CA VAL D 243 34.33 -55.05 30.59
C VAL D 243 35.77 -54.54 30.32
N LEU D 244 36.79 -55.34 30.61
CA LEU D 244 38.18 -55.06 30.16
C LEU D 244 38.36 -55.12 28.64
N LYS D 245 37.92 -56.22 28.02
CA LYS D 245 38.04 -56.40 26.55
C LYS D 245 37.21 -55.39 25.70
N SER D 246 36.08 -54.94 26.25
CA SER D 246 35.07 -54.14 25.51
C SER D 246 35.48 -52.74 24.99
N GLY D 251 32.86 -52.35 22.96
CA GLY D 251 32.14 -53.60 23.09
C GLY D 251 30.88 -53.57 23.96
N PHE D 252 30.21 -54.73 23.98
CA PHE D 252 28.82 -54.90 24.55
C PHE D 252 28.78 -55.96 25.64
N TYR D 253 27.92 -55.75 26.65
CA TYR D 253 27.84 -56.63 27.83
C TYR D 253 26.54 -56.46 28.63
N GLY D 254 26.24 -57.42 29.51
CA GLY D 254 24.95 -57.56 30.18
C GLY D 254 25.02 -57.57 31.70
N ARG D 255 23.94 -58.06 32.33
CA ARG D 255 23.80 -58.11 33.80
C ARG D 255 24.83 -58.99 34.50
N GLU D 256 25.26 -60.04 33.81
CA GLU D 256 26.36 -60.92 34.26
C GLU D 256 27.64 -60.23 34.78
N CYS D 257 28.01 -59.07 34.22
CA CYS D 257 29.19 -58.30 34.71
C CYS D 257 29.07 -57.79 36.15
N ASP D 258 27.85 -57.51 36.63
CA ASP D 258 27.63 -57.25 38.06
C ASP D 258 27.83 -58.48 38.93
N TRP D 259 27.44 -59.66 38.43
CA TRP D 259 27.61 -60.90 39.17
C TRP D 259 29.08 -61.32 39.33
N TRP D 260 29.94 -60.95 38.37
CA TRP D 260 31.41 -61.06 38.54
C TRP D 260 31.84 -60.34 39.81
N SER D 261 31.41 -59.09 39.95
CA SER D 261 31.77 -58.26 41.10
C SER D 261 31.32 -58.82 42.46
N VAL D 262 30.19 -59.55 42.50
CA VAL D 262 29.74 -60.26 43.72
C VAL D 262 30.69 -61.43 44.04
N GLY D 263 31.13 -62.15 43.01
CA GLY D 263 32.25 -63.09 43.10
C GLY D 263 33.49 -62.50 43.77
N VAL D 264 33.90 -61.33 43.32
CA VAL D 264 35.06 -60.60 43.89
C VAL D 264 34.80 -60.10 45.33
N PHE D 265 33.58 -59.63 45.59
CA PHE D 265 33.15 -59.16 46.93
C PHE D 265 33.28 -60.25 47.99
N LEU D 266 32.66 -61.40 47.70
CA LEU D 266 32.67 -62.54 48.61
C LEU D 266 34.06 -63.08 48.87
N TYR D 267 34.89 -63.12 47.83
CA TYR D 267 36.31 -63.44 47.98
C TYR D 267 36.97 -62.45 48.93
N GLU D 268 36.78 -61.15 48.70
CA GLU D 268 37.40 -60.12 49.58
C GLU D 268 36.96 -60.25 51.04
N MET D 269 35.68 -60.51 51.27
CA MET D 269 35.17 -60.67 52.65
C MET D 269 35.75 -61.88 53.39
N LEU D 270 35.79 -63.02 52.72
CA LEU D 270 36.31 -64.27 53.36
C LEU D 270 37.83 -64.35 53.45
N VAL D 271 38.53 -63.94 52.40
CA VAL D 271 40.00 -64.02 52.33
C VAL D 271 40.66 -62.81 53.00
N GLY D 272 40.14 -61.62 52.74
CA GLY D 272 40.73 -60.36 53.22
C GLY D 272 41.62 -59.62 52.25
N ASP D 273 41.85 -60.19 51.07
CA ASP D 273 42.50 -59.54 49.94
C ASP D 273 41.66 -59.70 48.70
N THR D 274 41.98 -58.90 47.68
CA THR D 274 41.32 -58.99 46.38
C THR D 274 41.90 -60.20 45.63
N PRO D 275 41.06 -60.98 44.91
CA PRO D 275 41.55 -62.17 44.20
C PRO D 275 42.57 -61.97 43.10
N PHE D 276 42.54 -60.81 42.42
CA PHE D 276 43.50 -60.52 41.35
C PHE D 276 44.40 -59.33 41.72
N TYR D 277 44.80 -59.24 43.01
CA TYR D 277 45.67 -58.16 43.49
C TYR D 277 47.03 -58.17 42.77
N ALA D 278 47.55 -56.97 42.49
CA ALA D 278 48.96 -56.78 42.11
C ALA D 278 49.46 -55.38 42.48
N ASP D 279 50.77 -55.19 42.40
CA ASP D 279 51.42 -53.90 42.70
C ASP D 279 51.08 -52.83 41.67
N SER D 280 51.18 -53.21 40.40
CA SER D 280 50.71 -52.37 39.26
C SER D 280 49.26 -52.68 38.89
N LEU D 281 48.61 -51.71 38.24
CA LEU D 281 47.30 -51.91 37.59
C LEU D 281 47.35 -52.93 36.44
N VAL D 282 48.40 -52.86 35.62
CA VAL D 282 48.60 -53.82 34.50
C VAL D 282 48.72 -55.29 34.97
N GLY D 283 49.37 -55.49 36.13
CA GLY D 283 49.40 -56.79 36.80
C GLY D 283 48.03 -57.32 37.21
N THR D 284 47.17 -56.44 37.71
CA THR D 284 45.78 -56.75 38.06
C THR D 284 44.95 -57.09 36.81
N TYR D 285 45.02 -56.22 35.81
CA TYR D 285 44.39 -56.45 34.50
C TYR D 285 44.78 -57.81 33.88
N SER D 286 46.07 -58.14 33.96
CA SER D 286 46.60 -59.40 33.42
C SER D 286 46.14 -60.64 34.21
N LYS D 287 46.08 -60.53 35.54
CA LYS D 287 45.50 -61.58 36.42
C LYS D 287 43.99 -61.83 36.20
N ILE D 288 43.22 -60.75 36.06
CA ILE D 288 41.74 -60.83 35.82
C ILE D 288 41.45 -61.57 34.49
N MET D 289 42.16 -61.20 33.42
CA MET D 289 42.03 -61.88 32.12
C MET D 289 42.46 -63.36 32.16
N ASP D 290 43.46 -63.67 33.00
CA ASP D 290 43.97 -65.04 33.23
C ASP D 290 43.31 -65.74 34.42
N HIS D 291 42.02 -65.50 34.63
CA HIS D 291 41.29 -65.95 35.86
C HIS D 291 41.17 -67.48 36.00
N LYS D 292 41.06 -68.18 34.88
CA LYS D 292 41.07 -69.66 34.86
C LYS D 292 42.26 -70.24 35.65
N ASN D 293 43.43 -69.61 35.49
CA ASN D 293 44.70 -70.02 36.13
C ASN D 293 45.11 -69.19 37.36
N SER D 294 44.80 -67.89 37.39
CA SER D 294 45.26 -66.99 38.47
C SER D 294 44.42 -67.02 39.75
N LEU D 295 43.15 -67.42 39.67
CA LEU D 295 42.29 -67.54 40.88
C LEU D 295 42.81 -68.68 41.78
N CYS D 296 43.19 -68.32 42.99
CA CYS D 296 43.88 -69.24 43.90
C CYS D 296 43.52 -68.92 45.36
N PHE D 297 42.88 -69.87 46.03
CA PHE D 297 42.48 -69.71 47.43
C PHE D 297 43.67 -69.98 48.33
N PRO D 298 44.09 -68.99 49.17
CA PRO D 298 45.26 -69.27 50.04
C PRO D 298 44.96 -70.33 51.11
N GLU D 299 45.97 -71.13 51.45
CA GLU D 299 45.83 -72.20 52.45
C GLU D 299 45.49 -71.74 53.87
N ASP D 300 45.79 -70.48 54.21
CA ASP D 300 45.38 -69.86 55.49
C ASP D 300 43.99 -69.19 55.50
N ALA D 301 43.28 -69.19 54.38
CA ALA D 301 41.95 -68.55 54.27
C ALA D 301 40.82 -69.40 54.88
N GLU D 302 40.06 -68.81 55.81
CA GLU D 302 38.97 -69.50 56.50
C GLU D 302 37.75 -69.51 55.58
N ILE D 303 37.60 -70.54 54.74
CA ILE D 303 36.58 -70.60 53.67
C ILE D 303 36.08 -72.02 53.44
N SER D 304 34.76 -72.20 53.26
CA SER D 304 34.15 -73.53 53.02
C SER D 304 34.20 -73.97 51.57
N LYS D 305 33.87 -75.23 51.32
CA LYS D 305 33.83 -75.82 49.95
C LYS D 305 32.74 -75.13 49.13
N HIS D 306 31.54 -74.99 49.72
CA HIS D 306 30.42 -74.26 49.09
C HIS D 306 30.74 -72.80 48.76
N ALA D 307 31.45 -72.10 49.64
CA ALA D 307 31.87 -70.72 49.39
C ALA D 307 32.89 -70.60 48.25
N LYS D 308 33.86 -71.52 48.20
CA LYS D 308 34.78 -71.64 47.05
C LYS D 308 34.04 -71.94 45.72
N ASN D 309 32.99 -72.76 45.79
CA ASN D 309 32.16 -73.12 44.62
C ASN D 309 31.45 -71.89 44.03
N LEU D 310 30.74 -71.15 44.89
CA LEU D 310 30.02 -69.93 44.48
C LEU D 310 30.94 -68.86 43.88
N ILE D 311 32.07 -68.59 44.53
CA ILE D 311 33.05 -67.62 44.04
C ILE D 311 33.49 -68.03 42.65
N CYS D 312 33.98 -69.26 42.55
CA CYS D 312 34.38 -69.86 41.25
C CYS D 312 33.29 -69.83 40.20
N ALA D 313 32.03 -70.01 40.60
CA ALA D 313 30.88 -69.94 39.68
C ALA D 313 30.68 -68.54 39.10
N PHE D 314 30.88 -67.52 39.94
CA PHE D 314 30.85 -66.11 39.49
C PHE D 314 32.08 -65.71 38.66
N LEU D 315 33.28 -66.19 39.03
CA LEU D 315 34.53 -65.71 38.44
C LEU D 315 34.95 -66.59 37.24
N THR D 316 34.10 -66.56 36.22
CA THR D 316 34.23 -67.30 34.97
C THR D 316 34.00 -66.36 33.80
N ASP D 317 34.17 -66.89 32.57
CA ASP D 317 33.78 -66.21 31.34
C ASP D 317 32.27 -65.97 31.35
N ARG D 318 31.85 -64.82 30.80
CA ARG D 318 30.43 -64.40 30.73
C ARG D 318 29.45 -65.43 30.22
N GLU D 319 29.87 -66.16 29.17
CA GLU D 319 29.06 -67.16 28.45
C GLU D 319 28.46 -68.29 29.31
N VAL D 320 29.15 -68.64 30.41
CA VAL D 320 28.75 -69.72 31.32
C VAL D 320 28.66 -69.26 32.80
N ARG D 321 28.56 -67.94 33.04
CA ARG D 321 28.63 -67.37 34.40
C ARG D 321 27.31 -67.51 35.16
N LEU D 322 27.39 -67.60 36.48
CA LEU D 322 26.20 -67.70 37.34
C LEU D 322 25.46 -66.37 37.34
N GLY D 323 24.13 -66.42 37.27
CA GLY D 323 23.28 -65.24 37.06
C GLY D 323 23.02 -64.81 35.62
N ARG D 324 23.63 -65.51 34.66
CA ARG D 324 23.29 -65.41 33.22
C ARG D 324 21.83 -65.79 32.98
N ASN D 325 21.38 -66.88 33.61
CA ASN D 325 20.00 -67.39 33.50
C ASN D 325 19.13 -67.00 34.70
N GLY D 326 19.16 -65.71 35.05
CA GLY D 326 18.40 -65.17 36.17
C GLY D 326 18.97 -65.44 37.56
N VAL D 327 18.38 -64.75 38.52
CA VAL D 327 18.77 -64.81 39.94
C VAL D 327 18.48 -66.14 40.65
N GLU D 328 17.44 -66.87 40.22
CA GLU D 328 16.96 -68.09 40.91
C GLU D 328 18.06 -69.14 41.15
N GLU D 329 18.89 -69.39 40.14
CA GLU D 329 20.05 -70.29 40.28
C GLU D 329 21.14 -69.81 41.27
N ILE D 330 21.27 -68.50 41.48
CA ILE D 330 22.07 -67.94 42.60
C ILE D 330 21.41 -68.26 43.95
N ARG D 331 20.08 -68.09 44.03
CA ARG D 331 19.35 -68.30 45.29
C ARG D 331 19.35 -69.74 45.80
N GLN D 332 19.25 -70.71 44.90
CA GLN D 332 19.26 -72.15 45.29
C GLN D 332 20.66 -72.78 45.45
N HIS D 333 21.74 -72.01 45.29
CA HIS D 333 23.11 -72.46 45.57
C HIS D 333 23.29 -72.82 47.07
N PRO D 334 23.92 -73.99 47.40
CA PRO D 334 23.97 -74.47 48.79
C PRO D 334 24.67 -73.58 49.83
N PHE D 335 25.70 -72.85 49.45
CA PHE D 335 26.29 -71.74 50.25
C PHE D 335 25.29 -70.92 51.06
N PHE D 336 24.22 -70.47 50.42
CA PHE D 336 23.19 -69.66 51.07
C PHE D 336 22.25 -70.42 52.03
N LYS D 337 22.36 -71.75 52.15
CA LYS D 337 21.62 -72.53 53.17
C LYS D 337 22.07 -72.13 54.57
N ASN D 338 21.11 -71.88 55.47
CA ASN D 338 21.39 -71.50 56.86
C ASN D 338 20.16 -71.59 57.77
N ASP D 339 20.41 -71.58 59.07
CA ASP D 339 19.37 -71.65 60.10
C ASP D 339 18.71 -70.30 60.49
N GLN D 340 19.27 -69.16 60.04
CA GLN D 340 18.91 -67.82 60.55
C GLN D 340 17.86 -67.04 59.75
N TRP D 341 17.92 -67.12 58.42
CA TRP D 341 17.06 -66.34 57.53
C TRP D 341 16.66 -67.12 56.26
N HIS D 342 15.53 -66.73 55.68
CA HIS D 342 15.11 -67.10 54.32
C HIS D 342 15.24 -65.87 53.40
N TRP D 343 15.18 -66.11 52.10
CA TRP D 343 15.29 -65.05 51.09
C TRP D 343 14.18 -64.00 51.15
N ASP D 344 12.97 -64.43 51.50
CA ASP D 344 11.79 -63.55 51.58
C ASP D 344 11.63 -62.80 52.93
N ASN D 345 12.45 -63.12 53.93
CA ASN D 345 12.49 -62.39 55.21
C ASN D 345 13.88 -61.91 55.72
N ILE D 346 14.93 -62.05 54.89
CA ILE D 346 16.33 -61.73 55.30
C ILE D 346 16.48 -60.34 55.90
N ARG D 347 15.87 -59.35 55.26
CA ARG D 347 16.00 -57.95 55.69
C ARG D 347 15.24 -57.60 57.00
N GLU D 348 14.38 -58.50 57.47
CA GLU D 348 13.64 -58.38 58.73
C GLU D 348 14.19 -59.26 59.88
N THR D 349 15.27 -60.03 59.64
CA THR D 349 16.05 -60.72 60.70
C THR D 349 17.17 -59.82 61.21
N ALA D 350 17.82 -60.25 62.29
CA ALA D 350 18.86 -59.46 62.95
C ALA D 350 20.11 -59.40 62.13
N ALA D 351 20.60 -58.20 61.85
CA ALA D 351 21.86 -58.02 61.11
C ALA D 351 23.05 -58.44 61.97
N PRO D 352 24.16 -58.88 61.33
CA PRO D 352 25.39 -59.20 62.07
C PRO D 352 25.92 -58.10 63.01
N VAL D 353 25.91 -56.86 62.54
CA VAL D 353 26.54 -55.72 63.22
C VAL D 353 25.54 -54.56 63.22
N VAL D 354 24.81 -54.44 64.31
CA VAL D 354 23.95 -53.28 64.57
C VAL D 354 24.87 -52.11 64.94
N PRO D 355 24.80 -50.96 64.22
CA PRO D 355 25.59 -49.80 64.69
C PRO D 355 25.12 -49.22 66.02
N GLU D 356 26.06 -49.03 66.95
CA GLU D 356 25.81 -48.31 68.21
C GLU D 356 26.10 -46.84 67.88
N LEU D 357 25.06 -46.01 67.88
CA LEU D 357 25.12 -44.62 67.47
C LEU D 357 24.70 -43.74 68.65
N SER D 358 25.39 -42.62 68.85
CA SER D 358 25.13 -41.68 69.95
C SER D 358 24.14 -40.53 69.64
N SER D 359 23.83 -40.30 68.35
CA SER D 359 22.90 -39.22 67.95
C SER D 359 22.45 -39.37 66.51
N ASP D 360 21.49 -38.54 66.12
CA ASP D 360 21.10 -38.41 64.71
C ASP D 360 22.20 -37.86 63.73
N ILE D 361 23.25 -37.22 64.27
CA ILE D 361 24.45 -36.78 63.50
C ILE D 361 25.75 -37.62 63.73
N ASP D 362 25.64 -38.83 64.29
CA ASP D 362 26.80 -39.70 64.51
C ASP D 362 27.37 -40.20 63.17
N SER D 363 28.52 -39.68 62.76
CA SER D 363 29.24 -40.12 61.55
C SER D 363 30.56 -40.88 61.84
N SER D 364 30.61 -41.58 62.99
CA SER D 364 31.79 -42.36 63.40
C SER D 364 32.18 -43.50 62.44
N ASN D 365 31.22 -44.10 61.76
CA ASN D 365 31.47 -45.16 60.73
C ASN D 365 31.91 -44.64 59.34
N PHE D 366 32.04 -43.30 59.20
CA PHE D 366 32.62 -42.69 58.00
C PHE D 366 33.96 -42.05 58.35
N ASP D 367 34.96 -42.34 57.53
CA ASP D 367 36.32 -41.84 57.71
C ASP D 367 36.36 -40.32 57.49
N ASP D 368 37.27 -39.65 58.19
CA ASP D 368 37.48 -38.20 58.04
C ASP D 368 38.04 -37.88 56.66
N ILE D 369 37.69 -36.69 56.15
CA ILE D 369 38.01 -36.25 54.79
C ILE D 369 38.67 -34.85 54.83
N GLU D 370 39.59 -34.62 53.90
CA GLU D 370 40.32 -33.34 53.76
C GLU D 370 40.34 -32.90 52.30
N VAL D 376 38.36 -25.32 43.00
CA VAL D 376 37.01 -24.92 42.59
C VAL D 376 37.06 -23.78 41.55
N GLU D 377 36.05 -23.70 40.69
CA GLU D 377 35.93 -22.64 39.67
C GLU D 377 34.53 -22.64 39.01
N THR D 378 34.06 -21.44 38.67
CA THR D 378 32.75 -21.22 38.05
C THR D 378 32.86 -21.07 36.53
N PHE D 379 31.71 -20.99 35.87
CA PHE D 379 31.64 -20.66 34.43
C PHE D 379 32.11 -19.21 34.24
N PRO D 380 32.86 -18.92 33.15
CA PRO D 380 33.17 -17.50 32.86
C PRO D 380 31.93 -16.71 32.44
N ILE D 381 32.00 -15.38 32.57
CA ILE D 381 30.93 -14.48 32.12
C ILE D 381 30.97 -14.54 30.60
N PRO D 382 29.92 -15.12 29.98
CA PRO D 382 30.00 -15.37 28.54
C PRO D 382 29.73 -14.12 27.70
N LYS D 383 30.27 -14.12 26.48
CA LYS D 383 30.12 -13.01 25.51
C LYS D 383 28.82 -13.13 24.72
N ALA D 384 28.36 -14.35 24.46
CA ALA D 384 27.04 -14.65 23.88
C ALA D 384 26.35 -15.76 24.66
N PHE D 385 25.13 -16.10 24.24
CA PHE D 385 24.42 -17.26 24.79
C PHE D 385 25.22 -18.54 24.54
N VAL D 386 25.53 -19.27 25.62
CA VAL D 386 26.18 -20.60 25.58
C VAL D 386 25.37 -21.77 26.16
N GLY D 387 24.36 -21.49 27.01
CA GLY D 387 23.40 -22.50 27.46
C GLY D 387 23.93 -23.49 28.48
N ASN D 388 24.74 -23.01 29.42
CA ASN D 388 25.36 -23.87 30.44
C ASN D 388 24.37 -24.54 31.39
N GLN D 389 23.20 -23.94 31.59
CA GLN D 389 22.12 -24.53 32.40
C GLN D 389 21.13 -25.47 31.68
N LEU D 390 21.18 -25.50 30.34
CA LEU D 390 20.30 -26.38 29.55
C LEU D 390 20.40 -27.87 29.85
N PRO D 391 21.63 -28.39 30.12
CA PRO D 391 21.76 -29.80 30.49
C PRO D 391 21.02 -30.25 31.75
N PHE D 392 20.77 -29.30 32.67
CA PHE D 392 20.21 -29.60 33.99
C PHE D 392 18.73 -29.26 34.15
N ILE D 393 18.07 -28.86 33.05
CA ILE D 393 16.62 -28.62 33.04
C ILE D 393 15.88 -29.94 33.25
N GLY D 394 15.02 -29.98 34.25
CA GLY D 394 14.25 -31.14 34.63
C GLY D 394 14.82 -31.94 35.78
N PHE D 395 15.94 -31.50 36.34
CA PHE D 395 16.57 -32.20 37.47
C PHE D 395 15.80 -32.07 38.80
N THR D 396 15.07 -30.97 38.98
CA THR D 396 14.39 -30.72 40.26
C THR D 396 13.26 -31.75 40.46
N TYR D 397 13.25 -32.37 41.63
CA TYR D 397 12.21 -33.33 42.05
C TYR D 397 11.90 -33.06 43.52
N TYR D 398 10.61 -32.86 43.84
CA TYR D 398 10.10 -32.76 45.24
C TYR D 398 9.24 -34.00 45.52
N ARG D 399 9.58 -34.78 46.55
CA ARG D 399 8.80 -35.97 46.93
C ARG D 399 7.44 -35.59 47.52
#